data_7XZG
#
_entry.id   7XZG
#
_cell.length_a   71.643
_cell.length_b   127.421
_cell.length_c   87.855
_cell.angle_alpha   90.000
_cell.angle_beta   102.120
_cell.angle_gamma   90.000
#
_symmetry.space_group_name_H-M   'P 1 21 1'
#
loop_
_entity.id
_entity.type
_entity.pdbx_description
1 polymer 'Glyceraldehyde-3-phosphate dehydrogenase'
2 non-polymer NICOTINAMIDE-ADENINE-DINUCLEOTIDE
3 non-polymer 1,2-ETHANEDIOL
4 water water
#
_entity_poly.entity_id   1
_entity_poly.type   'polypeptide(L)'
_entity_poly.pdbx_seq_one_letter_code
;MAIKIGINGFGRIGRLVLRVALGRKDIEVVAVNDPFIAPDYAAYMFKYDSTHGRYKGEVTASGDDLVIDGHKIKVFQERD
PANIPWGKSGVDYVIESTGVFTKLEGAQKHIDAGAKKVIITAPSADAPMFVVGVNEDKYTPDLKIISNAS(CSD)TTNCL
APLAKVVNDTFGIEEGLMTTVHSITATQKTVDGPSHKDWRGGRTASGNIIPSSTGAAKAVGKVIPELNGKLTGMSLRVPT
TDVSVVDLTVRLKKAASYEEIAQAIKKASEGPLKGVLGYTEDAVVSTDFLGSSYSSIFDEKAGILLSPTFVKLISWYDNE
YGYSTRVVDLLEHVAKASA
;
_entity_poly.pdbx_strand_id   A,B,C,D
#
loop_
_chem_comp.id
_chem_comp.type
_chem_comp.name
_chem_comp.formula
EDO non-polymer 1,2-ETHANEDIOL 'C2 H6 O2'
NAD non-polymer NICOTINAMIDE-ADENINE-DINUCLEOTIDE 'C21 H27 N7 O14 P2'
#
# COMPACT_ATOMS: atom_id res chain seq x y z
N ALA A 2 -24.98 37.11 -2.37
CA ALA A 2 -24.56 35.94 -3.15
C ALA A 2 -23.09 36.04 -3.54
N ILE A 3 -22.28 35.12 -3.03
CA ILE A 3 -20.87 35.03 -3.39
C ILE A 3 -20.79 34.16 -4.63
N LYS A 4 -20.51 34.78 -5.79
CA LYS A 4 -20.53 34.09 -7.08
C LYS A 4 -19.09 33.74 -7.48
N ILE A 5 -18.82 32.44 -7.66
CA ILE A 5 -17.45 31.98 -7.77
C ILE A 5 -17.23 31.04 -8.93
N GLY A 6 -15.97 30.95 -9.35
CA GLY A 6 -15.55 29.97 -10.31
C GLY A 6 -14.30 29.27 -9.79
N ILE A 7 -14.06 28.08 -10.30
CA ILE A 7 -12.93 27.26 -9.87
C ILE A 7 -12.07 26.95 -11.09
N ASN A 8 -10.78 27.30 -11.00
CA ASN A 8 -9.83 27.00 -12.06
C ASN A 8 -8.93 25.85 -11.62
N GLY A 9 -9.01 24.73 -12.32
CA GLY A 9 -8.28 23.55 -11.93
C GLY A 9 -9.16 22.63 -11.11
N PHE A 10 -9.80 21.66 -11.77
CA PHE A 10 -10.80 20.80 -11.16
C PHE A 10 -10.18 19.53 -10.62
N GLY A 11 -9.15 19.69 -9.79
CA GLY A 11 -8.38 18.56 -9.29
C GLY A 11 -8.81 18.17 -7.89
N ARG A 12 -7.87 17.59 -7.14
CA ARG A 12 -8.14 17.25 -5.74
C ARG A 12 -8.72 18.45 -4.99
N ILE A 13 -8.01 19.58 -5.03
CA ILE A 13 -8.45 20.74 -4.26
C ILE A 13 -9.68 21.37 -4.89
N GLY A 14 -9.68 21.52 -6.23
CA GLY A 14 -10.82 22.14 -6.89
C GLY A 14 -12.12 21.40 -6.65
N ARG A 15 -12.09 20.06 -6.75
CA ARG A 15 -13.31 19.29 -6.60
C ARG A 15 -13.79 19.28 -5.14
N LEU A 16 -12.87 19.21 -4.18
CA LEU A 16 -13.27 19.24 -2.77
C LEU A 16 -13.71 20.63 -2.34
N VAL A 17 -13.06 21.69 -2.85
CA VAL A 17 -13.57 23.04 -2.61
C VAL A 17 -15.02 23.14 -3.09
N LEU A 18 -15.33 22.51 -4.22
CA LEU A 18 -16.72 22.49 -4.70
C LEU A 18 -17.61 21.77 -3.71
N ARG A 19 -17.20 20.59 -3.23
CA ARG A 19 -17.99 19.89 -2.22
C ARG A 19 -18.25 20.80 -1.02
N VAL A 20 -17.21 21.46 -0.51
CA VAL A 20 -17.40 22.33 0.65
C VAL A 20 -18.33 23.48 0.28
N ALA A 21 -18.08 24.11 -0.88
CA ALA A 21 -18.82 25.32 -1.25
C ALA A 21 -20.31 25.03 -1.41
N LEU A 22 -20.64 23.83 -1.93
CA LEU A 22 -22.04 23.48 -2.14
C LEU A 22 -22.82 23.39 -0.83
N GLY A 23 -22.13 23.29 0.31
CA GLY A 23 -22.77 23.34 1.60
C GLY A 23 -22.89 24.71 2.24
N ARG A 24 -22.49 25.77 1.54
CA ARG A 24 -22.53 27.12 2.09
C ARG A 24 -23.64 27.91 1.39
N LYS A 25 -24.59 28.42 2.19
CA LYS A 25 -25.79 29.05 1.66
C LYS A 25 -25.47 30.27 0.80
N ASP A 26 -24.46 31.03 1.20
CA ASP A 26 -24.17 32.32 0.55
C ASP A 26 -23.39 32.19 -0.74
N ILE A 27 -22.95 30.99 -1.12
CA ILE A 27 -22.06 30.82 -2.26
C ILE A 27 -22.84 30.24 -3.43
N GLU A 28 -22.60 30.79 -4.61
CA GLU A 28 -23.10 30.20 -5.84
C GLU A 28 -21.92 29.87 -6.73
N VAL A 29 -21.69 28.59 -6.97
CA VAL A 29 -20.61 28.18 -7.87
C VAL A 29 -21.16 28.27 -9.29
N VAL A 30 -20.66 29.23 -10.06
CA VAL A 30 -21.18 29.49 -11.39
C VAL A 30 -20.53 28.60 -12.42
N ALA A 31 -19.23 28.35 -12.29
CA ALA A 31 -18.49 27.73 -13.38
C ALA A 31 -17.19 27.13 -12.88
N VAL A 32 -16.69 26.15 -13.62
CA VAL A 32 -15.37 25.60 -13.38
C VAL A 32 -14.63 25.58 -14.72
N ASN A 33 -13.31 25.53 -14.64
CA ASN A 33 -12.50 25.48 -15.85
C ASN A 33 -11.37 24.49 -15.69
N ASP A 34 -11.24 23.60 -16.67
CA ASP A 34 -10.15 22.61 -16.72
C ASP A 34 -10.04 22.07 -18.14
N PRO A 35 -8.93 22.34 -18.83
CA PRO A 35 -8.81 21.87 -20.22
C PRO A 35 -8.67 20.37 -20.35
N PHE A 36 -8.41 19.64 -19.27
CA PHE A 36 -8.25 18.20 -19.36
C PHE A 36 -9.50 17.44 -18.92
N ILE A 37 -10.60 18.13 -18.64
CA ILE A 37 -11.77 17.47 -18.06
C ILE A 37 -13.02 18.01 -18.75
N ALA A 38 -13.65 17.17 -19.57
CA ALA A 38 -14.90 17.48 -20.24
C ALA A 38 -16.07 17.44 -19.25
N PRO A 39 -17.20 18.07 -19.59
CA PRO A 39 -18.35 18.06 -18.66
C PRO A 39 -18.77 16.68 -18.18
N ASP A 40 -18.89 15.70 -19.08
CA ASP A 40 -19.28 14.37 -18.61
C ASP A 40 -18.20 13.74 -17.74
N TYR A 41 -16.92 13.97 -18.09
CA TYR A 41 -15.83 13.53 -17.23
C TYR A 41 -15.84 14.25 -15.89
N ALA A 42 -16.17 15.56 -15.89
CA ALA A 42 -16.20 16.30 -14.63
C ALA A 42 -17.27 15.76 -13.70
N ALA A 43 -18.42 15.35 -14.24
CA ALA A 43 -19.44 14.71 -13.41
C ALA A 43 -18.90 13.42 -12.82
N TYR A 44 -18.21 12.61 -13.61
CA TYR A 44 -17.61 11.37 -13.10
C TYR A 44 -16.62 11.63 -11.98
N MET A 45 -15.69 12.58 -12.20
CA MET A 45 -14.62 12.83 -11.23
C MET A 45 -15.17 13.42 -9.94
N PHE A 46 -16.22 14.24 -10.04
CA PHE A 46 -16.81 14.83 -8.85
C PHE A 46 -17.61 13.81 -8.06
N LYS A 47 -18.34 12.93 -8.76
CA LYS A 47 -19.23 11.98 -8.11
C LYS A 47 -18.45 10.93 -7.32
N TYR A 48 -17.40 10.36 -7.90
CA TYR A 48 -16.69 9.25 -7.30
C TYR A 48 -15.34 9.73 -6.80
N ASP A 49 -15.00 9.38 -5.56
CA ASP A 49 -13.74 9.83 -4.97
C ASP A 49 -13.12 8.70 -4.17
N SER A 50 -11.90 8.32 -4.53
CA SER A 50 -11.25 7.18 -3.86
C SER A 50 -11.00 7.46 -2.38
N THR A 51 -10.81 8.73 -2.02
CA THR A 51 -10.45 9.12 -0.65
C THR A 51 -11.66 9.53 0.18
N HIS A 52 -12.57 10.32 -0.36
CA HIS A 52 -13.63 10.92 0.44
C HIS A 52 -15.02 10.41 0.08
N GLY A 53 -15.12 9.31 -0.65
CA GLY A 53 -16.40 8.67 -0.89
C GLY A 53 -17.20 9.33 -2.00
N ARG A 54 -18.32 8.69 -2.34
CA ARG A 54 -19.22 9.23 -3.34
C ARG A 54 -19.87 10.52 -2.86
N TYR A 55 -20.06 11.47 -3.76
CA TYR A 55 -20.85 12.65 -3.40
C TYR A 55 -22.27 12.24 -3.05
N LYS A 56 -22.75 12.71 -1.90
CA LYS A 56 -24.11 12.41 -1.45
C LYS A 56 -25.01 13.45 -2.10
N GLY A 57 -25.48 13.11 -3.29
CA GLY A 57 -26.27 14.03 -4.09
C GLY A 57 -26.24 13.56 -5.53
N GLU A 58 -27.12 14.16 -6.33
CA GLU A 58 -27.24 13.78 -7.72
C GLU A 58 -26.23 14.55 -8.56
N VAL A 59 -25.44 13.83 -9.34
CA VAL A 59 -24.40 14.41 -10.18
C VAL A 59 -24.60 13.91 -11.60
N THR A 60 -24.83 14.82 -12.54
CA THR A 60 -24.89 14.47 -13.96
C THR A 60 -24.19 15.56 -14.76
N ALA A 61 -24.14 15.38 -16.07
CA ALA A 61 -23.77 16.45 -16.99
C ALA A 61 -24.84 16.57 -18.07
N SER A 62 -24.97 17.78 -18.61
CA SER A 62 -25.94 18.05 -19.67
C SER A 62 -25.34 19.14 -20.55
N GLY A 63 -24.98 18.79 -21.78
CA GLY A 63 -24.30 19.75 -22.64
C GLY A 63 -22.98 20.17 -22.02
N ASP A 64 -22.78 21.47 -21.87
CA ASP A 64 -21.56 21.99 -21.25
C ASP A 64 -21.76 22.27 -19.78
N ASP A 65 -22.78 21.69 -19.16
CA ASP A 65 -23.12 21.96 -17.76
C ASP A 65 -22.83 20.72 -16.93
N LEU A 66 -22.17 20.94 -15.79
CA LEU A 66 -22.11 20.00 -14.70
C LEU A 66 -23.26 20.31 -13.76
N VAL A 67 -24.14 19.34 -13.51
CA VAL A 67 -25.38 19.59 -12.81
C VAL A 67 -25.35 18.81 -11.51
N ILE A 68 -25.36 19.53 -10.38
CA ILE A 68 -25.28 18.89 -9.07
C ILE A 68 -26.53 19.28 -8.28
N ASP A 69 -27.34 18.28 -7.93
CA ASP A 69 -28.57 18.50 -7.19
C ASP A 69 -29.43 19.56 -7.84
N GLY A 70 -29.46 19.54 -9.17
CA GLY A 70 -30.25 20.46 -9.95
C GLY A 70 -29.63 21.80 -10.22
N HIS A 71 -28.44 22.09 -9.68
CA HIS A 71 -27.76 23.35 -9.92
C HIS A 71 -26.79 23.18 -11.08
N LYS A 72 -26.94 24.02 -12.11
CA LYS A 72 -26.12 23.94 -13.30
C LYS A 72 -24.85 24.76 -13.13
N ILE A 73 -23.71 24.14 -13.44
CA ILE A 73 -22.39 24.76 -13.34
C ILE A 73 -21.74 24.67 -14.72
N LYS A 74 -21.39 25.83 -15.30
CA LYS A 74 -20.73 25.82 -16.60
C LYS A 74 -19.35 25.19 -16.51
N VAL A 75 -19.01 24.39 -17.52
CA VAL A 75 -17.68 23.78 -17.63
C VAL A 75 -16.98 24.41 -18.83
N PHE A 76 -15.90 25.15 -18.56
CA PHE A 76 -15.01 25.63 -19.61
C PHE A 76 -13.74 24.78 -19.67
N GLN A 77 -13.03 24.86 -20.80
CA GLN A 77 -11.86 24.02 -21.05
C GLN A 77 -10.72 24.84 -21.66
N GLU A 78 -10.29 25.89 -20.98
CA GLU A 78 -9.31 26.83 -21.50
C GLU A 78 -7.96 26.61 -20.82
N ARG A 79 -6.91 26.43 -21.62
CA ARG A 79 -5.56 26.38 -21.05
C ARG A 79 -5.12 27.74 -20.52
N ASP A 80 -5.55 28.82 -21.16
CA ASP A 80 -5.12 30.16 -20.80
C ASP A 80 -6.20 30.82 -19.97
N PRO A 81 -5.95 31.12 -18.68
CA PRO A 81 -7.01 31.71 -17.85
C PRO A 81 -7.56 33.00 -18.40
N ALA A 82 -6.78 33.73 -19.21
CA ALA A 82 -7.29 34.97 -19.81
C ALA A 82 -8.46 34.72 -20.75
N ASN A 83 -8.64 33.48 -21.20
CA ASN A 83 -9.72 33.14 -22.12
C ASN A 83 -10.96 32.58 -21.42
N ILE A 84 -10.96 32.50 -20.10
CA ILE A 84 -12.15 32.00 -19.39
C ILE A 84 -13.18 33.12 -19.32
N PRO A 85 -14.43 32.87 -19.73
CA PRO A 85 -15.46 33.92 -19.67
C PRO A 85 -15.97 34.22 -18.27
N TRP A 86 -15.09 34.54 -17.31
CA TRP A 86 -15.56 34.78 -15.94
C TRP A 86 -16.56 35.92 -15.89
N GLY A 87 -16.21 37.07 -16.46
CA GLY A 87 -17.05 38.25 -16.36
C GLY A 87 -18.40 38.08 -17.04
N LYS A 88 -18.39 37.50 -18.24
CA LYS A 88 -19.67 37.28 -18.92
C LYS A 88 -20.54 36.29 -18.15
N SER A 89 -19.92 35.37 -17.40
CA SER A 89 -20.68 34.42 -16.60
C SER A 89 -21.11 34.98 -15.25
N GLY A 90 -20.62 36.16 -14.86
CA GLY A 90 -21.00 36.73 -13.58
C GLY A 90 -20.16 36.26 -12.40
N VAL A 91 -18.97 35.72 -12.65
CA VAL A 91 -18.09 35.22 -11.60
C VAL A 91 -17.30 36.39 -11.03
N ASP A 92 -17.39 36.59 -9.71
CA ASP A 92 -16.63 37.62 -9.01
C ASP A 92 -15.34 37.08 -8.36
N TYR A 93 -15.36 35.87 -7.81
CA TYR A 93 -14.22 35.28 -7.12
C TYR A 93 -13.74 34.04 -7.85
N VAL A 94 -12.42 33.91 -8.06
CA VAL A 94 -11.89 32.71 -8.70
C VAL A 94 -11.01 31.98 -7.70
N ILE A 95 -11.30 30.69 -7.51
CA ILE A 95 -10.45 29.77 -6.76
C ILE A 95 -9.42 29.22 -7.73
N GLU A 96 -8.14 29.58 -7.52
CA GLU A 96 -7.07 29.24 -8.46
C GLU A 96 -6.38 27.99 -7.91
N SER A 97 -6.83 26.82 -8.39
CA SER A 97 -6.41 25.54 -7.85
C SER A 97 -5.76 24.65 -8.90
N THR A 98 -5.06 25.26 -9.87
CA THR A 98 -4.37 24.45 -10.89
C THR A 98 -2.97 24.04 -10.47
N GLY A 99 -2.37 24.77 -9.53
CA GLY A 99 -0.95 24.67 -9.26
C GLY A 99 -0.08 25.34 -10.29
N VAL A 100 -0.68 25.97 -11.31
CA VAL A 100 0.06 26.54 -12.42
C VAL A 100 0.14 28.06 -12.34
N PHE A 101 -0.88 28.73 -11.80
CA PHE A 101 -0.90 30.20 -11.79
C PHE A 101 -0.81 30.75 -10.39
N THR A 102 0.32 30.53 -9.73
CA THR A 102 0.48 30.81 -8.32
C THR A 102 1.14 32.16 -8.05
N LYS A 103 1.54 32.89 -9.09
CA LYS A 103 2.11 34.22 -8.90
C LYS A 103 1.10 35.27 -9.34
N LEU A 104 1.36 36.52 -8.96
CA LEU A 104 0.42 37.60 -9.26
C LEU A 104 0.18 37.71 -10.75
N GLU A 105 1.22 37.56 -11.56
CA GLU A 105 1.10 37.81 -12.98
C GLU A 105 0.17 36.81 -13.65
N GLY A 106 0.18 35.56 -13.20
CA GLY A 106 -0.67 34.56 -13.81
C GLY A 106 -2.08 34.67 -13.29
N ALA A 107 -2.23 34.83 -11.97
CA ALA A 107 -3.56 34.90 -11.37
C ALA A 107 -4.31 36.13 -11.83
N GLN A 108 -3.60 37.20 -12.19
CA GLN A 108 -4.25 38.42 -12.68
C GLN A 108 -5.03 38.16 -13.96
N LYS A 109 -4.62 37.17 -14.76
CA LYS A 109 -5.37 36.83 -15.98
C LYS A 109 -6.85 36.60 -15.71
N HIS A 110 -7.20 36.02 -14.54
CA HIS A 110 -8.61 35.84 -14.18
C HIS A 110 -9.33 37.18 -14.06
N ILE A 111 -8.66 38.19 -13.49
CA ILE A 111 -9.28 39.51 -13.36
C ILE A 111 -9.39 40.16 -14.73
N ASP A 112 -8.34 40.03 -15.55
CA ASP A 112 -8.44 40.45 -16.95
C ASP A 112 -9.67 39.85 -17.61
N ALA A 113 -9.94 38.56 -17.32
CA ALA A 113 -11.08 37.84 -17.86
C ALA A 113 -12.40 38.20 -17.19
N GLY A 114 -12.39 39.11 -16.22
CA GLY A 114 -13.63 39.64 -15.68
C GLY A 114 -13.95 39.29 -14.25
N ALA A 115 -13.15 38.45 -13.58
CA ALA A 115 -13.40 38.27 -12.16
C ALA A 115 -12.88 39.48 -11.39
N LYS A 116 -13.25 39.56 -10.12
CA LYS A 116 -12.77 40.65 -9.27
C LYS A 116 -11.58 40.26 -8.41
N LYS A 117 -11.59 39.07 -7.82
CA LYS A 117 -10.58 38.66 -6.83
C LYS A 117 -10.25 37.20 -7.03
N VAL A 118 -9.03 36.80 -6.63
CA VAL A 118 -8.51 35.46 -6.85
C VAL A 118 -7.90 34.95 -5.55
N ILE A 119 -8.22 33.71 -5.20
CA ILE A 119 -7.60 33.01 -4.07
C ILE A 119 -6.79 31.87 -4.64
N ILE A 120 -5.47 31.95 -4.47
CA ILE A 120 -4.55 30.90 -4.92
C ILE A 120 -4.48 29.83 -3.84
N THR A 121 -4.77 28.57 -4.21
CA THR A 121 -4.79 27.49 -3.25
C THR A 121 -3.40 26.86 -3.07
N ALA A 122 -2.39 27.70 -2.90
CA ALA A 122 -1.00 27.27 -2.77
C ALA A 122 -0.18 28.45 -2.24
N PRO A 123 1.04 28.20 -1.77
CA PRO A 123 1.96 29.30 -1.53
C PRO A 123 2.16 30.08 -2.82
N SER A 124 2.37 31.38 -2.68
CA SER A 124 2.64 32.24 -3.82
C SER A 124 3.98 32.91 -3.56
N ALA A 125 4.81 32.98 -4.60
CA ALA A 125 6.08 33.70 -4.49
C ALA A 125 5.87 35.17 -4.20
N ASP A 126 4.72 35.73 -4.59
CA ASP A 126 4.56 37.17 -4.43
C ASP A 126 3.16 37.64 -4.03
N ALA A 127 2.12 36.77 -4.03
CA ALA A 127 0.83 37.24 -3.53
C ALA A 127 0.80 37.17 -2.01
N PRO A 128 0.14 38.12 -1.33
CA PRO A 128 0.04 38.05 0.13
C PRO A 128 -0.67 36.77 0.58
N MET A 129 -0.20 36.22 1.70
CA MET A 129 -0.59 34.90 2.17
C MET A 129 -1.37 35.01 3.47
N PHE A 130 -2.38 34.15 3.62
CA PHE A 130 -3.27 34.18 4.78
C PHE A 130 -3.52 32.77 5.29
N VAL A 131 -3.61 32.66 6.61
CA VAL A 131 -4.01 31.44 7.29
C VAL A 131 -5.17 31.79 8.23
N VAL A 132 -6.34 31.20 7.96
CA VAL A 132 -7.52 31.46 8.77
C VAL A 132 -7.26 30.99 10.20
N GLY A 133 -7.62 31.83 11.16
CA GLY A 133 -7.29 31.60 12.55
C GLY A 133 -6.01 32.28 13.00
N VAL A 134 -5.20 32.78 12.07
CA VAL A 134 -3.87 33.32 12.37
C VAL A 134 -3.75 34.78 11.92
N ASN A 135 -4.06 35.06 10.65
CA ASN A 135 -3.93 36.45 10.19
C ASN A 135 -4.98 36.84 9.14
N GLU A 136 -6.08 36.13 9.00
CA GLU A 136 -7.08 36.55 8.01
C GLU A 136 -7.71 37.88 8.40
N ASP A 137 -7.69 38.24 9.68
CA ASP A 137 -8.08 39.57 10.13
C ASP A 137 -7.26 40.68 9.48
N LYS A 138 -6.06 40.36 8.98
CA LYS A 138 -5.24 41.33 8.28
C LYS A 138 -5.65 41.53 6.82
N TYR A 139 -6.61 40.74 6.32
CA TYR A 139 -7.08 40.94 4.96
C TYR A 139 -7.77 42.31 4.85
N THR A 140 -7.47 43.06 3.78
CA THR A 140 -8.21 44.28 3.47
C THR A 140 -8.69 44.24 2.03
N PRO A 141 -9.84 44.86 1.73
CA PRO A 141 -10.51 44.63 0.43
C PRO A 141 -9.73 45.08 -0.77
N ASP A 142 -8.68 45.89 -0.61
CA ASP A 142 -7.85 46.26 -1.75
C ASP A 142 -7.00 45.11 -2.25
N LEU A 143 -6.79 44.07 -1.43
CA LEU A 143 -6.03 42.91 -1.88
C LEU A 143 -6.90 42.08 -2.82
N LYS A 144 -6.56 42.09 -4.11
CA LYS A 144 -7.35 41.39 -5.11
C LYS A 144 -6.87 39.98 -5.40
N ILE A 145 -5.60 39.69 -5.13
CA ILE A 145 -5.02 38.38 -5.40
C ILE A 145 -4.28 37.94 -4.14
N ILE A 146 -4.77 36.86 -3.51
CA ILE A 146 -4.20 36.40 -2.25
C ILE A 146 -3.99 34.88 -2.31
N SER A 147 -3.11 34.40 -1.45
CA SER A 147 -2.79 32.98 -1.30
C SER A 147 -3.29 32.48 0.05
N ASN A 148 -3.88 31.28 0.05
CA ASN A 148 -4.25 30.58 1.28
C ASN A 148 -3.13 29.68 1.83
N ALA A 149 -1.89 29.92 1.41
CA ALA A 149 -0.70 29.21 1.87
C ALA A 149 -0.79 27.73 1.55
N SER A 150 0.04 26.89 2.18
CA SER A 150 0.02 25.45 1.93
C SER A 150 -0.81 24.72 2.98
N CSD A 151 -1.09 23.45 2.74
CA CSD A 151 -1.74 22.65 3.74
CB CSD A 151 -2.18 21.25 3.21
SG CSD A 151 -1.03 20.37 2.19
C CSD A 151 -0.86 22.45 4.97
O CSD A 151 -1.45 22.74 6.13
OD1 CSD A 151 0.10 19.98 3.03
OD2 CSD A 151 -0.34 21.56 1.24
N THR A 152 0.45 22.31 4.79
CA THR A 152 1.33 22.17 5.94
C THR A 152 1.41 23.47 6.76
N THR A 153 1.43 24.60 6.07
CA THR A 153 1.47 25.88 6.79
C THR A 153 0.18 26.09 7.57
N ASN A 154 -0.95 25.63 7.03
CA ASN A 154 -2.22 25.75 7.75
C ASN A 154 -2.30 24.82 8.95
N CYS A 155 -1.54 23.72 8.95
CA CYS A 155 -1.42 22.91 10.16
C CYS A 155 -0.46 23.56 11.17
N LEU A 156 0.71 23.98 10.70
CA LEU A 156 1.74 24.44 11.61
C LEU A 156 1.40 25.79 12.23
N ALA A 157 0.85 26.73 11.44
CA ALA A 157 0.75 28.10 11.94
C ALA A 157 -0.21 28.25 13.13
N PRO A 158 -1.41 27.64 13.11
CA PRO A 158 -2.28 27.78 14.29
C PRO A 158 -1.64 27.21 15.56
N LEU A 159 -0.96 26.08 15.44
CA LEU A 159 -0.28 25.48 16.59
C LEU A 159 0.85 26.38 17.07
N ALA A 160 1.69 26.84 16.13
CA ALA A 160 2.78 27.72 16.50
C ALA A 160 2.26 29.01 17.12
N LYS A 161 1.13 29.51 16.64
CA LYS A 161 0.54 30.71 17.21
C LYS A 161 0.26 30.54 18.70
N VAL A 162 -0.44 29.46 19.06
CA VAL A 162 -0.78 29.23 20.46
C VAL A 162 0.48 29.07 21.31
N VAL A 163 1.42 28.24 20.84
CA VAL A 163 2.64 27.99 21.60
C VAL A 163 3.45 29.28 21.75
N ASN A 164 3.57 30.05 20.67
CA ASN A 164 4.34 31.29 20.75
C ASN A 164 3.65 32.32 21.64
N ASP A 165 2.32 32.41 21.55
CA ASP A 165 1.59 33.38 22.38
C ASP A 165 1.76 33.10 23.86
N THR A 166 1.70 31.83 24.26
CA THR A 166 1.70 31.44 25.66
C THR A 166 3.10 31.29 26.24
N PHE A 167 4.01 30.67 25.50
CA PHE A 167 5.34 30.37 26.01
C PHE A 167 6.47 31.03 25.23
N GLY A 168 6.19 31.54 24.03
CA GLY A 168 7.24 32.06 23.17
C GLY A 168 8.02 30.96 22.48
N ILE A 169 8.12 31.04 21.16
CA ILE A 169 8.99 30.15 20.40
C ILE A 169 10.29 30.87 20.12
N GLU A 170 11.39 30.30 20.63
CA GLU A 170 12.71 30.84 20.35
C GLU A 170 13.26 30.32 19.02
N GLU A 171 13.11 29.03 18.77
CA GLU A 171 13.64 28.32 17.62
C GLU A 171 12.78 27.09 17.40
N GLY A 172 12.64 26.66 16.15
CA GLY A 172 11.92 25.42 15.89
C GLY A 172 12.33 24.77 14.59
N LEU A 173 12.36 23.44 14.61
CA LEU A 173 12.55 22.66 13.39
C LEU A 173 11.38 21.70 13.29
N MET A 174 10.89 21.50 12.07
CA MET A 174 9.70 20.69 11.89
C MET A 174 9.92 19.67 10.78
N THR A 175 9.23 18.55 10.90
CA THR A 175 9.08 17.62 9.78
C THR A 175 7.59 17.42 9.55
N THR A 176 7.17 17.36 8.30
CA THR A 176 5.83 16.87 8.01
C THR A 176 5.97 15.48 7.41
N VAL A 177 5.34 14.51 8.05
CA VAL A 177 5.20 13.17 7.50
C VAL A 177 3.90 13.22 6.69
N HIS A 178 4.01 13.20 5.36
CA HIS A 178 3.00 13.72 4.47
C HIS A 178 2.53 12.65 3.49
N SER A 179 1.22 12.58 3.28
CA SER A 179 0.65 11.66 2.29
C SER A 179 1.14 12.01 0.88
N ILE A 180 1.02 11.04 -0.03
CA ILE A 180 1.42 11.26 -1.42
C ILE A 180 0.41 12.18 -2.11
N THR A 181 0.87 12.83 -3.17
CA THR A 181 0.05 13.79 -3.93
C THR A 181 0.19 13.54 -5.44
N ALA A 182 -0.57 14.33 -6.21
CA ALA A 182 -0.61 14.16 -7.66
C ALA A 182 0.74 14.40 -8.34
N THR A 183 1.65 15.15 -7.70
CA THR A 183 2.96 15.40 -8.30
C THR A 183 3.87 14.16 -8.29
N GLN A 184 3.54 13.12 -7.52
CA GLN A 184 4.40 11.95 -7.41
C GLN A 184 4.11 10.92 -8.52
N LYS A 185 4.88 9.83 -8.55
CA LYS A 185 4.84 8.83 -9.62
C LYS A 185 4.42 7.46 -9.09
N THR A 186 3.67 6.70 -9.90
CA THR A 186 3.26 5.36 -9.46
C THR A 186 4.43 4.37 -9.46
N VAL A 187 5.37 4.52 -10.39
CA VAL A 187 6.60 3.74 -10.43
C VAL A 187 7.72 4.72 -10.76
N ASP A 188 8.96 4.31 -10.48
CA ASP A 188 10.16 5.13 -10.71
C ASP A 188 10.09 5.79 -12.08
N GLY A 189 9.91 7.10 -12.14
CA GLY A 189 9.84 7.81 -13.40
C GLY A 189 10.47 9.19 -13.33
N PRO A 190 10.45 9.92 -14.46
CA PRO A 190 11.21 11.17 -14.54
C PRO A 190 10.56 12.28 -13.73
N SER A 191 11.38 12.91 -12.89
CA SER A 191 11.01 14.06 -12.10
C SER A 191 12.27 14.93 -12.03
N HIS A 192 12.63 15.53 -13.18
CA HIS A 192 13.93 16.18 -13.33
C HIS A 192 14.19 17.25 -12.28
N LYS A 193 13.14 17.95 -11.83
CA LYS A 193 13.27 19.01 -10.84
C LYS A 193 13.33 18.51 -9.40
N ASP A 194 13.17 17.20 -9.19
CA ASP A 194 13.05 16.65 -7.83
C ASP A 194 13.25 15.14 -7.96
N TRP A 195 14.51 14.71 -7.96
CA TRP A 195 14.83 13.32 -8.29
C TRP A 195 14.13 12.35 -7.34
N ARG A 196 14.19 12.62 -6.04
CA ARG A 196 13.55 11.71 -5.08
C ARG A 196 12.06 11.59 -5.34
N GLY A 197 11.41 12.69 -5.76
CA GLY A 197 9.98 12.68 -5.98
C GLY A 197 9.53 11.86 -7.17
N GLY A 198 10.44 11.40 -8.01
CA GLY A 198 10.07 10.52 -9.09
C GLY A 198 9.99 9.05 -8.71
N ARG A 199 10.47 8.69 -7.53
CA ARG A 199 10.54 7.28 -7.14
C ARG A 199 9.19 6.79 -6.67
N THR A 200 8.95 5.47 -6.84
CA THR A 200 7.68 4.83 -6.54
C THR A 200 7.01 5.36 -5.27
N ALA A 201 5.87 6.05 -5.44
CA ALA A 201 5.30 6.79 -4.31
C ALA A 201 4.80 5.86 -3.21
N SER A 202 4.20 4.72 -3.59
CA SER A 202 3.57 3.85 -2.61
C SER A 202 4.54 2.84 -2.03
N GLY A 203 5.79 2.85 -2.48
CA GLY A 203 6.75 1.90 -1.99
C GLY A 203 7.88 2.53 -1.19
N ASN A 204 7.85 3.84 -0.97
CA ASN A 204 9.01 4.54 -0.43
C ASN A 204 8.64 5.57 0.62
N ILE A 205 9.52 5.73 1.60
CA ILE A 205 9.64 6.99 2.35
C ILE A 205 10.55 7.90 1.54
N ILE A 206 10.07 9.12 1.28
CA ILE A 206 10.75 9.98 0.30
C ILE A 206 10.99 11.37 0.90
N PRO A 207 12.24 11.71 1.20
CA PRO A 207 12.51 13.06 1.72
C PRO A 207 12.19 14.11 0.67
N SER A 208 11.60 15.22 1.13
CA SER A 208 11.19 16.29 0.25
C SER A 208 11.44 17.61 0.95
N SER A 209 11.47 18.68 0.18
CA SER A 209 11.63 20.01 0.73
C SER A 209 10.26 20.65 0.93
N THR A 210 10.22 21.68 1.78
CA THR A 210 8.98 22.41 1.97
C THR A 210 9.30 23.77 2.56
N GLY A 211 8.63 24.80 2.06
CA GLY A 211 8.75 26.14 2.60
C GLY A 211 7.78 26.45 3.71
N ALA A 212 7.05 25.44 4.19
CA ALA A 212 5.93 25.69 5.09
C ALA A 212 6.38 26.26 6.43
N ALA A 213 7.54 25.85 6.94
CA ALA A 213 7.97 26.38 8.23
C ALA A 213 8.45 27.83 8.09
N LYS A 214 9.22 28.12 7.05
CA LYS A 214 9.58 29.50 6.76
C LYS A 214 8.33 30.36 6.55
N ALA A 215 7.33 29.80 5.87
CA ALA A 215 6.11 30.56 5.57
C ALA A 215 5.37 30.99 6.82
N VAL A 216 5.51 30.22 7.91
CA VAL A 216 4.88 30.59 9.18
C VAL A 216 5.40 31.94 9.65
N GLY A 217 6.67 32.21 9.43
CA GLY A 217 7.23 33.51 9.80
C GLY A 217 6.73 34.67 8.96
N LYS A 218 6.00 34.39 7.87
CA LYS A 218 5.37 35.41 7.06
C LYS A 218 3.96 35.75 7.54
N VAL A 219 3.19 34.76 8.03
CA VAL A 219 1.87 35.05 8.60
C VAL A 219 1.94 35.31 10.09
N ILE A 220 3.05 34.96 10.75
CA ILE A 220 3.32 35.35 12.12
C ILE A 220 4.68 36.06 12.08
N PRO A 221 4.71 37.38 11.86
CA PRO A 221 6.00 38.05 11.62
C PRO A 221 6.98 37.89 12.76
N GLU A 222 6.50 37.73 14.00
CA GLU A 222 7.40 37.55 15.12
C GLU A 222 8.24 36.29 14.96
N LEU A 223 7.75 35.29 14.22
CA LEU A 223 8.48 34.05 14.06
C LEU A 223 9.32 34.02 12.79
N ASN A 224 9.46 35.15 12.11
CA ASN A 224 10.28 35.23 10.92
C ASN A 224 11.70 34.76 11.21
N GLY A 225 12.17 33.81 10.39
CA GLY A 225 13.50 33.26 10.54
C GLY A 225 13.71 32.30 11.68
N LYS A 226 12.70 32.05 12.50
CA LYS A 226 12.88 31.20 13.67
C LYS A 226 12.53 29.74 13.43
N LEU A 227 11.97 29.40 12.28
CA LEU A 227 11.51 28.05 11.99
C LEU A 227 11.95 27.62 10.61
N THR A 228 12.33 26.34 10.48
CA THR A 228 12.57 25.75 9.17
C THR A 228 12.20 24.27 9.26
N GLY A 229 12.19 23.62 8.11
CA GLY A 229 11.61 22.28 8.13
C GLY A 229 11.82 21.53 6.85
N MET A 230 11.28 20.32 6.83
CA MET A 230 11.43 19.41 5.72
C MET A 230 10.26 18.44 5.75
N SER A 231 10.17 17.61 4.72
CA SER A 231 9.03 16.70 4.57
C SER A 231 9.52 15.29 4.29
N LEU A 232 8.72 14.33 4.74
CA LEU A 232 8.91 12.93 4.38
C LEU A 232 7.60 12.44 3.79
N ARG A 233 7.59 12.15 2.50
CA ARG A 233 6.40 11.59 1.85
C ARG A 233 6.33 10.09 2.11
N VAL A 234 5.17 9.61 2.54
CA VAL A 234 5.00 8.22 2.94
C VAL A 234 3.76 7.67 2.24
N PRO A 235 3.64 6.31 2.10
CA PRO A 235 2.62 5.70 1.25
C PRO A 235 1.19 5.67 1.79
N THR A 236 0.72 6.82 2.26
CA THR A 236 -0.70 6.97 2.54
C THR A 236 -1.26 7.96 1.53
N THR A 237 -2.54 7.81 1.23
CA THR A 237 -3.16 8.56 0.14
C THR A 237 -3.74 9.92 0.57
N ASP A 238 -3.95 10.14 1.86
CA ASP A 238 -4.41 11.43 2.35
C ASP A 238 -4.25 11.43 3.86
N VAL A 239 -4.06 12.64 4.42
CA VAL A 239 -3.84 12.95 5.84
C VAL A 239 -2.33 12.93 6.10
N SER A 240 -1.87 13.94 6.85
CA SER A 240 -0.48 14.22 7.05
C SER A 240 -0.30 14.65 8.49
N VAL A 241 0.92 14.73 8.97
CA VAL A 241 1.11 15.07 10.37
C VAL A 241 2.35 15.94 10.53
N VAL A 242 2.20 17.04 11.29
CA VAL A 242 3.33 17.92 11.60
C VAL A 242 4.00 17.42 12.87
N ASP A 243 5.33 17.36 12.82
CA ASP A 243 6.23 17.00 13.92
C ASP A 243 7.07 18.23 14.22
N LEU A 244 6.66 19.01 15.22
CA LEU A 244 7.28 20.30 15.52
C LEU A 244 8.16 20.17 16.75
N THR A 245 9.46 20.42 16.59
CA THR A 245 10.42 20.39 17.70
C THR A 245 10.85 21.82 17.99
N VAL A 246 10.50 22.36 19.17
CA VAL A 246 10.69 23.78 19.44
C VAL A 246 11.41 23.99 20.76
N ARG A 247 12.23 25.04 20.79
CA ARG A 247 12.76 25.60 22.03
C ARG A 247 11.86 26.74 22.46
N LEU A 248 11.43 26.71 23.73
CA LEU A 248 10.50 27.69 24.27
C LEU A 248 11.27 28.76 25.04
N LYS A 249 10.67 29.95 25.13
CA LYS A 249 11.26 31.00 25.97
C LYS A 249 10.90 30.80 27.44
N LYS A 250 9.63 30.55 27.73
CA LYS A 250 9.17 30.24 29.08
C LYS A 250 9.11 28.74 29.31
N ALA A 251 9.62 28.30 30.45
CA ALA A 251 9.55 26.89 30.82
C ALA A 251 8.11 26.48 31.12
N ALA A 252 7.79 25.22 30.77
CA ALA A 252 6.46 24.68 31.01
C ALA A 252 6.56 23.17 31.19
N SER A 253 5.50 22.60 31.76
CA SER A 253 5.28 21.16 31.68
C SER A 253 4.52 20.85 30.40
N TYR A 254 4.61 19.58 29.97
CA TYR A 254 3.83 19.16 28.81
C TYR A 254 2.34 19.38 29.02
N GLU A 255 1.84 19.06 30.21
CA GLU A 255 0.42 19.26 30.52
C GLU A 255 0.01 20.72 30.35
N GLU A 256 0.87 21.66 30.76
CA GLU A 256 0.54 23.08 30.62
C GLU A 256 0.44 23.48 29.15
N ILE A 257 1.35 22.96 28.33
CA ILE A 257 1.30 23.22 26.90
C ILE A 257 0.01 22.64 26.30
N ALA A 258 -0.29 21.38 26.63
CA ALA A 258 -1.52 20.77 26.14
C ALA A 258 -2.75 21.57 26.58
N GLN A 259 -2.77 22.04 27.82
CA GLN A 259 -3.91 22.82 28.30
C GLN A 259 -4.04 24.15 27.56
N ALA A 260 -2.92 24.77 27.17
CA ALA A 260 -3.01 26.01 26.42
C ALA A 260 -3.57 25.77 25.03
N ILE A 261 -3.22 24.64 24.42
CA ILE A 261 -3.73 24.29 23.10
C ILE A 261 -5.21 23.93 23.18
N LYS A 262 -5.59 23.15 24.21
CA LYS A 262 -6.99 22.80 24.41
C LYS A 262 -7.85 24.05 24.58
N LYS A 263 -7.37 25.00 25.38
CA LYS A 263 -8.11 26.24 25.61
C LYS A 263 -8.31 27.01 24.32
N ALA A 264 -7.26 27.12 23.50
CA ALA A 264 -7.40 27.81 22.22
C ALA A 264 -8.38 27.12 21.32
N SER A 265 -8.32 25.78 21.26
CA SER A 265 -9.22 24.99 20.44
C SER A 265 -10.68 25.17 20.87
N GLU A 266 -10.92 25.50 22.12
CA GLU A 266 -12.29 25.69 22.60
C GLU A 266 -12.78 27.12 22.44
N GLY A 267 -11.89 28.05 22.08
CA GLY A 267 -12.22 29.45 22.06
C GLY A 267 -11.85 30.10 20.73
N PRO A 268 -10.81 30.92 20.73
CA PRO A 268 -10.52 31.73 19.54
C PRO A 268 -10.13 30.92 18.31
N LEU A 269 -9.67 29.68 18.46
CA LEU A 269 -9.31 28.85 17.33
C LEU A 269 -10.29 27.69 17.10
N LYS A 270 -11.50 27.80 17.65
CA LYS A 270 -12.48 26.74 17.50
C LYS A 270 -12.79 26.50 16.02
N GLY A 271 -12.80 25.22 15.64
CA GLY A 271 -12.99 24.84 14.25
C GLY A 271 -11.75 24.87 13.39
N VAL A 272 -10.69 25.55 13.84
CA VAL A 272 -9.43 25.59 13.12
C VAL A 272 -8.40 24.67 13.77
N LEU A 273 -8.17 24.85 15.07
CA LEU A 273 -7.28 24.00 15.84
C LEU A 273 -8.13 23.03 16.65
N GLY A 274 -7.96 21.74 16.40
CA GLY A 274 -8.65 20.70 17.15
C GLY A 274 -7.74 20.10 18.20
N TYR A 275 -8.33 19.25 19.05
CA TYR A 275 -7.61 18.73 20.21
C TYR A 275 -8.11 17.32 20.50
N THR A 276 -7.19 16.38 20.67
CA THR A 276 -7.58 15.05 21.11
C THR A 276 -6.57 14.46 22.07
N GLU A 277 -7.06 13.60 22.94
CA GLU A 277 -6.24 12.72 23.76
C GLU A 277 -6.50 11.25 23.43
N ASP A 278 -7.19 10.96 22.33
CA ASP A 278 -7.50 9.58 21.97
C ASP A 278 -6.35 8.95 21.18
N ALA A 279 -6.41 7.62 21.05
CA ALA A 279 -5.36 6.85 20.37
C ALA A 279 -5.58 6.88 18.86
N VAL A 280 -5.47 8.10 18.30
CA VAL A 280 -5.85 8.33 16.92
C VAL A 280 -4.75 7.88 15.96
N VAL A 281 -5.15 7.58 14.72
CA VAL A 281 -4.23 7.33 13.62
C VAL A 281 -4.72 8.13 12.43
N SER A 282 -3.94 8.13 11.34
CA SER A 282 -4.19 9.11 10.28
C SER A 282 -5.59 8.98 9.67
N THR A 283 -6.07 7.75 9.46
CA THR A 283 -7.40 7.61 8.84
C THR A 283 -8.49 8.23 9.70
N ASP A 284 -8.24 8.43 11.00
CA ASP A 284 -9.23 9.06 11.83
C ASP A 284 -9.48 10.51 11.46
N PHE A 285 -8.65 11.10 10.61
CA PHE A 285 -8.85 12.49 10.20
C PHE A 285 -9.27 12.64 8.74
N LEU A 286 -9.64 11.53 8.08
CA LEU A 286 -10.21 11.64 6.74
C LEU A 286 -11.53 12.41 6.81
N GLY A 287 -11.61 13.51 6.06
CA GLY A 287 -12.80 14.32 6.10
C GLY A 287 -12.90 15.30 7.26
N SER A 288 -11.86 15.42 8.09
CA SER A 288 -11.87 16.40 9.16
C SER A 288 -11.75 17.81 8.58
N SER A 289 -12.55 18.74 9.11
CA SER A 289 -12.50 20.13 8.67
C SER A 289 -11.50 20.99 9.45
N TYR A 290 -10.73 20.41 10.37
CA TYR A 290 -9.74 21.19 11.10
C TYR A 290 -8.52 21.47 10.24
N SER A 291 -7.84 22.59 10.52
CA SER A 291 -6.53 22.82 9.91
C SER A 291 -5.44 22.05 10.62
N SER A 292 -5.66 21.72 11.89
CA SER A 292 -4.60 21.26 12.78
C SER A 292 -5.28 20.57 13.95
N ILE A 293 -5.04 19.27 14.15
CA ILE A 293 -5.56 18.57 15.33
C ILE A 293 -4.38 18.13 16.18
N PHE A 294 -4.22 18.78 17.34
CA PHE A 294 -3.12 18.46 18.23
C PHE A 294 -3.33 17.09 18.86
N ASP A 295 -2.32 16.23 18.74
CA ASP A 295 -2.35 14.87 19.30
C ASP A 295 -1.68 14.93 20.67
N GLU A 296 -2.48 15.04 21.73
CA GLU A 296 -1.88 15.28 23.04
C GLU A 296 -1.00 14.12 23.48
N LYS A 297 -1.43 12.88 23.24
CA LYS A 297 -0.68 11.71 23.70
C LYS A 297 0.56 11.41 22.87
N ALA A 298 0.68 11.94 21.66
CA ALA A 298 1.79 11.55 20.79
C ALA A 298 3.08 12.32 21.02
N GLY A 299 3.01 13.52 21.60
CA GLY A 299 4.20 14.36 21.76
C GLY A 299 5.04 14.00 22.99
N ILE A 300 6.20 14.65 23.11
CA ILE A 300 7.12 14.31 24.19
C ILE A 300 7.99 15.53 24.52
N LEU A 301 8.23 15.72 25.80
CA LEU A 301 9.01 16.84 26.32
C LEU A 301 10.35 16.32 26.83
N LEU A 302 11.43 17.00 26.47
CA LEU A 302 12.74 16.60 26.93
C LEU A 302 13.28 17.51 28.04
N SER A 303 13.00 18.79 27.95
CA SER A 303 13.36 19.75 28.99
C SER A 303 12.18 20.67 29.19
N PRO A 304 12.14 21.47 30.25
CA PRO A 304 11.03 22.43 30.39
C PRO A 304 10.96 23.45 29.26
N THR A 305 12.00 23.54 28.41
CA THR A 305 11.98 24.46 27.28
C THR A 305 12.27 23.80 25.94
N PHE A 306 12.15 22.47 25.84
CA PHE A 306 12.47 21.75 24.61
C PHE A 306 11.46 20.61 24.45
N VAL A 307 10.61 20.69 23.42
CA VAL A 307 9.47 19.79 23.34
C VAL A 307 9.16 19.47 21.89
N LYS A 308 8.58 18.29 21.68
CA LYS A 308 8.13 17.84 20.36
C LYS A 308 6.60 17.76 20.38
N LEU A 309 5.96 18.41 19.42
CA LEU A 309 4.50 18.50 19.38
C LEU A 309 4.01 17.95 18.05
N ILE A 310 2.89 17.22 18.10
CA ILE A 310 2.37 16.44 16.98
C ILE A 310 0.97 16.96 16.64
N SER A 311 0.73 17.24 15.36
CA SER A 311 -0.60 17.73 14.97
C SER A 311 -0.98 17.22 13.59
N TRP A 312 -2.20 16.70 13.48
CA TRP A 312 -2.71 16.06 12.28
C TRP A 312 -3.40 17.07 11.37
N TYR A 313 -3.54 16.69 10.09
CA TYR A 313 -4.35 17.47 9.18
C TYR A 313 -4.69 16.64 7.96
N ASP A 314 -5.96 16.71 7.56
CA ASP A 314 -6.35 16.15 6.25
C ASP A 314 -5.90 17.18 5.23
N ASN A 315 -4.77 16.92 4.57
CA ASN A 315 -4.16 17.96 3.72
C ASN A 315 -5.07 18.35 2.58
N GLU A 316 -5.93 17.43 2.11
CA GLU A 316 -6.90 17.75 1.07
C GLU A 316 -8.10 18.48 1.63
N TYR A 317 -8.79 17.89 2.60
CA TYR A 317 -10.11 18.36 2.99
C TYR A 317 -10.10 19.49 4.02
N GLY A 318 -9.21 19.43 5.02
CA GLY A 318 -9.10 20.56 5.93
C GLY A 318 -8.73 21.83 5.19
N TYR A 319 -7.74 21.72 4.30
CA TYR A 319 -7.29 22.87 3.52
C TYR A 319 -8.39 23.38 2.60
N SER A 320 -9.10 22.47 1.91
CA SER A 320 -10.19 22.88 1.04
C SER A 320 -11.28 23.62 1.83
N THR A 321 -11.60 23.15 3.04
CA THR A 321 -12.52 23.91 3.88
C THR A 321 -12.00 25.32 4.16
N ARG A 322 -10.69 25.44 4.47
CA ARG A 322 -10.13 26.76 4.77
C ARG A 322 -10.15 27.69 3.56
N VAL A 323 -10.01 27.13 2.35
CA VAL A 323 -10.16 27.94 1.14
C VAL A 323 -11.51 28.64 1.14
N VAL A 324 -12.57 27.86 1.39
CA VAL A 324 -13.93 28.41 1.37
C VAL A 324 -14.14 29.37 2.54
N ASP A 325 -13.57 29.05 3.70
CA ASP A 325 -13.65 29.96 4.84
C ASP A 325 -12.99 31.29 4.52
N LEU A 326 -11.80 31.24 3.91
CA LEU A 326 -11.11 32.46 3.50
C LEU A 326 -11.95 33.23 2.48
N LEU A 327 -12.53 32.51 1.53
CA LEU A 327 -13.40 33.15 0.54
C LEU A 327 -14.54 33.91 1.20
N GLU A 328 -15.20 33.28 2.18
CA GLU A 328 -16.33 33.95 2.82
C GLU A 328 -15.84 35.10 3.69
N HIS A 329 -14.66 34.98 4.30
CA HIS A 329 -14.15 36.13 5.05
C HIS A 329 -13.84 37.30 4.13
N VAL A 330 -13.29 37.02 2.94
CA VAL A 330 -12.99 38.08 1.97
C VAL A 330 -14.27 38.76 1.51
N ALA A 331 -15.30 37.97 1.20
CA ALA A 331 -16.56 38.55 0.75
C ALA A 331 -17.22 39.37 1.85
N LYS A 332 -17.17 38.86 3.08
CA LYS A 332 -17.70 39.61 4.22
C LYS A 332 -16.90 40.89 4.47
N ALA A 333 -15.57 40.84 4.38
CA ALA A 333 -14.76 42.02 4.63
C ALA A 333 -14.89 43.06 3.54
N SER A 334 -15.44 42.70 2.38
CA SER A 334 -15.53 43.61 1.25
C SER A 334 -16.95 44.06 0.98
N ALA A 335 -17.89 43.71 1.86
CA ALA A 335 -19.32 43.92 1.60
C ALA A 335 -19.73 45.34 1.95
N ALA B 2 -39.80 -6.24 19.91
CA ALA B 2 -38.41 -5.89 19.61
C ALA B 2 -37.58 -7.16 19.40
N ILE B 3 -36.62 -7.08 18.47
CA ILE B 3 -35.67 -8.16 18.23
C ILE B 3 -34.46 -7.92 19.12
N LYS B 4 -34.32 -8.73 20.17
CA LYS B 4 -33.29 -8.51 21.20
C LYS B 4 -32.09 -9.38 20.88
N ILE B 5 -30.95 -8.75 20.60
CA ILE B 5 -29.81 -9.50 20.10
C ILE B 5 -28.55 -9.24 20.91
N GLY B 6 -27.64 -10.21 20.81
CA GLY B 6 -26.30 -10.09 21.33
C GLY B 6 -25.32 -10.39 20.22
N ILE B 7 -24.11 -9.88 20.34
CA ILE B 7 -23.07 -10.09 19.33
C ILE B 7 -21.87 -10.74 19.99
N ASN B 8 -21.43 -11.89 19.45
CA ASN B 8 -20.27 -12.59 19.98
C ASN B 8 -19.11 -12.41 19.01
N GLY B 9 -18.05 -11.75 19.47
CA GLY B 9 -16.94 -11.39 18.61
C GLY B 9 -17.13 -10.00 18.06
N PHE B 10 -16.46 -9.02 18.70
CA PHE B 10 -16.66 -7.60 18.38
C PHE B 10 -15.59 -7.11 17.41
N GLY B 11 -15.49 -7.81 16.27
CA GLY B 11 -14.45 -7.61 15.27
C GLY B 11 -14.95 -6.77 14.12
N ARG B 12 -14.31 -6.93 12.95
CA ARG B 12 -14.78 -6.23 11.76
C ARG B 12 -16.29 -6.45 11.55
N ILE B 13 -16.72 -7.72 11.50
CA ILE B 13 -18.12 -8.01 11.27
C ILE B 13 -18.97 -7.63 12.48
N GLY B 14 -18.54 -8.05 13.68
CA GLY B 14 -19.30 -7.73 14.88
C GLY B 14 -19.60 -6.24 15.02
N ARG B 15 -18.57 -5.40 14.83
CA ARG B 15 -18.78 -3.96 15.03
C ARG B 15 -19.60 -3.36 13.89
N LEU B 16 -19.39 -3.82 12.65
CA LEU B 16 -20.18 -3.25 11.56
C LEU B 16 -21.63 -3.74 11.61
N VAL B 17 -21.86 -4.97 12.07
CA VAL B 17 -23.23 -5.42 12.32
C VAL B 17 -23.89 -4.52 13.36
N LEU B 18 -23.14 -4.12 14.39
CA LEU B 18 -23.68 -3.17 15.37
C LEU B 18 -24.08 -1.85 14.70
N ARG B 19 -23.17 -1.28 13.90
CA ARG B 19 -23.51 -0.06 13.15
C ARG B 19 -24.80 -0.22 12.36
N VAL B 20 -24.94 -1.31 11.62
CA VAL B 20 -26.16 -1.52 10.84
C VAL B 20 -27.37 -1.65 11.75
N ALA B 21 -27.24 -2.47 12.81
CA ALA B 21 -28.39 -2.74 13.65
C ALA B 21 -28.92 -1.49 14.34
N LEU B 22 -28.02 -0.56 14.70
CA LEU B 22 -28.43 0.68 15.36
C LEU B 22 -29.33 1.53 14.48
N GLY B 23 -29.29 1.34 13.16
CA GLY B 23 -30.19 1.99 12.25
C GLY B 23 -31.50 1.27 12.00
N ARG B 24 -31.77 0.17 12.72
CA ARG B 24 -32.97 -0.63 12.55
C ARG B 24 -33.87 -0.47 13.77
N LYS B 25 -35.10 0.00 13.54
CA LYS B 25 -35.99 0.37 14.65
C LYS B 25 -36.41 -0.85 15.47
N ASP B 26 -36.56 -2.00 14.84
CA ASP B 26 -37.08 -3.19 15.53
C ASP B 26 -36.04 -3.92 16.36
N ILE B 27 -34.78 -3.53 16.30
CA ILE B 27 -33.69 -4.29 16.92
C ILE B 27 -33.22 -3.55 18.16
N GLU B 28 -33.10 -4.28 19.27
CA GLU B 28 -32.39 -3.81 20.45
C GLU B 28 -31.14 -4.66 20.63
N VAL B 29 -29.98 -4.01 20.52
CA VAL B 29 -28.71 -4.69 20.79
C VAL B 29 -28.49 -4.66 22.30
N VAL B 30 -28.65 -5.81 22.95
CA VAL B 30 -28.61 -5.87 24.40
C VAL B 30 -27.17 -5.93 24.91
N ALA B 31 -26.31 -6.68 24.22
CA ALA B 31 -24.99 -6.95 24.77
C ALA B 31 -24.06 -7.43 23.66
N VAL B 32 -22.76 -7.33 23.94
CA VAL B 32 -21.72 -7.92 23.10
C VAL B 32 -20.74 -8.64 24.01
N ASN B 33 -20.04 -9.62 23.43
CA ASN B 33 -19.05 -10.39 24.16
C ASN B 33 -17.78 -10.51 23.35
N ASP B 34 -16.64 -10.25 23.98
CA ASP B 34 -15.32 -10.40 23.37
C ASP B 34 -14.31 -10.41 24.50
N PRO B 35 -13.66 -11.55 24.78
CA PRO B 35 -12.70 -11.59 25.89
C PRO B 35 -11.47 -10.72 25.67
N PHE B 36 -11.23 -10.25 24.45
CA PHE B 36 -10.03 -9.47 24.17
C PHE B 36 -10.28 -7.97 24.18
N ILE B 37 -11.51 -7.53 24.42
CA ILE B 37 -11.87 -6.12 24.29
C ILE B 37 -12.68 -5.71 25.52
N ALA B 38 -12.05 -4.93 26.41
CA ALA B 38 -12.73 -4.38 27.58
C ALA B 38 -13.67 -3.25 27.16
N PRO B 39 -14.58 -2.83 28.06
CA PRO B 39 -15.58 -1.83 27.65
C PRO B 39 -15.01 -0.53 27.09
N ASP B 40 -14.03 0.09 27.74
CA ASP B 40 -13.49 1.33 27.19
C ASP B 40 -12.80 1.08 25.84
N TYR B 41 -12.17 -0.09 25.68
CA TYR B 41 -11.55 -0.42 24.42
C TYR B 41 -12.60 -0.67 23.33
N ALA B 42 -13.74 -1.28 23.69
CA ALA B 42 -14.83 -1.44 22.73
C ALA B 42 -15.37 -0.10 22.24
N ALA B 43 -15.47 0.88 23.15
CA ALA B 43 -15.90 2.22 22.72
C ALA B 43 -14.93 2.79 21.69
N TYR B 44 -13.62 2.67 21.95
CA TYR B 44 -12.61 3.16 21.01
C TYR B 44 -12.69 2.43 19.67
N MET B 45 -12.75 1.10 19.70
CA MET B 45 -12.77 0.33 18.45
C MET B 45 -14.04 0.58 17.67
N PHE B 46 -15.15 0.84 18.35
CA PHE B 46 -16.39 1.12 17.64
C PHE B 46 -16.40 2.54 17.09
N LYS B 47 -15.82 3.49 17.84
CA LYS B 47 -15.88 4.89 17.42
C LYS B 47 -15.02 5.15 16.19
N TYR B 48 -13.79 4.62 16.18
CA TYR B 48 -12.82 4.91 15.13
C TYR B 48 -12.64 3.71 14.23
N ASP B 49 -12.76 3.92 12.91
CA ASP B 49 -12.64 2.82 11.97
C ASP B 49 -11.79 3.26 10.78
N SER B 50 -10.69 2.54 10.53
CA SER B 50 -9.79 2.93 9.45
C SER B 50 -10.46 2.83 8.08
N THR B 51 -11.49 2.00 7.93
CA THR B 51 -12.11 1.75 6.64
C THR B 51 -13.42 2.50 6.44
N HIS B 52 -14.25 2.60 7.48
CA HIS B 52 -15.59 3.10 7.34
C HIS B 52 -15.84 4.39 8.10
N GLY B 53 -14.78 5.04 8.59
CA GLY B 53 -14.90 6.35 9.21
C GLY B 53 -15.35 6.30 10.66
N ARG B 54 -15.34 7.48 11.29
CA ARG B 54 -15.84 7.59 12.65
C ARG B 54 -17.34 7.31 12.69
N TYR B 55 -17.79 6.66 13.76
CA TYR B 55 -19.23 6.56 13.98
C TYR B 55 -19.82 7.95 14.15
N LYS B 56 -20.89 8.23 13.41
CA LYS B 56 -21.58 9.50 13.49
C LYS B 56 -22.57 9.41 14.65
N GLY B 57 -22.08 9.69 15.84
CA GLY B 57 -22.85 9.55 17.06
C GLY B 57 -21.92 9.53 18.25
N GLU B 58 -22.51 9.63 19.44
CA GLU B 58 -21.76 9.69 20.68
C GLU B 58 -21.42 8.29 21.16
N VAL B 59 -20.14 8.00 21.34
CA VAL B 59 -19.68 6.69 21.80
C VAL B 59 -18.84 6.88 23.05
N THR B 60 -19.26 6.26 24.16
CA THR B 60 -18.49 6.24 25.38
C THR B 60 -18.64 4.88 26.05
N ALA B 61 -17.89 4.69 27.11
CA ALA B 61 -18.04 3.52 27.97
C ALA B 61 -18.35 4.01 29.38
N SER B 62 -19.13 3.21 30.11
CA SER B 62 -19.56 3.56 31.46
C SER B 62 -19.58 2.28 32.27
N GLY B 63 -18.58 2.10 33.14
CA GLY B 63 -18.47 0.86 33.87
C GLY B 63 -18.35 -0.35 32.95
N ASP B 64 -19.39 -1.20 32.94
CA ASP B 64 -19.41 -2.39 32.10
C ASP B 64 -20.24 -2.20 30.83
N ASP B 65 -20.68 -0.99 30.55
CA ASP B 65 -21.54 -0.74 29.42
C ASP B 65 -20.82 0.06 28.35
N LEU B 66 -21.00 -0.36 27.10
CA LEU B 66 -20.74 0.48 25.95
C LEU B 66 -21.97 1.33 25.70
N VAL B 67 -21.78 2.64 25.53
CA VAL B 67 -22.90 3.58 25.47
C VAL B 67 -22.84 4.33 24.16
N ILE B 68 -23.84 4.14 23.32
CA ILE B 68 -23.89 4.70 21.98
C ILE B 68 -25.18 5.49 21.87
N ASP B 69 -25.06 6.82 21.76
CA ASP B 69 -26.22 7.70 21.64
C ASP B 69 -27.23 7.45 22.76
N GLY B 70 -26.71 7.26 23.98
CA GLY B 70 -27.55 7.07 25.15
C GLY B 70 -28.02 5.65 25.38
N HIS B 71 -27.93 4.78 24.39
CA HIS B 71 -28.33 3.38 24.56
C HIS B 71 -27.17 2.58 25.16
N LYS B 72 -27.43 1.90 26.28
CA LYS B 72 -26.39 1.13 26.96
C LYS B 72 -26.36 -0.31 26.48
N ILE B 73 -25.15 -0.82 26.22
CA ILE B 73 -24.91 -2.17 25.72
C ILE B 73 -23.94 -2.86 26.67
N LYS B 74 -24.37 -3.97 27.27
CA LYS B 74 -23.50 -4.68 28.21
C LYS B 74 -22.33 -5.32 27.47
N VAL B 75 -21.14 -5.24 28.08
CA VAL B 75 -19.94 -5.83 27.48
C VAL B 75 -19.53 -7.00 28.38
N PHE B 76 -19.60 -8.21 27.83
CA PHE B 76 -19.07 -9.39 28.49
C PHE B 76 -17.71 -9.74 27.88
N GLN B 77 -16.94 -10.55 28.62
CA GLN B 77 -15.58 -10.88 28.19
C GLN B 77 -15.31 -12.37 28.43
N GLU B 78 -16.21 -13.23 27.94
CA GLU B 78 -16.14 -14.66 28.18
C GLU B 78 -15.51 -15.38 27.00
N ARG B 79 -14.44 -16.15 27.26
CA ARG B 79 -13.86 -16.98 26.20
C ARG B 79 -14.81 -18.11 25.80
N ASP B 80 -15.59 -18.63 26.75
CA ASP B 80 -16.46 -19.76 26.50
C ASP B 80 -17.89 -19.27 26.34
N PRO B 81 -18.50 -19.42 25.16
CA PRO B 81 -19.86 -18.88 24.97
C PRO B 81 -20.89 -19.44 25.93
N ALA B 82 -20.68 -20.65 26.46
CA ALA B 82 -21.62 -21.20 27.44
C ALA B 82 -21.70 -20.35 28.70
N ASN B 83 -20.70 -19.51 28.94
CA ASN B 83 -20.63 -18.65 30.11
C ASN B 83 -21.20 -17.25 29.88
N ILE B 84 -21.59 -16.91 28.66
CA ILE B 84 -22.21 -15.59 28.44
C ILE B 84 -23.63 -15.61 28.99
N PRO B 85 -24.02 -14.64 29.81
CA PRO B 85 -25.38 -14.63 30.38
C PRO B 85 -26.43 -14.08 29.43
N TRP B 86 -26.59 -14.75 28.28
CA TRP B 86 -27.57 -14.30 27.28
C TRP B 86 -28.98 -14.34 27.86
N GLY B 87 -29.37 -15.46 28.45
CA GLY B 87 -30.74 -15.59 28.94
C GLY B 87 -31.08 -14.57 30.01
N LYS B 88 -30.18 -14.41 30.99
CA LYS B 88 -30.39 -13.44 32.05
C LYS B 88 -30.50 -12.03 31.50
N SER B 89 -29.72 -11.72 30.45
CA SER B 89 -29.76 -10.42 29.79
C SER B 89 -30.97 -10.24 28.88
N GLY B 90 -31.71 -11.31 28.61
CA GLY B 90 -32.86 -11.20 27.73
C GLY B 90 -32.54 -11.24 26.25
N VAL B 91 -31.37 -11.73 25.88
CA VAL B 91 -30.99 -11.85 24.47
C VAL B 91 -31.67 -13.07 23.87
N ASP B 92 -32.36 -12.87 22.75
CA ASP B 92 -32.99 -13.97 22.03
C ASP B 92 -32.18 -14.45 20.83
N TYR B 93 -31.52 -13.54 20.10
CA TYR B 93 -30.73 -13.89 18.93
C TYR B 93 -29.27 -13.54 19.17
N VAL B 94 -28.37 -14.44 18.79
CA VAL B 94 -26.93 -14.19 18.89
C VAL B 94 -26.34 -14.17 17.50
N ILE B 95 -25.66 -13.07 17.16
CA ILE B 95 -24.82 -12.98 15.97
C ILE B 95 -23.45 -13.53 16.36
N GLU B 96 -23.08 -14.66 15.77
CA GLU B 96 -21.86 -15.39 16.12
C GLU B 96 -20.80 -14.99 15.10
N SER B 97 -20.00 -13.98 15.47
CA SER B 97 -19.04 -13.38 14.54
C SER B 97 -17.61 -13.49 15.06
N THR B 98 -17.30 -14.56 15.78
CA THR B 98 -15.93 -14.74 16.25
C THR B 98 -15.03 -15.40 15.22
N GLY B 99 -15.59 -16.22 14.34
CA GLY B 99 -14.80 -17.10 13.50
C GLY B 99 -14.37 -18.39 14.17
N VAL B 100 -14.70 -18.59 15.45
CA VAL B 100 -14.25 -19.74 16.24
C VAL B 100 -15.36 -20.77 16.36
N PHE B 101 -16.62 -20.33 16.41
CA PHE B 101 -17.73 -21.21 16.75
C PHE B 101 -18.67 -21.37 15.56
N THR B 102 -18.18 -21.94 14.46
CA THR B 102 -18.90 -21.92 13.21
C THR B 102 -19.67 -23.20 12.95
N LYS B 103 -19.59 -24.19 13.84
CA LYS B 103 -20.33 -25.43 13.70
C LYS B 103 -21.47 -25.48 14.72
N LEU B 104 -22.43 -26.38 14.47
CA LEU B 104 -23.58 -26.51 15.35
C LEU B 104 -23.14 -26.73 16.80
N GLU B 105 -22.08 -27.52 17.02
CA GLU B 105 -21.74 -27.88 18.39
C GLU B 105 -21.28 -26.67 19.20
N GLY B 106 -20.52 -25.76 18.58
CA GLY B 106 -20.06 -24.58 19.31
C GLY B 106 -21.15 -23.54 19.44
N ALA B 107 -21.86 -23.31 18.34
CA ALA B 107 -22.93 -22.31 18.32
C ALA B 107 -24.06 -22.65 19.29
N GLN B 108 -24.31 -23.95 19.52
CA GLN B 108 -25.35 -24.35 20.48
C GLN B 108 -25.07 -23.85 21.90
N LYS B 109 -23.79 -23.62 22.24
CA LYS B 109 -23.49 -23.12 23.58
C LYS B 109 -24.21 -21.80 23.87
N HIS B 110 -24.45 -20.99 22.84
CA HIS B 110 -25.23 -19.77 23.01
C HIS B 110 -26.66 -20.07 23.45
N ILE B 111 -27.23 -21.14 22.91
CA ILE B 111 -28.60 -21.52 23.27
C ILE B 111 -28.63 -22.12 24.66
N ASP B 112 -27.64 -22.97 25.00
CA ASP B 112 -27.47 -23.41 26.38
C ASP B 112 -27.42 -22.21 27.33
N ALA B 113 -26.78 -21.13 26.90
CA ALA B 113 -26.62 -19.93 27.73
C ALA B 113 -27.86 -19.05 27.74
N GLY B 114 -28.95 -19.47 27.11
CA GLY B 114 -30.23 -18.81 27.23
C GLY B 114 -30.71 -18.08 26.01
N ALA B 115 -29.88 -17.97 24.96
CA ALA B 115 -30.37 -17.41 23.72
C ALA B 115 -31.27 -18.44 23.03
N LYS B 116 -32.07 -17.96 22.07
CA LYS B 116 -32.99 -18.82 21.36
C LYS B 116 -32.46 -19.29 20.00
N LYS B 117 -31.79 -18.40 19.26
CA LYS B 117 -31.31 -18.71 17.93
C LYS B 117 -29.97 -18.02 17.70
N VAL B 118 -29.19 -18.58 16.77
CA VAL B 118 -27.85 -18.11 16.46
C VAL B 118 -27.72 -17.95 14.94
N ILE B 119 -27.08 -16.86 14.52
CA ILE B 119 -26.72 -16.67 13.12
C ILE B 119 -25.20 -16.59 13.03
N ILE B 120 -24.59 -17.61 12.41
CA ILE B 120 -23.13 -17.65 12.24
C ILE B 120 -22.76 -16.79 11.05
N THR B 121 -21.82 -15.85 11.23
CA THR B 121 -21.43 -14.90 10.17
C THR B 121 -20.31 -15.45 9.30
N ALA B 122 -20.46 -16.67 8.82
CA ALA B 122 -19.44 -17.40 8.08
C ALA B 122 -20.07 -18.70 7.56
N PRO B 123 -19.44 -19.35 6.57
CA PRO B 123 -19.87 -20.70 6.22
C PRO B 123 -19.74 -21.63 7.42
N SER B 124 -20.61 -22.62 7.47
CA SER B 124 -20.58 -23.63 8.52
C SER B 124 -20.45 -25.00 7.87
N ALA B 125 -19.65 -25.86 8.49
CA ALA B 125 -19.59 -27.23 8.00
C ALA B 125 -20.92 -27.96 8.20
N ASP B 126 -21.75 -27.46 9.11
CA ASP B 126 -22.78 -28.15 9.88
C ASP B 126 -24.16 -27.56 9.67
N ALA B 127 -24.28 -26.24 9.86
CA ALA B 127 -25.50 -25.47 9.98
C ALA B 127 -26.03 -25.11 8.59
N PRO B 128 -27.35 -25.15 8.41
CA PRO B 128 -27.92 -24.74 7.10
C PRO B 128 -27.54 -23.31 6.77
N MET B 129 -27.35 -23.05 5.49
CA MET B 129 -26.79 -21.79 5.02
C MET B 129 -27.84 -21.02 4.22
N PHE B 130 -27.84 -19.69 4.39
CA PHE B 130 -28.80 -18.85 3.70
C PHE B 130 -28.09 -17.66 3.06
N VAL B 131 -28.63 -17.24 1.90
CA VAL B 131 -28.21 -16.01 1.23
C VAL B 131 -29.47 -15.20 0.95
N VAL B 132 -29.59 -14.04 1.59
CA VAL B 132 -30.76 -13.18 1.42
C VAL B 132 -30.88 -12.80 -0.05
N GLY B 133 -32.09 -12.94 -0.60
CA GLY B 133 -32.34 -12.76 -2.02
C GLY B 133 -32.25 -14.02 -2.85
N VAL B 134 -31.69 -15.10 -2.29
CA VAL B 134 -31.53 -16.36 -3.00
C VAL B 134 -32.37 -17.47 -2.36
N ASN B 135 -32.24 -17.66 -1.03
CA ASN B 135 -33.00 -18.75 -0.43
C ASN B 135 -33.48 -18.48 0.99
N GLU B 136 -33.56 -17.22 1.44
CA GLU B 136 -33.97 -16.99 2.82
C GLU B 136 -35.45 -17.35 3.03
N ASP B 137 -36.25 -17.42 1.96
CA ASP B 137 -37.62 -17.86 2.17
C ASP B 137 -37.71 -19.36 2.41
N LYS B 138 -36.60 -20.09 2.27
CA LYS B 138 -36.55 -21.47 2.72
C LYS B 138 -36.34 -21.60 4.22
N TYR B 139 -36.09 -20.48 4.92
CA TYR B 139 -35.93 -20.55 6.37
C TYR B 139 -37.25 -20.94 7.01
N THR B 140 -37.20 -21.90 7.94
CA THR B 140 -38.33 -22.31 8.77
C THR B 140 -37.95 -22.21 10.25
N PRO B 141 -38.90 -21.90 11.14
CA PRO B 141 -38.56 -21.50 12.53
C PRO B 141 -37.95 -22.61 13.37
N ASP B 142 -37.99 -23.87 12.93
CA ASP B 142 -37.31 -24.95 13.63
C ASP B 142 -35.80 -24.87 13.51
N LEU B 143 -35.29 -24.15 12.51
CA LEU B 143 -33.85 -23.96 12.37
C LEU B 143 -33.37 -22.97 13.44
N LYS B 144 -32.67 -23.46 14.44
CA LYS B 144 -32.21 -22.64 15.56
C LYS B 144 -30.83 -22.06 15.34
N ILE B 145 -30.01 -22.72 14.53
CA ILE B 145 -28.63 -22.33 14.26
C ILE B 145 -28.45 -22.32 12.76
N ILE B 146 -28.13 -21.16 12.19
CA ILE B 146 -27.99 -21.03 10.76
C ILE B 146 -26.75 -20.21 10.45
N SER B 147 -26.32 -20.30 9.19
CA SER B 147 -25.16 -19.59 8.68
C SER B 147 -25.61 -18.63 7.59
N ASN B 148 -25.05 -17.42 7.60
CA ASN B 148 -25.27 -16.46 6.52
C ASN B 148 -24.22 -16.59 5.42
N ALA B 149 -23.54 -17.74 5.34
CA ALA B 149 -22.57 -18.03 4.29
C ALA B 149 -21.38 -17.07 4.33
N SER B 150 -20.58 -17.02 3.27
CA SER B 150 -19.45 -16.08 3.23
C SER B 150 -19.81 -14.81 2.45
N CSD B 151 -18.93 -13.82 2.50
CA CSD B 151 -19.12 -12.62 1.73
CB CSD B 151 -18.13 -11.50 2.16
SG CSD B 151 -16.44 -11.96 2.44
C CSD B 151 -19.03 -12.88 0.22
O CSD B 151 -20.03 -12.37 -0.52
OD1 CSD B 151 -15.92 -12.37 1.14
OD2 CSD B 151 -16.55 -13.41 3.29
N THR B 152 -18.15 -13.78 -0.21
CA THR B 152 -18.02 -14.11 -1.62
C THR B 152 -19.27 -14.86 -2.11
N THR B 153 -19.77 -15.80 -1.31
CA THR B 153 -20.99 -16.49 -1.70
C THR B 153 -22.18 -15.54 -1.79
N ASN B 154 -22.23 -14.51 -0.94
CA ASN B 154 -23.31 -13.54 -1.05
C ASN B 154 -23.15 -12.64 -2.26
N CYS B 155 -21.93 -12.48 -2.78
CA CYS B 155 -21.76 -11.77 -4.05
C CYS B 155 -22.12 -12.66 -5.24
N LEU B 156 -21.61 -13.90 -5.23
CA LEU B 156 -21.78 -14.77 -6.39
C LEU B 156 -23.20 -15.31 -6.51
N ALA B 157 -23.86 -15.63 -5.39
CA ALA B 157 -25.12 -16.35 -5.53
C ALA B 157 -26.26 -15.52 -6.14
N PRO B 158 -26.48 -14.25 -5.77
CA PRO B 158 -27.54 -13.50 -6.46
C PRO B 158 -27.27 -13.35 -7.94
N LEU B 159 -26.00 -13.15 -8.32
CA LEU B 159 -25.64 -13.04 -9.73
C LEU B 159 -25.89 -14.35 -10.44
N ALA B 160 -25.44 -15.46 -9.85
CA ALA B 160 -25.67 -16.77 -10.44
C ALA B 160 -27.16 -17.07 -10.54
N LYS B 161 -27.95 -16.62 -9.56
CA LYS B 161 -29.38 -16.88 -9.61
C LYS B 161 -30.00 -16.24 -10.83
N VAL B 162 -29.68 -14.97 -11.11
CA VAL B 162 -30.29 -14.31 -12.26
C VAL B 162 -29.85 -14.97 -13.56
N VAL B 163 -28.55 -15.22 -13.70
CA VAL B 163 -28.05 -15.81 -14.93
C VAL B 163 -28.62 -17.21 -15.13
N ASN B 164 -28.66 -18.02 -14.06
CA ASN B 164 -29.23 -19.36 -14.17
C ASN B 164 -30.72 -19.33 -14.48
N ASP B 165 -31.45 -18.41 -13.84
CA ASP B 165 -32.89 -18.33 -14.07
C ASP B 165 -33.22 -17.97 -15.52
N THR B 166 -32.43 -17.08 -16.10
CA THR B 166 -32.75 -16.55 -17.43
C THR B 166 -32.13 -17.38 -18.55
N PHE B 167 -30.86 -17.77 -18.40
CA PHE B 167 -30.14 -18.44 -19.47
C PHE B 167 -29.71 -19.85 -19.14
N GLY B 168 -29.66 -20.21 -17.87
CA GLY B 168 -29.15 -21.51 -17.47
C GLY B 168 -27.65 -21.51 -17.37
N ILE B 169 -27.12 -21.90 -16.21
CA ILE B 169 -25.70 -22.06 -16.04
C ILE B 169 -25.37 -23.53 -16.25
N GLU B 170 -24.55 -23.84 -17.25
CA GLU B 170 -24.09 -25.21 -17.43
C GLU B 170 -22.93 -25.52 -16.50
N GLU B 171 -21.93 -24.62 -16.50
CA GLU B 171 -20.73 -24.75 -15.69
C GLU B 171 -20.20 -23.36 -15.42
N GLY B 172 -19.48 -23.20 -14.31
CA GLY B 172 -18.85 -21.92 -14.04
C GLY B 172 -17.63 -22.00 -13.14
N LEU B 173 -16.61 -21.20 -13.43
CA LEU B 173 -15.41 -21.12 -12.62
C LEU B 173 -15.26 -19.67 -12.19
N MET B 174 -14.96 -19.45 -10.92
CA MET B 174 -14.95 -18.11 -10.34
C MET B 174 -13.57 -17.84 -9.75
N THR B 175 -13.11 -16.60 -9.89
CA THR B 175 -12.06 -16.06 -9.02
C THR B 175 -12.62 -14.86 -8.29
N THR B 176 -12.36 -14.77 -6.98
CA THR B 176 -12.58 -13.53 -6.26
C THR B 176 -11.23 -12.86 -6.05
N VAL B 177 -11.09 -11.64 -6.55
CA VAL B 177 -9.95 -10.79 -6.24
C VAL B 177 -10.35 -10.02 -4.99
N HIS B 178 -9.70 -10.34 -3.87
CA HIS B 178 -10.25 -10.13 -2.55
C HIS B 178 -9.32 -9.28 -1.70
N SER B 179 -9.90 -8.32 -0.99
CA SER B 179 -9.15 -7.50 -0.02
C SER B 179 -8.60 -8.36 1.11
N ILE B 180 -7.55 -7.85 1.76
CA ILE B 180 -6.96 -8.60 2.87
C ILE B 180 -7.91 -8.61 4.05
N THR B 181 -7.70 -9.58 4.96
CA THR B 181 -8.54 -9.71 6.14
C THR B 181 -7.66 -9.94 7.39
N ALA B 182 -8.34 -10.02 8.53
CA ALA B 182 -7.65 -10.15 9.82
C ALA B 182 -6.82 -11.42 9.95
N THR B 183 -7.10 -12.46 9.14
CA THR B 183 -6.31 -13.69 9.24
C THR B 183 -4.93 -13.55 8.63
N GLN B 184 -4.67 -12.50 7.85
CA GLN B 184 -3.40 -12.36 7.16
C GLN B 184 -2.37 -11.70 8.08
N LYS B 185 -1.15 -11.52 7.57
CA LYS B 185 -0.02 -11.06 8.37
C LYS B 185 0.59 -9.79 7.79
N THR B 186 1.07 -8.91 8.66
CA THR B 186 1.65 -7.66 8.15
C THR B 186 3.00 -7.88 7.47
N VAL B 187 3.77 -8.88 7.93
CA VAL B 187 5.03 -9.28 7.31
C VAL B 187 5.06 -10.80 7.36
N ASP B 188 5.95 -11.40 6.55
CA ASP B 188 6.03 -12.87 6.45
C ASP B 188 6.06 -13.50 7.82
N GLY B 189 4.99 -14.20 8.20
CA GLY B 189 4.88 -14.79 9.51
C GLY B 189 4.18 -16.12 9.47
N PRO B 190 4.10 -16.80 10.62
CA PRO B 190 3.60 -18.18 10.65
C PRO B 190 2.10 -18.26 10.39
N SER B 191 1.73 -19.18 9.50
CA SER B 191 0.37 -19.49 9.10
C SER B 191 0.45 -20.95 8.63
N HIS B 192 0.59 -21.86 9.59
CA HIS B 192 0.99 -23.23 9.25
C HIS B 192 -0.10 -24.01 8.53
N LYS B 193 -1.37 -23.61 8.65
CA LYS B 193 -2.45 -24.25 7.90
C LYS B 193 -2.69 -23.60 6.54
N ASP B 194 -1.97 -22.53 6.20
CA ASP B 194 -2.19 -21.79 4.96
C ASP B 194 -0.88 -21.03 4.67
N TRP B 195 0.08 -21.74 4.11
CA TRP B 195 1.44 -21.18 3.99
C TRP B 195 1.44 -19.86 3.22
N ARG B 196 0.73 -19.80 2.09
CA ARG B 196 0.70 -18.55 1.33
C ARG B 196 0.08 -17.43 2.14
N GLY B 197 -0.91 -17.75 2.99
CA GLY B 197 -1.59 -16.75 3.79
C GLY B 197 -0.75 -16.09 4.87
N GLY B 198 0.46 -16.60 5.12
CA GLY B 198 1.36 -15.96 6.06
C GLY B 198 2.24 -14.88 5.49
N ARG B 199 2.30 -14.77 4.17
CA ARG B 199 3.21 -13.84 3.52
C ARG B 199 2.67 -12.42 3.57
N THR B 200 3.58 -11.44 3.52
CA THR B 200 3.26 -10.02 3.67
C THR B 200 1.99 -9.63 2.91
N ALA B 201 0.93 -9.28 3.66
CA ALA B 201 -0.39 -9.08 3.05
C ALA B 201 -0.39 -7.90 2.07
N SER B 202 0.24 -6.78 2.45
CA SER B 202 0.19 -5.55 1.68
C SER B 202 1.22 -5.49 0.55
N GLY B 203 2.09 -6.50 0.43
CA GLY B 203 3.07 -6.50 -0.62
C GLY B 203 2.88 -7.60 -1.65
N ASN B 204 1.80 -8.38 -1.56
CA ASN B 204 1.68 -9.60 -2.34
C ASN B 204 0.29 -9.78 -2.94
N ILE B 205 0.27 -10.40 -4.14
CA ILE B 205 -0.91 -11.11 -4.62
C ILE B 205 -0.78 -12.53 -4.11
N ILE B 206 -1.80 -13.01 -3.40
CA ILE B 206 -1.70 -14.26 -2.65
C ILE B 206 -2.83 -15.21 -3.03
N PRO B 207 -2.54 -16.29 -3.77
CA PRO B 207 -3.60 -17.26 -4.07
C PRO B 207 -4.10 -17.93 -2.81
N SER B 208 -5.40 -18.23 -2.81
CA SER B 208 -6.03 -18.81 -1.63
C SER B 208 -7.19 -19.68 -2.10
N SER B 209 -7.48 -20.71 -1.33
CA SER B 209 -8.62 -21.56 -1.63
C SER B 209 -9.89 -20.95 -1.07
N THR B 210 -11.02 -21.26 -1.69
CA THR B 210 -12.30 -20.81 -1.16
C THR B 210 -13.38 -21.81 -1.56
N GLY B 211 -14.30 -22.08 -0.64
CA GLY B 211 -15.45 -22.91 -0.94
C GLY B 211 -16.66 -22.12 -1.39
N ALA B 212 -16.48 -20.83 -1.67
CA ALA B 212 -17.62 -19.95 -1.87
C ALA B 212 -18.41 -20.30 -3.14
N ALA B 213 -17.72 -20.74 -4.19
CA ALA B 213 -18.42 -21.07 -5.42
C ALA B 213 -19.17 -22.39 -5.30
N LYS B 214 -18.55 -23.40 -4.67
CA LYS B 214 -19.27 -24.65 -4.43
C LYS B 214 -20.47 -24.42 -3.50
N ALA B 215 -20.34 -23.50 -2.53
CA ALA B 215 -21.43 -23.19 -1.61
C ALA B 215 -22.64 -22.60 -2.31
N VAL B 216 -22.46 -21.96 -3.47
CA VAL B 216 -23.62 -21.50 -4.24
C VAL B 216 -24.53 -22.68 -4.56
N GLY B 217 -23.94 -23.84 -4.84
CA GLY B 217 -24.69 -25.04 -5.13
C GLY B 217 -25.47 -25.58 -3.94
N LYS B 218 -25.22 -25.06 -2.74
CA LYS B 218 -26.01 -25.42 -1.57
C LYS B 218 -27.22 -24.51 -1.42
N VAL B 219 -27.08 -23.23 -1.76
CA VAL B 219 -28.21 -22.31 -1.67
C VAL B 219 -29.03 -22.26 -2.95
N ILE B 220 -28.46 -22.72 -4.07
CA ILE B 220 -29.19 -22.93 -5.31
C ILE B 220 -28.98 -24.39 -5.67
N PRO B 221 -29.82 -25.31 -5.20
CA PRO B 221 -29.53 -26.74 -5.39
C PRO B 221 -29.33 -27.16 -6.84
N GLU B 222 -29.99 -26.50 -7.81
CA GLU B 222 -29.79 -26.86 -9.21
C GLU B 222 -28.36 -26.65 -9.66
N LEU B 223 -27.60 -25.79 -8.98
CA LEU B 223 -26.22 -25.54 -9.35
C LEU B 223 -25.24 -26.39 -8.55
N ASN B 224 -25.72 -27.35 -7.76
CA ASN B 224 -24.82 -28.25 -7.04
C ASN B 224 -23.85 -28.91 -8.00
N GLY B 225 -22.56 -28.80 -7.70
CA GLY B 225 -21.53 -29.40 -8.52
C GLY B 225 -21.17 -28.66 -9.80
N LYS B 226 -21.85 -27.56 -10.11
CA LYS B 226 -21.63 -26.87 -11.37
C LYS B 226 -20.70 -25.66 -11.27
N LEU B 227 -20.27 -25.29 -10.05
CA LEU B 227 -19.41 -24.12 -9.87
C LEU B 227 -18.29 -24.44 -8.89
N THR B 228 -17.09 -23.96 -9.21
CA THR B 228 -16.04 -23.91 -8.20
C THR B 228 -15.13 -22.72 -8.51
N GLY B 229 -14.12 -22.53 -7.67
CA GLY B 229 -13.27 -21.37 -7.87
C GLY B 229 -12.18 -21.24 -6.85
N MET B 230 -11.53 -20.08 -6.87
CA MET B 230 -10.42 -19.79 -5.98
C MET B 230 -10.33 -18.29 -5.76
N SER B 231 -9.38 -17.89 -4.94
CA SER B 231 -9.26 -16.51 -4.50
C SER B 231 -7.85 -16.00 -4.76
N LEU B 232 -7.74 -14.71 -5.04
CA LEU B 232 -6.48 -13.99 -5.06
C LEU B 232 -6.59 -12.82 -4.09
N ARG B 233 -5.88 -12.91 -2.96
CA ARG B 233 -5.85 -11.81 -2.02
C ARG B 233 -4.89 -10.71 -2.51
N VAL B 234 -5.35 -9.47 -2.52
CA VAL B 234 -4.52 -8.38 -3.03
C VAL B 234 -4.49 -7.26 -1.99
N PRO B 235 -3.51 -6.30 -2.11
CA PRO B 235 -3.30 -5.28 -1.08
C PRO B 235 -4.28 -4.10 -1.04
N THR B 236 -5.57 -4.40 -1.04
CA THR B 236 -6.59 -3.43 -0.60
C THR B 236 -7.14 -3.91 0.74
N THR B 237 -7.62 -2.97 1.55
CA THR B 237 -8.07 -3.33 2.91
C THR B 237 -9.58 -3.57 3.01
N ASP B 238 -10.35 -3.27 1.96
CA ASP B 238 -11.75 -3.65 1.92
C ASP B 238 -12.27 -3.46 0.50
N VAL B 239 -13.29 -4.25 0.16
CA VAL B 239 -13.96 -4.35 -1.13
C VAL B 239 -13.25 -5.40 -1.98
N SER B 240 -14.04 -6.30 -2.55
CA SER B 240 -13.55 -7.42 -3.33
C SER B 240 -14.40 -7.53 -4.60
N VAL B 241 -13.97 -8.37 -5.53
CA VAL B 241 -14.69 -8.45 -6.80
C VAL B 241 -14.75 -9.89 -7.27
N VAL B 242 -15.92 -10.33 -7.70
CA VAL B 242 -16.11 -11.66 -8.24
C VAL B 242 -15.95 -11.62 -9.75
N ASP B 243 -15.19 -12.58 -10.28
CA ASP B 243 -14.87 -12.73 -11.69
C ASP B 243 -15.41 -14.11 -12.07
N LEU B 244 -16.61 -14.15 -12.63
CA LEU B 244 -17.32 -15.40 -12.90
C LEU B 244 -17.27 -15.71 -14.39
N THR B 245 -16.64 -16.83 -14.74
CA THR B 245 -16.56 -17.27 -16.12
C THR B 245 -17.52 -18.44 -16.27
N VAL B 246 -18.56 -18.26 -17.07
CA VAL B 246 -19.70 -19.18 -17.03
C VAL B 246 -20.08 -19.61 -18.44
N ARG B 247 -20.40 -20.89 -18.60
CA ARG B 247 -21.00 -21.44 -19.81
C ARG B 247 -22.50 -21.48 -19.64
N LEU B 248 -23.23 -20.92 -20.60
CA LEU B 248 -24.68 -20.79 -20.51
C LEU B 248 -25.35 -21.91 -21.29
N LYS B 249 -26.57 -22.25 -20.90
CA LYS B 249 -27.34 -23.20 -21.69
C LYS B 249 -27.95 -22.52 -22.91
N LYS B 250 -28.59 -21.36 -22.71
CA LYS B 250 -29.19 -20.58 -23.78
C LYS B 250 -28.24 -19.47 -24.24
N ALA B 251 -28.12 -19.31 -25.54
CA ALA B 251 -27.26 -18.28 -26.11
C ALA B 251 -27.85 -16.89 -25.88
N ALA B 252 -26.95 -15.90 -25.79
CA ALA B 252 -27.39 -14.55 -25.51
C ALA B 252 -26.32 -13.58 -25.98
N SER B 253 -26.71 -12.32 -26.14
CA SER B 253 -25.75 -11.24 -26.29
C SER B 253 -25.37 -10.74 -24.89
N TYR B 254 -24.23 -10.07 -24.81
CA TYR B 254 -23.85 -9.48 -23.53
C TYR B 254 -24.92 -8.51 -23.04
N GLU B 255 -25.47 -7.73 -23.98
CA GLU B 255 -26.50 -6.76 -23.65
C GLU B 255 -27.73 -7.43 -23.04
N GLU B 256 -28.16 -8.58 -23.57
CA GLU B 256 -29.29 -9.28 -23.01
C GLU B 256 -28.99 -9.78 -21.60
N ILE B 257 -27.76 -10.23 -21.37
CA ILE B 257 -27.35 -10.66 -20.04
C ILE B 257 -27.41 -9.47 -19.08
N ALA B 258 -26.80 -8.35 -19.49
CA ALA B 258 -26.83 -7.16 -18.65
C ALA B 258 -28.25 -6.73 -18.36
N GLN B 259 -29.15 -6.83 -19.36
CA GLN B 259 -30.51 -6.36 -19.16
C GLN B 259 -31.25 -7.25 -18.16
N ALA B 260 -30.99 -8.55 -18.18
CA ALA B 260 -31.61 -9.45 -17.20
C ALA B 260 -31.18 -9.09 -15.79
N ILE B 261 -29.89 -8.78 -15.62
CA ILE B 261 -29.38 -8.40 -14.31
C ILE B 261 -29.94 -7.05 -13.87
N LYS B 262 -30.04 -6.10 -14.80
CA LYS B 262 -30.62 -4.81 -14.48
C LYS B 262 -32.07 -4.95 -14.01
N LYS B 263 -32.84 -5.81 -14.68
CA LYS B 263 -34.24 -5.98 -14.32
C LYS B 263 -34.37 -6.61 -12.94
N ALA B 264 -33.56 -7.63 -12.66
CA ALA B 264 -33.56 -8.22 -11.32
C ALA B 264 -33.20 -7.19 -10.27
N SER B 265 -32.19 -6.36 -10.57
CA SER B 265 -31.73 -5.35 -9.61
C SER B 265 -32.82 -4.32 -9.35
N GLU B 266 -33.69 -4.07 -10.32
CA GLU B 266 -34.78 -3.12 -10.12
C GLU B 266 -36.02 -3.76 -9.50
N GLY B 267 -36.07 -5.08 -9.41
CA GLY B 267 -37.26 -5.76 -8.95
C GLY B 267 -37.00 -6.70 -7.79
N PRO B 268 -37.04 -8.01 -8.06
CA PRO B 268 -37.01 -8.99 -6.95
C PRO B 268 -35.70 -9.00 -6.17
N LEU B 269 -34.59 -8.48 -6.72
CA LEU B 269 -33.32 -8.43 -6.01
C LEU B 269 -32.90 -7.01 -5.67
N LYS B 270 -33.86 -6.09 -5.60
CA LYS B 270 -33.56 -4.71 -5.24
C LYS B 270 -32.90 -4.65 -3.87
N GLY B 271 -31.87 -3.82 -3.75
CA GLY B 271 -31.12 -3.69 -2.51
C GLY B 271 -30.15 -4.82 -2.23
N VAL B 272 -30.25 -5.94 -2.93
CA VAL B 272 -29.31 -7.05 -2.82
C VAL B 272 -28.35 -7.08 -3.99
N LEU B 273 -28.89 -7.08 -5.20
CA LEU B 273 -28.10 -7.06 -6.42
C LEU B 273 -28.16 -5.67 -7.01
N GLY B 274 -27.01 -5.03 -7.14
CA GLY B 274 -26.90 -3.71 -7.72
C GLY B 274 -26.42 -3.78 -9.17
N TYR B 275 -26.43 -2.62 -9.83
CA TYR B 275 -26.16 -2.57 -11.26
C TYR B 275 -25.55 -1.22 -11.61
N THR B 276 -24.40 -1.23 -12.27
CA THR B 276 -23.80 0.01 -12.72
C THR B 276 -23.22 -0.14 -14.12
N GLU B 277 -23.21 0.99 -14.83
CA GLU B 277 -22.50 1.12 -16.10
C GLU B 277 -21.41 2.18 -16.02
N ASP B 278 -21.04 2.62 -14.81
CA ASP B 278 -20.07 3.68 -14.65
C ASP B 278 -18.66 3.08 -14.57
N ALA B 279 -17.66 3.95 -14.67
CA ALA B 279 -16.26 3.55 -14.68
C ALA B 279 -15.75 3.40 -13.23
N VAL B 280 -16.33 2.40 -12.54
CA VAL B 280 -16.13 2.26 -11.09
C VAL B 280 -14.82 1.53 -10.80
N VAL B 281 -14.31 1.75 -9.58
CA VAL B 281 -13.17 1.03 -9.02
C VAL B 281 -13.54 0.64 -7.59
N SER B 282 -12.67 -0.14 -6.93
CA SER B 282 -13.09 -0.79 -5.68
C SER B 282 -13.53 0.23 -4.62
N THR B 283 -12.83 1.37 -4.48
CA THR B 283 -13.22 2.31 -3.42
C THR B 283 -14.61 2.89 -3.63
N ASP B 284 -15.16 2.79 -4.84
CA ASP B 284 -16.50 3.31 -5.05
C ASP B 284 -17.58 2.46 -4.36
N PHE B 285 -17.24 1.32 -3.79
CA PHE B 285 -18.20 0.50 -3.07
C PHE B 285 -17.91 0.43 -1.58
N LEU B 286 -17.02 1.29 -1.08
CA LEU B 286 -16.81 1.38 0.35
C LEU B 286 -18.10 1.85 1.02
N GLY B 287 -18.68 1.00 1.86
CA GLY B 287 -19.94 1.33 2.51
C GLY B 287 -21.19 0.98 1.72
N SER B 288 -21.07 0.36 0.55
CA SER B 288 -22.25 -0.06 -0.18
C SER B 288 -22.98 -1.17 0.56
N SER B 289 -24.31 -1.11 0.59
CA SER B 289 -25.09 -2.12 1.28
C SER B 289 -25.50 -3.28 0.38
N TYR B 290 -25.11 -3.27 -0.89
CA TYR B 290 -25.43 -4.38 -1.79
C TYR B 290 -24.60 -5.61 -1.45
N SER B 291 -25.17 -6.79 -1.76
CA SER B 291 -24.37 -8.00 -1.73
C SER B 291 -23.49 -8.15 -2.96
N SER B 292 -23.86 -7.50 -4.06
CA SER B 292 -23.35 -7.83 -5.38
C SER B 292 -23.69 -6.66 -6.29
N ILE B 293 -22.69 -5.96 -6.83
CA ILE B 293 -22.94 -4.88 -7.77
C ILE B 293 -22.36 -5.28 -9.12
N PHE B 294 -23.24 -5.61 -10.07
CA PHE B 294 -22.81 -5.99 -11.40
C PHE B 294 -22.16 -4.81 -12.13
N ASP B 295 -20.94 -5.04 -12.63
CA ASP B 295 -20.14 -4.05 -13.34
C ASP B 295 -20.34 -4.30 -14.84
N GLU B 296 -21.33 -3.62 -15.41
CA GLU B 296 -21.70 -3.89 -16.79
C GLU B 296 -20.54 -3.66 -17.75
N LYS B 297 -19.76 -2.60 -17.56
CA LYS B 297 -18.73 -2.30 -18.55
C LYS B 297 -17.48 -3.16 -18.41
N ALA B 298 -17.30 -3.88 -17.31
CA ALA B 298 -16.07 -4.63 -17.10
C ALA B 298 -16.08 -6.05 -17.66
N GLY B 299 -17.25 -6.64 -17.89
CA GLY B 299 -17.32 -8.00 -18.38
C GLY B 299 -17.07 -8.13 -19.87
N ILE B 300 -16.98 -9.37 -20.35
CA ILE B 300 -16.70 -9.60 -21.76
C ILE B 300 -17.23 -10.96 -22.17
N LEU B 301 -17.69 -11.04 -23.40
CA LEU B 301 -18.32 -12.24 -23.94
C LEU B 301 -17.43 -12.80 -25.03
N LEU B 302 -17.17 -14.11 -24.99
CA LEU B 302 -16.34 -14.76 -26.00
C LEU B 302 -17.14 -15.61 -26.97
N SER B 303 -18.26 -16.17 -26.54
CA SER B 303 -19.18 -16.81 -27.45
C SER B 303 -20.58 -16.57 -26.93
N PRO B 304 -21.62 -16.84 -27.72
CA PRO B 304 -22.99 -16.64 -27.24
C PRO B 304 -23.30 -17.42 -25.96
N THR B 305 -22.50 -18.44 -25.62
CA THR B 305 -22.76 -19.22 -24.41
C THR B 305 -21.55 -19.26 -23.46
N PHE B 306 -20.63 -18.29 -23.55
CA PHE B 306 -19.41 -18.32 -22.73
C PHE B 306 -19.00 -16.88 -22.44
N VAL B 307 -19.11 -16.45 -21.19
CA VAL B 307 -19.02 -15.04 -20.85
C VAL B 307 -18.35 -14.88 -19.50
N LYS B 308 -17.67 -13.75 -19.31
CA LYS B 308 -17.06 -13.39 -18.03
C LYS B 308 -17.83 -12.22 -17.45
N LEU B 309 -18.33 -12.39 -16.22
CA LEU B 309 -19.15 -11.39 -15.56
C LEU B 309 -18.45 -10.94 -14.28
N ILE B 310 -18.50 -9.64 -14.02
CA ILE B 310 -17.77 -8.98 -12.94
C ILE B 310 -18.77 -8.40 -11.95
N SER B 311 -18.62 -8.70 -10.67
CA SER B 311 -19.50 -8.12 -9.65
C SER B 311 -18.74 -7.74 -8.38
N TRP B 312 -19.00 -6.52 -7.90
CA TRP B 312 -18.34 -5.94 -6.74
C TRP B 312 -19.07 -6.26 -5.44
N TYR B 313 -18.33 -6.17 -4.33
CA TYR B 313 -18.95 -6.27 -3.01
C TYR B 313 -18.04 -5.70 -1.94
N ASP B 314 -18.62 -4.91 -1.05
CA ASP B 314 -17.92 -4.52 0.16
C ASP B 314 -18.00 -5.74 1.08
N ASN B 315 -16.90 -6.51 1.14
CA ASN B 315 -16.95 -7.78 1.85
C ASN B 315 -17.26 -7.58 3.31
N GLU B 316 -16.89 -6.43 3.90
CA GLU B 316 -17.22 -6.13 5.30
C GLU B 316 -18.66 -5.64 5.44
N TYR B 317 -19.00 -4.56 4.72
CA TYR B 317 -20.23 -3.83 5.02
C TYR B 317 -21.47 -4.38 4.33
N GLY B 318 -21.35 -4.81 3.07
CA GLY B 318 -22.47 -5.46 2.43
C GLY B 318 -22.89 -6.71 3.16
N TYR B 319 -21.91 -7.55 3.51
CA TYR B 319 -22.18 -8.76 4.26
C TYR B 319 -22.79 -8.45 5.63
N SER B 320 -22.26 -7.45 6.33
CA SER B 320 -22.82 -7.14 7.65
C SER B 320 -24.27 -6.70 7.54
N THR B 321 -24.60 -5.95 6.49
CA THR B 321 -25.98 -5.56 6.26
C THR B 321 -26.86 -6.80 6.05
N ARG B 322 -26.35 -7.79 5.31
CA ARG B 322 -27.11 -9.02 5.06
C ARG B 322 -27.35 -9.81 6.35
N VAL B 323 -26.35 -9.84 7.24
CA VAL B 323 -26.53 -10.49 8.53
C VAL B 323 -27.76 -9.94 9.23
N VAL B 324 -27.89 -8.61 9.28
CA VAL B 324 -29.02 -7.97 9.95
C VAL B 324 -30.32 -8.22 9.19
N ASP B 325 -30.27 -8.19 7.86
CA ASP B 325 -31.44 -8.53 7.05
C ASP B 325 -31.90 -9.96 7.33
N LEU B 326 -30.95 -10.90 7.36
CA LEU B 326 -31.33 -12.29 7.65
C LEU B 326 -31.94 -12.38 9.04
N LEU B 327 -31.36 -11.67 10.00
CA LEU B 327 -31.90 -11.65 11.36
C LEU B 327 -33.35 -11.17 11.36
N GLU B 328 -33.63 -10.06 10.67
CA GLU B 328 -35.00 -9.56 10.66
C GLU B 328 -35.93 -10.53 9.95
N HIS B 329 -35.45 -11.21 8.90
CA HIS B 329 -36.28 -12.21 8.24
C HIS B 329 -36.57 -13.39 9.17
N VAL B 330 -35.58 -13.82 9.93
CA VAL B 330 -35.76 -14.91 10.89
C VAL B 330 -36.78 -14.52 11.95
N ALA B 331 -36.65 -13.32 12.51
CA ALA B 331 -37.59 -12.89 13.54
C ALA B 331 -39.01 -12.83 12.99
N LYS B 332 -39.17 -12.29 11.77
CA LYS B 332 -40.50 -12.20 11.17
C LYS B 332 -41.06 -13.58 10.83
N ALA B 333 -40.21 -14.46 10.30
CA ALA B 333 -40.66 -15.82 9.98
C ALA B 333 -41.05 -16.62 11.20
N SER B 334 -40.59 -16.22 12.39
CA SER B 334 -40.84 -16.96 13.62
C SER B 334 -41.87 -16.30 14.52
N ALA B 335 -42.50 -15.21 14.09
CA ALA B 335 -43.47 -14.51 14.92
C ALA B 335 -44.81 -15.24 14.91
N ALA C 2 28.48 -8.29 -31.44
CA ALA C 2 28.41 -7.65 -32.74
C ALA C 2 27.09 -6.90 -32.92
N ILE C 3 26.27 -6.86 -31.87
CA ILE C 3 24.94 -6.26 -31.92
C ILE C 3 25.01 -4.86 -31.30
N LYS C 4 24.83 -3.83 -32.13
CA LYS C 4 24.97 -2.44 -31.72
C LYS C 4 23.57 -1.83 -31.61
N ILE C 5 23.13 -1.54 -30.39
CA ILE C 5 21.75 -1.12 -30.19
C ILE C 5 21.68 0.26 -29.54
N GLY C 6 20.53 0.90 -29.73
CA GLY C 6 20.17 2.08 -28.97
C GLY C 6 18.81 1.87 -28.34
N ILE C 7 18.55 2.62 -27.27
CA ILE C 7 17.33 2.49 -26.48
C ILE C 7 16.59 3.82 -26.51
N ASN C 8 15.36 3.81 -27.00
CA ASN C 8 14.52 5.02 -26.99
C ASN C 8 13.48 4.87 -25.90
N GLY C 9 13.46 5.82 -24.95
CA GLY C 9 12.59 5.71 -23.80
C GLY C 9 13.26 4.97 -22.66
N PHE C 10 13.89 5.73 -21.76
CA PHE C 10 14.73 5.18 -20.72
C PHE C 10 13.92 5.00 -19.43
N GLY C 11 12.85 4.22 -19.55
CA GLY C 11 11.90 4.07 -18.46
C GLY C 11 12.04 2.73 -17.80
N ARG C 12 10.94 2.18 -17.29
CA ARG C 12 11.01 0.88 -16.62
C ARG C 12 11.58 -0.19 -17.55
N ILE C 13 11.04 -0.30 -18.75
CA ILE C 13 11.50 -1.33 -19.68
C ILE C 13 12.86 -0.95 -20.26
N GLY C 14 13.00 0.30 -20.71
CA GLY C 14 14.28 0.76 -21.24
C GLY C 14 15.45 0.52 -20.30
N ARG C 15 15.28 0.86 -19.02
CA ARG C 15 16.39 0.73 -18.08
C ARG C 15 16.66 -0.74 -17.73
N LEU C 16 15.60 -1.57 -17.66
CA LEU C 16 15.81 -2.98 -17.35
C LEU C 16 16.31 -3.75 -18.57
N VAL C 17 15.93 -3.33 -19.78
CA VAL C 17 16.52 -3.93 -20.97
C VAL C 17 18.03 -3.66 -20.97
N LEU C 18 18.43 -2.45 -20.59
CA LEU C 18 19.85 -2.14 -20.44
C LEU C 18 20.52 -3.06 -19.43
N ARG C 19 19.89 -3.21 -18.25
CA ARG C 19 20.42 -4.15 -17.26
C ARG C 19 20.64 -5.54 -17.87
N VAL C 20 19.67 -6.03 -18.63
CA VAL C 20 19.82 -7.36 -19.23
C VAL C 20 20.90 -7.33 -20.31
N ALA C 21 20.89 -6.29 -21.15
CA ALA C 21 21.81 -6.23 -22.28
C ALA C 21 23.27 -6.22 -21.81
N LEU C 22 23.57 -5.45 -20.77
CA LEU C 22 24.92 -5.40 -20.22
C LEU C 22 25.42 -6.77 -19.80
N GLY C 23 24.53 -7.75 -19.63
CA GLY C 23 24.93 -9.09 -19.31
C GLY C 23 25.13 -9.99 -20.51
N ARG C 24 25.01 -9.48 -21.74
CA ARG C 24 25.06 -10.29 -22.95
C ARG C 24 26.34 -9.98 -23.73
N LYS C 25 27.13 -11.02 -24.00
CA LYS C 25 28.39 -10.92 -24.72
C LYS C 25 28.30 -10.03 -25.95
N ASP C 26 27.40 -10.39 -26.89
CA ASP C 26 27.41 -9.86 -28.24
C ASP C 26 26.71 -8.52 -28.39
N ILE C 27 26.21 -7.93 -27.30
CA ILE C 27 25.46 -6.68 -27.36
C ILE C 27 26.34 -5.54 -26.91
N GLU C 28 26.35 -4.47 -27.69
CA GLU C 28 27.01 -3.22 -27.31
C GLU C 28 25.95 -2.13 -27.31
N VAL C 29 25.59 -1.63 -26.13
CA VAL C 29 24.63 -0.55 -26.01
C VAL C 29 25.37 0.76 -26.32
N VAL C 30 25.04 1.38 -27.45
CA VAL C 30 25.77 2.55 -27.93
C VAL C 30 25.20 3.84 -27.34
N ALA C 31 23.87 3.95 -27.27
CA ALA C 31 23.28 5.20 -26.84
C ALA C 31 21.88 4.93 -26.31
N VAL C 32 21.37 5.91 -25.57
CA VAL C 32 19.99 5.95 -25.13
C VAL C 32 19.45 7.32 -25.46
N ASN C 33 18.13 7.40 -25.65
CA ASN C 33 17.49 8.69 -25.89
C ASN C 33 16.27 8.83 -24.99
N ASP C 34 16.18 9.96 -24.31
CA ASP C 34 15.03 10.32 -23.50
C ASP C 34 15.03 11.83 -23.28
N PRO C 35 14.08 12.57 -23.84
CA PRO C 35 14.09 14.03 -23.70
C PRO C 35 13.83 14.53 -22.29
N PHE C 36 13.53 13.64 -21.36
CA PHE C 36 13.25 14.04 -19.99
C PHE C 36 14.33 13.64 -18.99
N ILE C 37 15.42 13.00 -19.46
CA ILE C 37 16.43 12.42 -18.57
C ILE C 37 17.81 12.81 -19.09
N ALA C 38 18.45 13.79 -18.44
CA ALA C 38 19.81 14.20 -18.77
C ALA C 38 20.83 13.16 -18.31
N PRO C 39 22.09 13.26 -18.75
CA PRO C 39 23.07 12.20 -18.41
C PRO C 39 23.22 11.92 -16.92
N ASP C 40 23.43 12.94 -16.09
CA ASP C 40 23.60 12.68 -14.67
C ASP C 40 22.35 12.07 -14.07
N TYR C 41 21.17 12.53 -14.51
CA TYR C 41 19.91 11.96 -14.05
C TYR C 41 19.75 10.52 -14.52
N ALA C 42 20.16 10.24 -15.77
CA ALA C 42 20.14 8.87 -16.27
C ALA C 42 20.97 7.95 -15.40
N ALA C 43 22.15 8.40 -14.98
CA ALA C 43 22.97 7.58 -14.10
C ALA C 43 22.26 7.27 -12.80
N TYR C 44 21.60 8.27 -12.21
CA TYR C 44 20.88 8.07 -10.96
C TYR C 44 19.72 7.10 -11.15
N MET C 45 18.95 7.25 -12.24
CA MET C 45 17.77 6.39 -12.42
C MET C 45 18.17 4.95 -12.69
N PHE C 46 19.33 4.73 -13.32
CA PHE C 46 19.77 3.37 -13.60
C PHE C 46 20.36 2.71 -12.36
N LYS C 47 21.07 3.49 -11.54
CA LYS C 47 21.76 2.94 -10.36
C LYS C 47 20.77 2.48 -9.30
N TYR C 48 19.74 3.29 -9.02
CA TYR C 48 18.82 3.02 -7.93
C TYR C 48 17.46 2.62 -8.50
N ASP C 49 16.88 1.54 -7.99
CA ASP C 49 15.60 1.04 -8.48
C ASP C 49 14.76 0.58 -7.30
N SER C 50 13.57 1.16 -7.16
CA SER C 50 12.70 0.81 -6.03
C SER C 50 12.28 -0.65 -6.08
N THR C 51 12.17 -1.24 -7.28
CA THR C 51 11.67 -2.59 -7.45
C THR C 51 12.78 -3.65 -7.48
N HIS C 52 13.84 -3.39 -8.23
CA HIS C 52 14.84 -4.43 -8.50
C HIS C 52 16.19 -4.13 -7.86
N GLY C 53 16.25 -3.22 -6.91
CA GLY C 53 17.47 -3.00 -6.15
C GLY C 53 18.54 -2.22 -6.90
N ARG C 54 19.63 -1.95 -6.19
CA ARG C 54 20.72 -1.17 -6.78
C ARG C 54 21.41 -1.97 -7.89
N TYR C 55 21.84 -1.28 -8.94
CA TYR C 55 22.68 -1.93 -9.93
C TYR C 55 24.00 -2.34 -9.29
N LYS C 56 24.31 -3.63 -9.32
CA LYS C 56 25.57 -4.13 -8.77
C LYS C 56 26.67 -3.87 -9.79
N GLY C 57 27.18 -2.64 -9.75
CA GLY C 57 28.21 -2.20 -10.67
C GLY C 57 28.40 -0.72 -10.50
N GLU C 58 29.43 -0.19 -11.15
CA GLU C 58 29.76 1.22 -11.02
C GLU C 58 29.03 2.03 -12.08
N VAL C 59 28.21 2.98 -11.63
CA VAL C 59 27.37 3.80 -12.51
C VAL C 59 27.70 5.27 -12.24
N THR C 60 28.17 5.96 -13.28
CA THR C 60 28.43 7.39 -13.20
C THR C 60 28.06 8.04 -14.52
N ALA C 61 28.11 9.36 -14.54
CA ALA C 61 27.96 10.14 -15.76
C ALA C 61 29.21 10.97 -15.99
N SER C 62 29.55 11.17 -17.26
CA SER C 62 30.69 11.99 -17.64
C SER C 62 30.32 12.78 -18.88
N GLY C 63 30.14 14.09 -18.73
CA GLY C 63 29.72 14.91 -19.86
C GLY C 63 28.35 14.47 -20.33
N ASP C 64 28.27 14.02 -21.58
CA ASP C 64 27.03 13.51 -22.17
C ASP C 64 27.01 11.99 -22.21
N ASP C 65 27.75 11.33 -21.33
CA ASP C 65 27.87 9.88 -21.36
C ASP C 65 27.42 9.28 -20.03
N LEU C 66 26.53 8.30 -20.13
CA LEU C 66 26.26 7.41 -19.00
C LEU C 66 27.34 6.34 -18.98
N VAL C 67 28.00 6.17 -17.85
CA VAL C 67 29.18 5.30 -17.75
C VAL C 67 28.86 4.18 -16.78
N ILE C 68 28.83 2.95 -17.28
CA ILE C 68 28.47 1.78 -16.48
C ILE C 68 29.63 0.79 -16.57
N ASP C 69 30.30 0.57 -15.44
CA ASP C 69 31.46 -0.34 -15.37
C ASP C 69 32.45 -0.07 -16.49
N GLY C 70 32.71 1.22 -16.76
CA GLY C 70 33.68 1.63 -17.73
C GLY C 70 33.13 1.90 -19.11
N HIS C 71 32.06 1.21 -19.50
CA HIS C 71 31.49 1.40 -20.83
C HIS C 71 30.73 2.72 -20.90
N LYS C 72 31.06 3.54 -21.87
CA LYS C 72 30.40 4.82 -22.05
C LYS C 72 29.22 4.67 -23.01
N ILE C 73 28.08 5.23 -22.60
CA ILE C 73 26.85 5.19 -23.38
C ILE C 73 26.41 6.63 -23.59
N LYS C 74 26.28 7.04 -24.85
CA LYS C 74 25.85 8.39 -25.14
C LYS C 74 24.39 8.56 -24.77
N VAL C 75 24.05 9.76 -24.29
CA VAL C 75 22.71 10.08 -23.85
C VAL C 75 22.21 11.21 -24.73
N PHE C 76 21.22 10.92 -25.56
CA PHE C 76 20.54 11.96 -26.33
C PHE C 76 19.24 12.34 -25.63
N GLN C 77 18.71 13.49 -26.03
CA GLN C 77 17.50 14.03 -25.39
C GLN C 77 16.55 14.61 -26.44
N GLU C 78 16.22 13.81 -27.45
CA GLU C 78 15.42 14.26 -28.58
C GLU C 78 13.97 13.80 -28.42
N ARG C 79 13.04 14.76 -28.51
CA ARG C 79 11.62 14.44 -28.49
C ARG C 79 11.18 13.74 -29.78
N ASP C 80 11.79 14.10 -30.91
CA ASP C 80 11.43 13.53 -32.22
C ASP C 80 12.48 12.51 -32.62
N PRO C 81 12.13 11.22 -32.73
CA PRO C 81 13.13 10.21 -33.04
C PRO C 81 13.84 10.44 -34.37
N ALA C 82 13.23 11.21 -35.28
CA ALA C 82 13.91 11.60 -36.51
C ALA C 82 15.17 12.39 -36.25
N ASN C 83 15.26 13.05 -35.09
CA ASN C 83 16.40 13.88 -34.74
C ASN C 83 17.49 13.13 -33.99
N ILE C 84 17.35 11.82 -33.76
CA ILE C 84 18.34 11.04 -33.06
C ILE C 84 19.41 10.59 -34.04
N PRO C 85 20.69 10.90 -33.83
CA PRO C 85 21.75 10.44 -34.73
C PRO C 85 22.10 8.96 -34.55
N TRP C 86 21.10 8.09 -34.76
CA TRP C 86 21.34 6.66 -34.68
C TRP C 86 22.42 6.23 -35.69
N GLY C 87 22.26 6.68 -36.93
CA GLY C 87 23.21 6.30 -37.98
C GLY C 87 24.62 6.79 -37.70
N LYS C 88 24.75 8.08 -37.38
CA LYS C 88 26.08 8.61 -37.08
C LYS C 88 26.70 7.89 -35.89
N SER C 89 25.89 7.57 -34.87
CA SER C 89 26.40 6.87 -33.69
C SER C 89 26.74 5.41 -33.96
N GLY C 90 26.32 4.86 -35.10
CA GLY C 90 26.56 3.45 -35.37
C GLY C 90 25.57 2.53 -34.73
N VAL C 91 24.35 2.99 -34.46
CA VAL C 91 23.31 2.14 -33.88
C VAL C 91 22.63 1.37 -35.01
N ASP C 92 22.62 0.04 -34.90
CA ASP C 92 21.93 -0.79 -35.87
C ASP C 92 20.50 -1.10 -35.46
N TYR C 93 20.28 -1.44 -34.19
CA TYR C 93 18.97 -1.80 -33.67
C TYR C 93 18.50 -0.76 -32.66
N VAL C 94 17.21 -0.41 -32.72
CA VAL C 94 16.62 0.51 -31.76
C VAL C 94 15.56 -0.25 -30.96
N ILE C 95 15.68 -0.20 -29.64
CA ILE C 95 14.65 -0.72 -28.75
C ILE C 95 13.68 0.42 -28.49
N GLU C 96 12.45 0.29 -29.01
CA GLU C 96 11.46 1.37 -28.95
C GLU C 96 10.62 1.14 -27.72
N SER C 97 10.99 1.80 -26.63
CA SER C 97 10.37 1.57 -25.32
C SER C 97 9.83 2.86 -24.72
N THR C 98 9.39 3.80 -25.55
CA THR C 98 8.72 5.01 -25.07
C THR C 98 7.24 4.79 -24.83
N GLY C 99 6.62 3.80 -25.49
CA GLY C 99 5.17 3.70 -25.52
C GLY C 99 4.49 4.70 -26.42
N VAL C 100 5.25 5.48 -27.20
CA VAL C 100 4.70 6.54 -28.02
C VAL C 100 4.82 6.25 -29.51
N PHE C 101 5.78 5.41 -29.92
CA PHE C 101 5.98 5.12 -31.33
C PHE C 101 5.75 3.64 -31.61
N THR C 102 4.52 3.16 -31.43
CA THR C 102 4.25 1.74 -31.52
C THR C 102 3.75 1.30 -32.89
N LYS C 103 3.52 2.24 -33.82
CA LYS C 103 3.09 1.92 -35.17
C LYS C 103 4.29 1.99 -36.12
N LEU C 104 4.14 1.33 -37.28
CA LEU C 104 5.18 1.38 -38.31
C LEU C 104 5.54 2.82 -38.65
N GLU C 105 4.54 3.69 -38.76
CA GLU C 105 4.75 5.09 -39.11
C GLU C 105 5.71 5.78 -38.13
N GLY C 106 5.49 5.58 -36.83
CA GLY C 106 6.32 6.20 -35.83
C GLY C 106 7.69 5.57 -35.72
N ALA C 107 7.73 4.23 -35.67
CA ALA C 107 9.00 3.54 -35.51
C ALA C 107 9.91 3.66 -36.73
N GLN C 108 9.33 3.93 -37.91
CA GLN C 108 10.14 4.10 -39.11
C GLN C 108 11.08 5.30 -38.97
N LYS C 109 10.67 6.33 -38.22
CA LYS C 109 11.54 7.47 -37.98
C LYS C 109 12.92 7.05 -37.49
N HIS C 110 12.99 5.99 -36.69
CA HIS C 110 14.29 5.49 -36.24
C HIS C 110 15.16 5.06 -37.41
N ILE C 111 14.56 4.39 -38.40
CA ILE C 111 15.30 3.95 -39.57
C ILE C 111 15.68 5.13 -40.44
N ASP C 112 14.74 6.08 -40.63
CA ASP C 112 15.07 7.32 -41.30
C ASP C 112 16.24 8.03 -40.63
N ALA C 113 16.42 7.82 -39.32
CA ALA C 113 17.51 8.43 -38.57
C ALA C 113 18.77 7.58 -38.58
N GLY C 114 18.82 6.52 -39.38
CA GLY C 114 20.04 5.78 -39.60
C GLY C 114 20.09 4.41 -38.95
N ALA C 115 19.09 4.04 -38.16
CA ALA C 115 19.06 2.68 -37.65
C ALA C 115 18.57 1.72 -38.73
N LYS C 116 18.83 0.43 -38.52
CA LYS C 116 18.43 -0.61 -39.46
C LYS C 116 17.14 -1.31 -39.08
N LYS C 117 16.94 -1.62 -37.79
CA LYS C 117 15.79 -2.40 -37.36
C LYS C 117 15.32 -1.90 -36.00
N VAL C 118 14.01 -2.04 -35.75
CA VAL C 118 13.38 -1.52 -34.53
C VAL C 118 12.56 -2.64 -33.90
N ILE C 119 12.72 -2.80 -32.59
CA ILE C 119 11.89 -3.70 -31.80
C ILE C 119 11.04 -2.84 -30.88
N ILE C 120 9.73 -2.83 -31.10
CA ILE C 120 8.79 -2.11 -30.25
C ILE C 120 8.51 -2.96 -29.03
N THR C 121 8.70 -2.40 -27.84
CA THR C 121 8.46 -3.16 -26.60
C THR C 121 7.00 -3.08 -26.15
N ALA C 122 6.09 -3.36 -27.07
CA ALA C 122 4.66 -3.16 -26.85
C ALA C 122 3.92 -3.79 -28.03
N PRO C 123 2.63 -4.08 -27.87
CA PRO C 123 1.84 -4.49 -29.03
C PRO C 123 1.80 -3.37 -30.04
N SER C 124 1.72 -3.72 -31.32
CA SER C 124 1.67 -2.75 -32.39
C SER C 124 0.40 -2.94 -33.19
N ALA C 125 -0.19 -1.83 -33.63
CA ALA C 125 -1.38 -1.91 -34.46
C ALA C 125 -1.08 -2.54 -35.81
N ASP C 126 0.13 -2.34 -36.34
CA ASP C 126 0.45 -2.83 -37.68
C ASP C 126 1.77 -3.56 -37.81
N ALA C 127 2.69 -3.47 -36.85
CA ALA C 127 3.94 -4.19 -37.01
C ALA C 127 3.76 -5.67 -36.66
N PRO C 128 4.46 -6.57 -37.34
CA PRO C 128 4.41 -7.99 -36.98
C PRO C 128 4.86 -8.19 -35.54
N MET C 129 4.18 -9.10 -34.85
CA MET C 129 4.38 -9.36 -33.43
C MET C 129 5.01 -10.72 -33.22
N PHE C 130 5.83 -10.82 -32.17
CA PHE C 130 6.55 -12.05 -31.88
C PHE C 130 6.58 -12.29 -30.37
N VAL C 131 6.51 -13.56 -30.00
CA VAL C 131 6.67 -14.02 -28.62
C VAL C 131 7.73 -15.12 -28.64
N VAL C 132 8.84 -14.88 -27.94
CA VAL C 132 9.92 -15.85 -27.88
C VAL C 132 9.42 -17.14 -27.23
N GLY C 133 9.79 -18.28 -27.84
CA GLY C 133 9.26 -19.57 -27.45
C GLY C 133 8.00 -20.00 -28.19
N VAL C 134 7.40 -19.11 -28.97
CA VAL C 134 6.11 -19.35 -29.61
C VAL C 134 6.21 -19.19 -31.12
N ASN C 135 6.80 -18.08 -31.60
CA ASN C 135 6.82 -17.88 -33.04
C ASN C 135 8.00 -17.04 -33.51
N GLU C 136 9.09 -16.93 -32.75
CA GLU C 136 10.19 -16.10 -33.22
C GLU C 136 10.92 -16.72 -34.40
N ASP C 137 10.78 -18.04 -34.60
CA ASP C 137 11.31 -18.68 -35.80
C ASP C 137 10.63 -18.19 -37.08
N LYS C 138 9.47 -17.52 -36.96
CA LYS C 138 8.82 -16.96 -38.13
C LYS C 138 9.34 -15.59 -38.49
N TYR C 139 10.29 -15.05 -37.72
CA TYR C 139 10.91 -13.79 -38.09
C TYR C 139 11.80 -13.98 -39.32
N THR C 140 11.66 -13.10 -40.30
CA THR C 140 12.51 -13.14 -41.48
C THR C 140 13.30 -11.84 -41.61
N PRO C 141 14.57 -11.92 -42.04
CA PRO C 141 15.46 -10.75 -41.98
C PRO C 141 14.95 -9.52 -42.71
N ASP C 142 14.02 -9.68 -43.65
CA ASP C 142 13.46 -8.52 -44.35
C ASP C 142 12.49 -7.72 -43.48
N LEU C 143 12.09 -8.25 -42.33
CA LEU C 143 11.24 -7.50 -41.42
C LEU C 143 12.11 -6.54 -40.61
N LYS C 144 11.89 -5.24 -40.81
CA LYS C 144 12.71 -4.19 -40.22
C LYS C 144 12.10 -3.61 -38.95
N ILE C 145 10.78 -3.70 -38.77
CA ILE C 145 10.09 -3.14 -37.62
C ILE C 145 9.17 -4.23 -37.07
N ILE C 146 9.43 -4.68 -35.84
CA ILE C 146 8.67 -5.76 -35.23
C ILE C 146 8.30 -5.37 -33.80
N SER C 147 7.32 -6.09 -33.27
CA SER C 147 6.80 -5.90 -31.91
C SER C 147 7.05 -7.16 -31.09
N ASN C 148 7.45 -6.97 -29.83
CA ASN C 148 7.61 -8.08 -28.90
C ASN C 148 6.33 -8.34 -28.08
N ALA C 149 5.18 -7.86 -28.56
CA ALA C 149 3.87 -8.04 -27.92
C ALA C 149 3.86 -7.43 -26.52
N SER C 150 2.89 -7.82 -25.70
CA SER C 150 2.77 -7.27 -24.35
C SER C 150 3.31 -8.26 -23.31
N CSD C 151 3.55 -7.79 -22.09
CA CSD C 151 3.99 -8.67 -21.04
CB CSD C 151 4.32 -7.90 -19.73
SG CSD C 151 3.24 -6.59 -19.20
C CSD C 151 2.98 -9.80 -20.79
O CSD C 151 3.27 -10.99 -20.60
OD1 CSD C 151 1.98 -7.18 -18.80
OD2 CSD C 151 2.81 -5.82 -20.64
N THR C 152 1.71 -9.40 -20.82
CA THR C 152 0.61 -10.34 -20.61
C THR C 152 0.53 -11.37 -21.74
N THR C 153 0.68 -10.92 -22.98
CA THR C 153 0.71 -11.85 -24.10
C THR C 153 1.88 -12.82 -23.96
N ASN C 154 3.02 -12.32 -23.47
CA ASN C 154 4.19 -13.19 -23.30
C ASN C 154 3.98 -14.21 -22.19
N CYS C 155 3.11 -13.93 -21.23
CA CYS C 155 2.78 -14.90 -20.21
C CYS C 155 1.75 -15.91 -20.72
N LEU C 156 0.72 -15.43 -21.41
CA LEU C 156 -0.39 -16.31 -21.78
C LEU C 156 -0.02 -17.23 -22.95
N ALA C 157 0.69 -16.71 -23.95
CA ALA C 157 0.89 -17.47 -25.18
C ALA C 157 1.67 -18.77 -24.98
N PRO C 158 2.78 -18.80 -24.23
CA PRO C 158 3.46 -20.09 -24.02
C PRO C 158 2.59 -21.10 -23.31
N LEU C 159 1.87 -20.66 -22.27
CA LEU C 159 0.91 -21.52 -21.60
C LEU C 159 -0.16 -22.02 -22.55
N ALA C 160 -0.78 -21.11 -23.30
CA ALA C 160 -1.83 -21.52 -24.23
C ALA C 160 -1.29 -22.44 -25.31
N LYS C 161 -0.05 -22.20 -25.75
CA LYS C 161 0.56 -23.07 -26.76
C LYS C 161 0.67 -24.51 -26.26
N VAL C 162 1.12 -24.69 -25.02
CA VAL C 162 1.24 -26.05 -24.46
C VAL C 162 -0.13 -26.70 -24.36
N VAL C 163 -1.09 -25.99 -23.78
CA VAL C 163 -2.42 -26.56 -23.59
C VAL C 163 -3.06 -26.88 -24.94
N ASN C 164 -2.95 -25.95 -25.91
CA ASN C 164 -3.53 -26.19 -27.23
C ASN C 164 -2.84 -27.34 -27.96
N ASP C 165 -1.51 -27.43 -27.85
CA ASP C 165 -0.76 -28.47 -28.57
C ASP C 165 -1.06 -29.85 -28.04
N THR C 166 -1.57 -29.93 -26.82
CA THR C 166 -1.73 -31.19 -26.13
C THR C 166 -3.22 -31.59 -26.09
N PHE C 167 -4.05 -30.82 -25.38
CA PHE C 167 -5.47 -31.14 -25.28
C PHE C 167 -6.34 -30.34 -26.21
N GLY C 168 -5.82 -29.27 -26.80
CA GLY C 168 -6.63 -28.41 -27.64
C GLY C 168 -7.45 -27.42 -26.84
N ILE C 169 -7.45 -26.16 -27.26
CA ILE C 169 -8.24 -25.11 -26.63
C ILE C 169 -9.47 -24.87 -27.49
N GLU C 170 -10.64 -25.11 -26.92
CA GLU C 170 -11.89 -24.75 -27.59
C GLU C 170 -12.11 -23.24 -27.49
N GLU C 171 -12.10 -22.71 -26.28
CA GLU C 171 -12.20 -21.28 -26.02
C GLU C 171 -11.61 -21.02 -24.64
N GLY C 172 -11.15 -19.80 -24.44
CA GLY C 172 -10.63 -19.45 -23.13
C GLY C 172 -10.83 -17.99 -22.79
N LEU C 173 -11.16 -17.70 -21.54
CA LEU C 173 -11.34 -16.33 -21.07
C LEU C 173 -10.31 -16.08 -20.00
N MET C 174 -9.60 -14.96 -20.11
CA MET C 174 -8.46 -14.66 -19.25
C MET C 174 -8.70 -13.41 -18.43
N THR C 175 -8.30 -13.44 -17.18
CA THR C 175 -8.09 -12.24 -16.39
C THR C 175 -6.62 -12.16 -16.02
N THR C 176 -6.01 -10.99 -16.18
CA THR C 176 -4.71 -10.75 -15.58
C THR C 176 -4.92 -9.85 -14.37
N VAL C 177 -4.48 -10.32 -13.22
CA VAL C 177 -4.41 -9.50 -12.02
C VAL C 177 -3.00 -8.90 -12.03
N HIS C 178 -2.91 -7.59 -12.26
CA HIS C 178 -1.73 -6.95 -12.81
C HIS C 178 -1.24 -5.83 -11.91
N SER C 179 0.08 -5.75 -11.73
CA SER C 179 0.65 -4.66 -10.94
C SER C 179 0.44 -3.32 -11.62
N ILE C 180 0.50 -2.26 -10.82
CA ILE C 180 0.34 -0.93 -11.40
C ILE C 180 1.55 -0.57 -12.24
N THR C 181 1.34 0.35 -13.20
CA THR C 181 2.37 0.79 -14.12
C THR C 181 2.40 2.31 -14.18
N ALA C 182 3.35 2.84 -14.95
CA ALA C 182 3.61 4.28 -15.01
C ALA C 182 2.43 5.08 -15.58
N THR C 183 1.52 4.45 -16.31
CA THR C 183 0.39 5.19 -16.87
C THR C 183 -0.67 5.51 -15.84
N GLN C 184 -0.61 4.89 -14.66
CA GLN C 184 -1.60 5.14 -13.63
C GLN C 184 -1.24 6.39 -12.81
N LYS C 185 -2.11 6.74 -11.87
CA LYS C 185 -2.04 7.99 -11.11
C LYS C 185 -1.89 7.71 -9.62
N THR C 186 -1.11 8.54 -8.93
CA THR C 186 -0.93 8.36 -7.48
C THR C 186 -2.19 8.72 -6.70
N VAL C 187 -2.97 9.69 -7.18
CA VAL C 187 -4.25 10.08 -6.60
C VAL C 187 -5.20 10.34 -7.77
N ASP C 188 -6.51 10.31 -7.49
CA ASP C 188 -7.52 10.50 -8.54
C ASP C 188 -7.17 11.70 -9.42
N GLY C 189 -6.80 11.45 -10.69
CA GLY C 189 -6.42 12.51 -11.60
C GLY C 189 -6.92 12.24 -12.99
N PRO C 190 -6.71 13.18 -13.91
CA PRO C 190 -7.28 13.06 -15.25
C PRO C 190 -6.62 11.96 -16.07
N SER C 191 -7.47 11.20 -16.77
CA SER C 191 -7.07 10.11 -17.62
C SER C 191 -8.18 9.96 -18.64
N HIS C 192 -8.28 10.93 -19.55
CA HIS C 192 -9.53 11.09 -20.30
C HIS C 192 -9.78 9.96 -21.27
N LYS C 193 -8.74 9.19 -21.64
CA LYS C 193 -8.90 8.04 -22.51
C LYS C 193 -9.21 6.76 -21.75
N ASP C 194 -9.11 6.78 -20.43
CA ASP C 194 -9.27 5.59 -19.59
C ASP C 194 -9.65 6.04 -18.20
N TRP C 195 -10.94 6.28 -17.96
CA TRP C 195 -11.35 6.96 -16.73
C TRP C 195 -10.98 6.16 -15.50
N ARG C 196 -11.15 4.83 -15.54
CA ARG C 196 -10.82 4.03 -14.37
C ARG C 196 -9.33 4.14 -14.06
N GLY C 197 -8.49 4.22 -15.10
CA GLY C 197 -7.04 4.30 -14.93
C GLY C 197 -6.53 5.58 -14.29
N GLY C 198 -7.36 6.63 -14.21
CA GLY C 198 -6.98 7.83 -13.49
C GLY C 198 -7.15 7.74 -11.98
N ARG C 199 -7.81 6.70 -11.48
CA ARG C 199 -8.12 6.61 -10.06
C ARG C 199 -6.91 6.13 -9.26
N THR C 200 -6.84 6.53 -7.98
CA THR C 200 -5.73 6.25 -7.09
C THR C 200 -5.20 4.83 -7.25
N ALA C 201 -3.97 4.71 -7.77
CA ALA C 201 -3.46 3.39 -8.14
C ALA C 201 -3.26 2.48 -6.93
N SER C 202 -2.69 3.01 -5.85
CA SER C 202 -2.31 2.21 -4.68
C SER C 202 -3.47 1.92 -3.74
N GLY C 203 -4.66 2.45 -4.01
CA GLY C 203 -5.79 2.23 -3.13
C GLY C 203 -6.97 1.53 -3.78
N ASN C 204 -6.80 1.01 -4.99
CA ASN C 204 -7.94 0.50 -5.76
C ASN C 204 -7.61 -0.78 -6.49
N ILE C 205 -8.62 -1.63 -6.63
CA ILE C 205 -8.68 -2.61 -7.71
C ILE C 205 -9.35 -1.93 -8.90
N ILE C 206 -8.68 -1.95 -10.06
CA ILE C 206 -9.06 -1.12 -11.20
C ILE C 206 -9.23 -1.96 -12.45
N PRO C 207 -10.47 -2.21 -12.88
CA PRO C 207 -10.66 -2.93 -14.15
C PRO C 207 -10.09 -2.16 -15.32
N SER C 208 -9.61 -2.91 -16.32
CA SER C 208 -8.95 -2.33 -17.49
C SER C 208 -9.12 -3.28 -18.66
N SER C 209 -9.28 -2.72 -19.86
CA SER C 209 -9.34 -3.55 -21.05
C SER C 209 -7.94 -3.98 -21.45
N THR C 210 -7.86 -5.12 -22.13
CA THR C 210 -6.57 -5.53 -22.67
C THR C 210 -6.81 -6.38 -23.90
N GLY C 211 -6.02 -6.13 -24.94
CA GLY C 211 -6.05 -7.00 -26.09
C GLY C 211 -5.08 -8.15 -25.99
N ALA C 212 -4.48 -8.37 -24.81
CA ALA C 212 -3.38 -9.31 -24.73
C ALA C 212 -3.82 -10.74 -25.00
N ALA C 213 -5.05 -11.10 -24.61
CA ALA C 213 -5.50 -12.46 -24.86
C ALA C 213 -5.85 -12.66 -26.33
N LYS C 214 -6.52 -11.68 -26.94
CA LYS C 214 -6.82 -11.77 -28.37
C LYS C 214 -5.54 -11.80 -29.19
N ALA C 215 -4.53 -11.04 -28.77
CA ALA C 215 -3.26 -10.96 -29.48
C ALA C 215 -2.53 -12.30 -29.54
N VAL C 216 -2.82 -13.22 -28.61
CA VAL C 216 -2.27 -14.57 -28.71
C VAL C 216 -2.63 -15.18 -30.06
N GLY C 217 -3.81 -14.88 -30.58
CA GLY C 217 -4.23 -15.38 -31.87
C GLY C 217 -3.39 -14.87 -33.03
N LYS C 218 -2.65 -13.78 -32.81
CA LYS C 218 -1.74 -13.30 -33.84
C LYS C 218 -0.44 -14.11 -33.85
N VAL C 219 0.08 -14.47 -32.66
CA VAL C 219 1.32 -15.25 -32.62
C VAL C 219 1.05 -16.75 -32.66
N ILE C 220 -0.19 -17.18 -32.38
CA ILE C 220 -0.60 -18.57 -32.54
C ILE C 220 -1.84 -18.57 -33.43
N PRO C 221 -1.66 -18.51 -34.76
CA PRO C 221 -2.81 -18.38 -35.66
C PRO C 221 -3.94 -19.36 -35.38
N GLU C 222 -3.61 -20.59 -34.95
CA GLU C 222 -4.70 -21.53 -34.71
C GLU C 222 -5.57 -21.14 -33.52
N LEU C 223 -5.13 -20.21 -32.68
CA LEU C 223 -5.92 -19.72 -31.55
C LEU C 223 -6.62 -18.40 -31.87
N ASN C 224 -6.58 -17.94 -33.12
CA ASN C 224 -7.26 -16.71 -33.48
C ASN C 224 -8.75 -16.80 -33.16
N GLY C 225 -9.23 -15.81 -32.42
CA GLY C 225 -10.62 -15.73 -32.00
C GLY C 225 -11.01 -16.68 -30.90
N LYS C 226 -10.09 -17.45 -30.36
CA LYS C 226 -10.44 -18.41 -29.31
C LYS C 226 -10.12 -17.93 -27.91
N LEU C 227 -9.48 -16.76 -27.75
CA LEU C 227 -9.15 -16.23 -26.43
C LEU C 227 -9.48 -14.74 -26.36
N THR C 228 -10.02 -14.31 -25.23
CA THR C 228 -10.07 -12.89 -24.91
C THR C 228 -10.10 -12.75 -23.39
N GLY C 229 -10.21 -11.51 -22.93
CA GLY C 229 -10.18 -11.29 -21.49
C GLY C 229 -10.06 -9.83 -21.11
N MET C 230 -9.73 -9.61 -19.85
CA MET C 230 -9.63 -8.27 -19.29
C MET C 230 -8.62 -8.28 -18.15
N SER C 231 -8.40 -7.10 -17.57
CA SER C 231 -7.37 -6.90 -16.56
C SER C 231 -7.96 -6.29 -15.30
N LEU C 232 -7.38 -6.65 -14.15
CA LEU C 232 -7.64 -5.97 -12.89
C LEU C 232 -6.30 -5.48 -12.34
N ARG C 233 -6.10 -4.16 -12.37
CA ARG C 233 -4.91 -3.57 -11.79
C ARG C 233 -5.06 -3.49 -10.28
N VAL C 234 -4.03 -3.93 -9.54
CA VAL C 234 -4.09 -3.99 -8.08
C VAL C 234 -2.82 -3.37 -7.51
N PRO C 235 -2.83 -3.02 -6.20
CA PRO C 235 -1.73 -2.18 -5.67
C PRO C 235 -0.41 -2.89 -5.35
N THR C 236 0.08 -3.76 -6.23
CA THR C 236 1.46 -4.19 -6.18
C THR C 236 2.25 -3.42 -7.24
N THR C 237 3.55 -3.24 -6.98
CA THR C 237 4.39 -2.40 -7.83
C THR C 237 5.02 -3.17 -9.00
N ASP C 238 5.01 -4.49 -8.96
CA ASP C 238 5.53 -5.35 -10.02
C ASP C 238 5.12 -6.79 -9.70
N VAL C 239 5.04 -7.58 -10.77
CA VAL C 239 4.64 -8.99 -10.85
C VAL C 239 3.13 -9.07 -11.00
N SER C 240 2.69 -9.89 -11.95
CA SER C 240 1.30 -9.98 -12.33
C SER C 240 0.99 -11.46 -12.49
N VAL C 241 -0.28 -11.80 -12.64
CA VAL C 241 -0.66 -13.20 -12.72
C VAL C 241 -1.78 -13.38 -13.74
N VAL C 242 -1.62 -14.37 -14.62
CA VAL C 242 -2.65 -14.73 -15.58
C VAL C 242 -3.56 -15.80 -14.98
N ASP C 243 -4.85 -15.56 -15.10
CA ASP C 243 -5.91 -16.43 -14.61
C ASP C 243 -6.69 -16.85 -15.85
N LEU C 244 -6.43 -18.06 -16.35
CA LEU C 244 -6.95 -18.51 -17.63
C LEU C 244 -8.01 -19.59 -17.39
N THR C 245 -9.25 -19.27 -17.71
CA THR C 245 -10.36 -20.21 -17.60
C THR C 245 -10.64 -20.76 -19.00
N VAL C 246 -10.35 -22.05 -19.22
CA VAL C 246 -10.26 -22.57 -20.58
C VAL C 246 -11.12 -23.82 -20.72
N ARG C 247 -11.82 -23.90 -21.85
CA ARG C 247 -12.51 -25.11 -22.28
C ARG C 247 -11.60 -25.89 -23.22
N LEU C 248 -11.39 -27.16 -22.90
CA LEU C 248 -10.49 -28.02 -23.66
C LEU C 248 -11.29 -28.84 -24.68
N LYS C 249 -10.62 -29.20 -25.77
CA LYS C 249 -11.24 -30.06 -26.77
C LYS C 249 -11.23 -31.52 -26.36
N LYS C 250 -10.27 -31.93 -25.53
CA LYS C 250 -10.16 -33.31 -25.07
C LYS C 250 -10.23 -33.36 -23.55
N ALA C 251 -10.86 -34.40 -23.03
CA ALA C 251 -10.97 -34.59 -21.59
C ALA C 251 -9.59 -34.82 -20.97
N ALA C 252 -9.37 -34.18 -19.82
CA ALA C 252 -8.08 -34.23 -19.15
C ALA C 252 -8.30 -34.29 -17.65
N SER C 253 -7.30 -34.82 -16.95
CA SER C 253 -7.17 -34.63 -15.52
C SER C 253 -6.22 -33.45 -15.27
N TYR C 254 -6.35 -32.85 -14.08
CA TYR C 254 -5.45 -31.76 -13.73
C TYR C 254 -4.00 -32.24 -13.69
N GLU C 255 -3.76 -33.41 -13.08
CA GLU C 255 -2.42 -34.00 -13.08
C GLU C 255 -1.87 -34.12 -14.50
N GLU C 256 -2.72 -34.54 -15.44
CA GLU C 256 -2.31 -34.66 -16.83
C GLU C 256 -1.92 -33.31 -17.43
N ILE C 257 -2.71 -32.28 -17.15
CA ILE C 257 -2.37 -30.94 -17.64
C ILE C 257 -1.05 -30.48 -17.03
N ALA C 258 -0.89 -30.65 -15.72
CA ALA C 258 0.33 -30.21 -15.06
C ALA C 258 1.56 -30.93 -15.60
N GLN C 259 1.44 -32.24 -15.87
CA GLN C 259 2.58 -32.98 -16.43
C GLN C 259 2.96 -32.45 -17.80
N ALA C 260 1.96 -32.12 -18.63
CA ALA C 260 2.28 -31.58 -19.95
C ALA C 260 3.02 -30.26 -19.83
N ILE C 261 2.61 -29.42 -18.89
CA ILE C 261 3.27 -28.12 -18.73
C ILE C 261 4.67 -28.30 -18.19
N LYS C 262 4.84 -29.23 -17.25
CA LYS C 262 6.16 -29.51 -16.70
C LYS C 262 7.11 -30.00 -17.79
N LYS C 263 6.63 -30.93 -18.63
CA LYS C 263 7.45 -31.42 -19.74
C LYS C 263 7.86 -30.27 -20.67
N ALA C 264 6.91 -29.40 -21.03
CA ALA C 264 7.25 -28.27 -21.89
C ALA C 264 8.32 -27.38 -21.25
N SER C 265 8.17 -27.11 -19.95
CA SER C 265 9.13 -26.24 -19.26
C SER C 265 10.51 -26.87 -19.16
N GLU C 266 10.57 -28.21 -19.16
CA GLU C 266 11.86 -28.89 -19.11
C GLU C 266 12.50 -29.00 -20.47
N GLY C 267 11.71 -28.88 -21.55
CA GLY C 267 12.21 -29.11 -22.88
C GLY C 267 12.14 -27.88 -23.78
N PRO C 268 11.19 -27.87 -24.71
CA PRO C 268 11.19 -26.83 -25.76
C PRO C 268 10.92 -25.42 -25.25
N LEU C 269 10.32 -25.27 -24.07
CA LEU C 269 10.05 -23.94 -23.54
C LEU C 269 10.93 -23.62 -22.33
N LYS C 270 12.07 -24.28 -22.22
CA LYS C 270 12.99 -24.09 -21.11
C LYS C 270 13.42 -22.63 -21.03
N GLY C 271 13.39 -22.07 -19.83
CA GLY C 271 13.71 -20.67 -19.63
C GLY C 271 12.63 -19.69 -20.02
N VAL C 272 11.58 -20.14 -20.70
CA VAL C 272 10.46 -19.28 -21.08
C VAL C 272 9.23 -19.58 -20.22
N LEU C 273 8.82 -20.84 -20.21
CA LEU C 273 7.74 -21.30 -19.36
C LEU C 273 8.37 -21.99 -18.16
N GLY C 274 8.07 -21.50 -16.95
CA GLY C 274 8.51 -22.13 -15.73
C GLY C 274 7.40 -22.93 -15.07
N TYR C 275 7.80 -23.68 -14.04
CA TYR C 275 6.88 -24.61 -13.40
C TYR C 275 7.21 -24.67 -11.91
N THR C 276 6.20 -24.54 -11.06
CA THR C 276 6.39 -24.69 -9.63
C THR C 276 5.19 -25.36 -8.99
N GLU C 277 5.45 -26.10 -7.91
CA GLU C 277 4.44 -26.63 -7.02
C GLU C 277 4.53 -26.03 -5.62
N ASP C 278 5.31 -24.96 -5.45
CA ASP C 278 5.52 -24.35 -4.14
C ASP C 278 4.41 -23.36 -3.81
N ALA C 279 4.37 -22.95 -2.53
CA ALA C 279 3.35 -22.02 -2.02
C ALA C 279 3.75 -20.57 -2.31
N VAL C 280 3.79 -20.24 -3.61
CA VAL C 280 4.38 -18.98 -4.07
C VAL C 280 3.38 -17.84 -4.01
N VAL C 281 3.91 -16.63 -3.82
CA VAL C 281 3.15 -15.39 -3.91
C VAL C 281 3.92 -14.47 -4.84
N SER C 282 3.32 -13.31 -5.18
CA SER C 282 3.87 -12.50 -6.28
C SER C 282 5.32 -12.08 -6.05
N THR C 283 5.69 -11.71 -4.82
CA THR C 283 7.07 -11.25 -4.63
C THR C 283 8.10 -12.33 -4.92
N ASP C 284 7.71 -13.61 -4.88
CA ASP C 284 8.65 -14.68 -5.19
C ASP C 284 9.11 -14.67 -6.64
N PHE C 285 8.49 -13.85 -7.50
CA PHE C 285 8.89 -13.74 -8.90
C PHE C 285 9.53 -12.41 -9.24
N LEU C 286 9.84 -11.58 -8.25
CA LEU C 286 10.56 -10.35 -8.53
C LEU C 286 11.93 -10.70 -9.09
N GLY C 287 12.25 -10.17 -10.28
CA GLY C 287 13.49 -10.49 -10.93
C GLY C 287 13.56 -11.83 -11.66
N SER C 288 12.44 -12.54 -11.77
CA SER C 288 12.40 -13.77 -12.55
C SER C 288 12.54 -13.50 -14.04
N SER C 289 13.31 -14.35 -14.73
CA SER C 289 13.55 -14.19 -16.17
C SER C 289 12.53 -14.94 -17.02
N TYR C 290 11.62 -15.68 -16.41
CA TYR C 290 10.63 -16.42 -17.18
C TYR C 290 9.57 -15.49 -17.77
N SER C 291 8.99 -15.94 -18.88
CA SER C 291 7.82 -15.25 -19.41
C SER C 291 6.57 -15.63 -18.65
N SER C 292 6.55 -16.83 -18.08
CA SER C 292 5.31 -17.42 -17.61
C SER C 292 5.74 -18.51 -16.62
N ILE C 293 5.25 -18.46 -15.38
CA ILE C 293 5.52 -19.52 -14.41
C ILE C 293 4.20 -20.14 -13.97
N PHE C 294 3.97 -21.37 -14.42
CA PHE C 294 2.78 -22.11 -14.06
C PHE C 294 2.78 -22.44 -12.57
N ASP C 295 1.70 -22.07 -11.89
CA ASP C 295 1.50 -22.31 -10.46
C ASP C 295 0.63 -23.55 -10.34
N GLU C 296 1.26 -24.71 -10.17
CA GLU C 296 0.52 -25.97 -10.23
C GLU C 296 -0.50 -26.08 -9.11
N LYS C 297 -0.18 -25.60 -7.91
CA LYS C 297 -1.09 -25.76 -6.79
C LYS C 297 -2.23 -24.74 -6.77
N ALA C 298 -2.12 -23.63 -7.52
CA ALA C 298 -3.16 -22.59 -7.46
C ALA C 298 -4.35 -22.86 -8.37
N GLY C 299 -4.21 -23.70 -9.38
CA GLY C 299 -5.30 -23.89 -10.33
C GLY C 299 -6.36 -24.86 -9.86
N ILE C 300 -7.47 -24.93 -10.60
CA ILE C 300 -8.56 -25.83 -10.20
C ILE C 300 -9.31 -26.29 -11.45
N LEU C 301 -9.66 -27.57 -11.47
CA LEU C 301 -10.43 -28.17 -12.54
C LEU C 301 -11.87 -28.39 -12.08
N LEU C 302 -12.84 -27.98 -12.91
CA LEU C 302 -14.22 -28.28 -12.59
C LEU C 302 -14.72 -29.55 -13.28
N SER C 303 -14.45 -29.66 -14.55
CA SER C 303 -14.82 -30.86 -15.30
C SER C 303 -13.62 -31.21 -16.17
N PRO C 304 -13.57 -32.41 -16.77
CA PRO C 304 -12.40 -32.77 -17.61
C PRO C 304 -12.14 -31.84 -18.79
N THR C 305 -13.09 -30.98 -19.18
CA THR C 305 -12.82 -30.04 -20.25
C THR C 305 -13.00 -28.59 -19.82
N PHE C 306 -12.95 -28.31 -18.52
CA PHE C 306 -13.18 -26.95 -18.01
C PHE C 306 -12.28 -26.73 -16.80
N VAL C 307 -11.25 -25.92 -16.95
CA VAL C 307 -10.19 -25.80 -15.95
C VAL C 307 -9.71 -24.36 -15.86
N LYS C 308 -9.20 -23.99 -14.69
CA LYS C 308 -8.61 -22.67 -14.45
C LYS C 308 -7.12 -22.85 -14.17
N LEU C 309 -6.29 -22.20 -15.00
CA LEU C 309 -4.84 -22.29 -14.93
C LEU C 309 -4.26 -20.94 -14.53
N ILE C 310 -3.26 -20.96 -13.65
CA ILE C 310 -2.66 -19.78 -13.03
C ILE C 310 -1.19 -19.72 -13.41
N SER C 311 -0.75 -18.59 -13.94
CA SER C 311 0.66 -18.43 -14.33
C SER C 311 1.19 -17.05 -14.00
N TRP C 312 2.35 -16.99 -13.34
CA TRP C 312 2.95 -15.74 -12.87
C TRP C 312 3.89 -15.15 -13.92
N TYR C 313 4.15 -13.83 -13.77
CA TYR C 313 5.18 -13.17 -14.58
C TYR C 313 5.60 -11.87 -13.94
N ASP C 314 6.92 -11.64 -13.92
CA ASP C 314 7.47 -10.32 -13.62
C ASP C 314 7.28 -9.47 -14.88
N ASN C 315 6.22 -8.66 -14.89
CA ASN C 315 5.85 -7.92 -16.10
C ASN C 315 6.95 -6.96 -16.55
N GLU C 316 7.79 -6.48 -15.63
CA GLU C 316 8.93 -5.65 -16.02
C GLU C 316 10.10 -6.50 -16.50
N TYR C 317 10.55 -7.44 -15.67
CA TYR C 317 11.86 -8.05 -15.91
C TYR C 317 11.80 -9.27 -16.81
N GLY C 318 10.81 -10.13 -16.65
CA GLY C 318 10.64 -11.21 -17.60
C GLY C 318 10.50 -10.69 -19.03
N TYR C 319 9.64 -9.69 -19.21
CA TYR C 319 9.46 -9.11 -20.54
C TYR C 319 10.73 -8.47 -21.06
N SER C 320 11.42 -7.70 -20.22
CA SER C 320 12.68 -7.08 -20.63
C SER C 320 13.70 -8.12 -21.09
N THR C 321 13.75 -9.26 -20.39
CA THR C 321 14.65 -10.33 -20.82
C THR C 321 14.24 -10.85 -22.19
N ARG C 322 12.93 -10.99 -22.43
CA ARG C 322 12.47 -11.45 -23.74
C ARG C 322 12.81 -10.44 -24.83
N VAL C 323 12.74 -9.14 -24.52
CA VAL C 323 13.14 -8.13 -25.50
C VAL C 323 14.56 -8.40 -25.98
N VAL C 324 15.47 -8.67 -25.04
CA VAL C 324 16.87 -8.92 -25.40
C VAL C 324 17.00 -10.26 -26.11
N ASP C 325 16.21 -11.26 -25.69
CA ASP C 325 16.22 -12.55 -26.37
C ASP C 325 15.76 -12.42 -27.82
N LEU C 326 14.71 -11.61 -28.06
CA LEU C 326 14.23 -11.43 -29.43
C LEU C 326 15.25 -10.69 -30.28
N LEU C 327 15.92 -9.69 -29.68
CA LEU C 327 16.97 -8.96 -30.39
C LEU C 327 18.08 -9.89 -30.85
N GLU C 328 18.54 -10.78 -29.96
CA GLU C 328 19.61 -11.69 -30.31
C GLU C 328 19.15 -12.70 -31.36
N HIS C 329 17.86 -13.01 -31.39
CA HIS C 329 17.36 -13.90 -32.44
C HIS C 329 17.27 -13.19 -33.78
N VAL C 330 16.83 -11.94 -33.78
CA VAL C 330 16.80 -11.15 -35.01
C VAL C 330 18.20 -11.03 -35.60
N ALA C 331 19.18 -10.68 -34.76
CA ALA C 331 20.55 -10.54 -35.22
C ALA C 331 21.06 -11.86 -35.81
N LYS C 332 20.83 -12.96 -35.15
CA LYS C 332 21.31 -14.22 -35.64
C LYS C 332 20.62 -14.62 -36.95
N ALA C 333 19.30 -14.40 -37.03
CA ALA C 333 18.60 -14.77 -38.24
C ALA C 333 18.97 -13.89 -39.38
N SER C 334 19.53 -12.74 -39.06
CA SER C 334 19.83 -11.76 -40.05
C SER C 334 21.30 -11.76 -40.47
N ALA C 335 22.01 -12.81 -40.11
CA ALA C 335 23.39 -12.90 -40.47
C ALA C 335 23.62 -13.75 -41.71
N ALA D 2 34.88 -23.32 16.36
CA ALA D 2 33.63 -22.96 15.70
C ALA D 2 32.65 -22.39 16.71
N ILE D 3 31.99 -21.29 16.34
CA ILE D 3 30.95 -20.70 17.17
C ILE D 3 29.67 -21.49 16.92
N LYS D 4 29.27 -22.31 17.90
CA LYS D 4 28.11 -23.19 17.75
C LYS D 4 26.89 -22.52 18.38
N ILE D 5 25.88 -22.24 17.55
CA ILE D 5 24.76 -21.40 17.97
C ILE D 5 23.42 -22.05 17.65
N GLY D 6 22.40 -21.54 18.35
CA GLY D 6 21.02 -21.82 18.01
C GLY D 6 20.24 -20.53 18.00
N ILE D 7 19.08 -20.57 17.35
CA ILE D 7 18.21 -19.40 17.21
C ILE D 7 16.84 -19.75 17.79
N ASN D 8 16.34 -18.91 18.68
CA ASN D 8 15.02 -19.10 19.27
C ASN D 8 14.07 -18.04 18.73
N GLY D 9 13.05 -18.48 18.00
CA GLY D 9 12.20 -17.54 17.30
C GLY D 9 12.67 -17.38 15.87
N PHE D 10 12.08 -18.15 14.96
CA PHE D 10 12.51 -18.20 13.58
C PHE D 10 11.66 -17.24 12.74
N GLY D 11 11.70 -15.98 13.14
CA GLY D 11 10.88 -14.93 12.56
C GLY D 11 11.67 -14.05 11.61
N ARG D 12 11.24 -12.79 11.49
CA ARG D 12 11.97 -11.86 10.61
C ARG D 12 13.45 -11.81 11.01
N ILE D 13 13.74 -11.53 12.28
CA ILE D 13 15.12 -11.43 12.71
C ILE D 13 15.78 -12.81 12.75
N GLY D 14 15.09 -13.81 13.29
CA GLY D 14 15.66 -15.15 13.38
C GLY D 14 16.13 -15.68 12.03
N ARG D 15 15.30 -15.53 10.99
CA ARG D 15 15.65 -16.08 9.68
C ARG D 15 16.74 -15.27 9.01
N LEU D 16 16.72 -13.94 9.15
CA LEU D 16 17.74 -13.11 8.53
C LEU D 16 19.07 -13.24 9.26
N VAL D 17 19.02 -13.45 10.58
CA VAL D 17 20.24 -13.78 11.30
C VAL D 17 20.85 -15.06 10.74
N LEU D 18 20.00 -16.05 10.42
CA LEU D 18 20.48 -17.27 9.79
C LEU D 18 21.15 -16.97 8.45
N ARG D 19 20.50 -16.15 7.60
CA ARG D 19 21.12 -15.77 6.32
C ARG D 19 22.51 -15.15 6.53
N VAL D 20 22.64 -14.27 7.51
CA VAL D 20 23.94 -13.63 7.76
C VAL D 20 24.92 -14.64 8.35
N ALA D 21 24.47 -15.42 9.33
CA ALA D 21 25.35 -16.38 10.00
C ALA D 21 25.91 -17.42 9.03
N LEU D 22 25.12 -17.83 8.03
CA LEU D 22 25.59 -18.81 7.06
C LEU D 22 26.72 -18.29 6.19
N GLY D 23 26.93 -16.98 6.12
CA GLY D 23 28.05 -16.40 5.43
C GLY D 23 29.29 -16.14 6.27
N ARG D 24 29.32 -16.60 7.52
CA ARG D 24 30.45 -16.42 8.42
C ARG D 24 31.12 -17.77 8.65
N LYS D 25 32.41 -17.86 8.30
CA LYS D 25 33.08 -19.16 8.27
C LYS D 25 33.14 -19.81 9.65
N ASP D 26 33.25 -19.01 10.72
CA ASP D 26 33.50 -19.54 12.05
C ASP D 26 32.24 -19.94 12.80
N ILE D 27 31.06 -19.76 12.20
CA ILE D 27 29.80 -20.00 12.87
C ILE D 27 29.22 -21.31 12.37
N GLU D 28 28.77 -22.15 13.29
CA GLU D 28 27.97 -23.32 12.95
C GLU D 28 26.61 -23.16 13.62
N VAL D 29 25.56 -23.00 12.81
CA VAL D 29 24.20 -22.96 13.33
C VAL D 29 23.75 -24.40 13.52
N VAL D 30 23.57 -24.80 14.78
CA VAL D 30 23.26 -26.19 15.09
C VAL D 30 21.77 -26.46 15.05
N ALA D 31 20.94 -25.51 15.53
CA ALA D 31 19.52 -25.76 15.67
C ALA D 31 18.76 -24.44 15.68
N VAL D 32 17.46 -24.54 15.40
CA VAL D 32 16.52 -23.43 15.61
C VAL D 32 15.33 -23.99 16.36
N ASN D 33 14.63 -23.10 17.06
CA ASN D 33 13.44 -23.49 17.81
C ASN D 33 12.32 -22.50 17.53
N ASP D 34 11.15 -23.03 17.22
CA ASP D 34 9.94 -22.24 17.00
C ASP D 34 8.74 -23.19 17.06
N PRO D 35 7.88 -23.07 18.08
CA PRO D 35 6.76 -24.01 18.20
C PRO D 35 5.73 -23.86 17.12
N PHE D 36 5.77 -22.78 16.34
CA PHE D 36 4.78 -22.54 15.29
C PHE D 36 5.28 -22.90 13.90
N ILE D 37 6.51 -23.38 13.77
CA ILE D 37 7.12 -23.64 12.46
C ILE D 37 7.73 -25.02 12.47
N ALA D 38 7.11 -25.96 11.73
CA ALA D 38 7.61 -27.31 11.55
C ALA D 38 8.78 -27.31 10.57
N PRO D 39 9.58 -28.38 10.55
CA PRO D 39 10.76 -28.41 9.69
C PRO D 39 10.51 -28.09 8.22
N ASP D 40 9.51 -28.71 7.58
CA ASP D 40 9.27 -28.39 6.17
C ASP D 40 8.74 -26.97 6.02
N TYR D 41 7.95 -26.49 6.97
CA TYR D 41 7.51 -25.11 6.94
C TYR D 41 8.69 -24.16 7.14
N ALA D 42 9.65 -24.55 7.99
CA ALA D 42 10.83 -23.71 8.19
C ALA D 42 11.62 -23.56 6.90
N ALA D 43 11.70 -24.63 6.10
CA ALA D 43 12.40 -24.54 4.82
C ALA D 43 11.69 -23.57 3.88
N TYR D 44 10.36 -23.61 3.87
CA TYR D 44 9.60 -22.69 3.01
C TYR D 44 9.81 -21.24 3.43
N MET D 45 9.65 -20.95 4.73
CA MET D 45 9.78 -19.58 5.22
C MET D 45 11.20 -19.06 5.01
N PHE D 46 12.20 -19.93 5.17
CA PHE D 46 13.57 -19.47 4.96
C PHE D 46 13.86 -19.22 3.49
N LYS D 47 13.32 -20.06 2.60
CA LYS D 47 13.65 -20.01 1.17
C LYS D 47 13.05 -18.78 0.49
N TYR D 48 11.81 -18.46 0.78
CA TYR D 48 11.09 -17.38 0.10
C TYR D 48 10.92 -16.23 1.08
N ASP D 49 11.24 -15.02 0.64
CA ASP D 49 11.12 -13.85 1.51
C ASP D 49 10.53 -12.68 0.73
N SER D 50 9.42 -12.14 1.22
CA SER D 50 8.73 -11.09 0.47
C SER D 50 9.57 -9.82 0.40
N THR D 51 10.47 -9.60 1.35
CA THR D 51 11.25 -8.37 1.43
C THR D 51 12.64 -8.50 0.83
N HIS D 52 13.33 -9.61 1.06
CA HIS D 52 14.74 -9.73 0.72
C HIS D 52 15.01 -10.80 -0.33
N GLY D 53 13.98 -11.32 -1.00
CA GLY D 53 14.17 -12.23 -2.12
C GLY D 53 14.37 -13.68 -1.71
N ARG D 54 14.50 -14.53 -2.72
CA ARG D 54 14.75 -15.93 -2.45
C ARG D 54 16.16 -16.14 -1.92
N TYR D 55 16.31 -17.11 -1.04
CA TYR D 55 17.66 -17.48 -0.62
C TYR D 55 18.42 -18.08 -1.80
N LYS D 56 19.62 -17.56 -2.05
CA LYS D 56 20.48 -18.01 -3.15
C LYS D 56 21.23 -19.25 -2.66
N GLY D 57 20.58 -20.39 -2.78
CA GLY D 57 21.13 -21.63 -2.26
C GLY D 57 20.04 -22.67 -2.19
N GLU D 58 20.44 -23.88 -1.85
CA GLU D 58 19.54 -25.02 -1.79
C GLU D 58 18.94 -25.12 -0.39
N VAL D 59 17.62 -25.19 -0.31
CA VAL D 59 16.89 -25.20 0.95
C VAL D 59 15.88 -26.33 0.89
N THR D 60 16.05 -27.34 1.74
CA THR D 60 15.09 -28.43 1.85
C THR D 60 14.88 -28.75 3.32
N ALA D 61 14.05 -29.75 3.58
CA ALA D 61 13.87 -30.31 4.90
C ALA D 61 13.92 -31.82 4.81
N SER D 62 14.40 -32.46 5.87
CA SER D 62 14.51 -33.92 5.89
C SER D 62 14.29 -34.38 7.32
N GLY D 63 13.17 -35.05 7.57
CA GLY D 63 12.86 -35.48 8.92
C GLY D 63 12.69 -34.28 9.82
N ASP D 64 13.56 -34.15 10.81
CA ASP D 64 13.51 -33.05 11.76
C ASP D 64 14.56 -31.98 11.48
N ASP D 65 15.23 -32.05 10.33
CA ASP D 65 16.29 -31.12 9.99
C ASP D 65 15.85 -30.15 8.91
N LEU D 66 16.24 -28.91 9.09
CA LEU D 66 16.30 -27.93 8.01
C LEU D 66 17.66 -28.07 7.35
N VAL D 67 17.68 -28.21 6.03
CA VAL D 67 18.92 -28.51 5.32
C VAL D 67 19.19 -27.36 4.35
N ILE D 68 20.29 -26.65 4.58
CA ILE D 68 20.66 -25.51 3.75
C ILE D 68 22.04 -25.74 3.19
N ASP D 69 22.13 -25.85 1.86
CA ASP D 69 23.39 -26.11 1.17
C ASP D 69 24.16 -27.27 1.81
N GLY D 70 23.44 -28.35 2.11
CA GLY D 70 24.02 -29.54 2.66
C GLY D 70 24.15 -29.56 4.17
N HIS D 71 24.15 -28.41 4.82
CA HIS D 71 24.28 -28.34 6.27
C HIS D 71 22.92 -28.57 6.93
N LYS D 72 22.86 -29.54 7.84
CA LYS D 72 21.62 -29.86 8.53
C LYS D 72 21.51 -29.06 9.83
N ILE D 73 20.31 -28.52 10.06
CA ILE D 73 20.00 -27.72 11.23
C ILE D 73 18.79 -28.33 11.90
N LYS D 74 18.93 -28.73 13.16
CA LYS D 74 17.81 -29.33 13.87
C LYS D 74 16.72 -28.29 14.13
N VAL D 75 15.47 -28.74 14.01
CA VAL D 75 14.32 -27.87 14.22
C VAL D 75 13.59 -28.38 15.45
N PHE D 76 13.60 -27.58 16.51
CA PHE D 76 12.82 -27.89 17.71
C PHE D 76 11.54 -27.07 17.70
N GLN D 77 10.58 -27.49 18.51
CA GLN D 77 9.29 -26.81 18.55
C GLN D 77 8.77 -26.68 19.99
N GLU D 78 9.64 -26.20 20.88
CA GLU D 78 9.30 -26.04 22.29
C GLU D 78 8.81 -24.62 22.58
N ARG D 79 7.62 -24.53 23.20
CA ARG D 79 7.14 -23.22 23.65
C ARG D 79 7.95 -22.71 24.83
N ASP D 80 8.48 -23.62 25.66
CA ASP D 80 9.23 -23.30 26.87
C ASP D 80 10.71 -23.46 26.56
N PRO D 81 11.51 -22.39 26.58
CA PRO D 81 12.93 -22.54 26.24
C PRO D 81 13.68 -23.46 27.19
N ALA D 82 13.20 -23.63 28.43
CA ALA D 82 13.79 -24.59 29.35
C ALA D 82 13.77 -26.02 28.78
N ASN D 83 12.86 -26.30 27.85
CA ASN D 83 12.75 -27.63 27.25
C ASN D 83 13.52 -27.76 25.95
N ILE D 84 14.27 -26.73 25.53
CA ILE D 84 15.09 -26.88 24.33
C ILE D 84 16.38 -27.61 24.69
N PRO D 85 16.71 -28.71 24.02
CA PRO D 85 17.95 -29.43 24.35
C PRO D 85 19.19 -28.77 23.76
N TRP D 86 19.47 -27.54 24.21
CA TRP D 86 20.65 -26.83 23.73
C TRP D 86 21.93 -27.57 24.12
N GLY D 87 22.05 -27.94 25.39
CA GLY D 87 23.25 -28.61 25.85
C GLY D 87 23.51 -29.90 25.11
N LYS D 88 22.51 -30.79 25.06
CA LYS D 88 22.68 -32.06 24.36
C LYS D 88 23.07 -31.84 22.90
N SER D 89 22.53 -30.78 22.28
CA SER D 89 22.87 -30.49 20.89
C SER D 89 24.23 -29.80 20.74
N GLY D 90 24.87 -29.42 21.84
CA GLY D 90 26.15 -28.74 21.75
C GLY D 90 26.09 -27.28 21.38
N VAL D 91 24.98 -26.61 21.65
CA VAL D 91 24.83 -25.18 21.35
C VAL D 91 25.40 -24.40 22.52
N ASP D 92 26.32 -23.48 22.23
CA ASP D 92 26.88 -22.62 23.26
C ASP D 92 26.22 -21.25 23.34
N TYR D 93 25.82 -20.69 22.19
CA TYR D 93 25.27 -19.34 22.09
C TYR D 93 23.85 -19.39 21.53
N VAL D 94 22.92 -18.73 22.21
CA VAL D 94 21.53 -18.67 21.74
C VAL D 94 21.21 -17.24 21.32
N ILE D 95 20.70 -17.10 20.11
CA ILE D 95 20.14 -15.84 19.63
C ILE D 95 18.66 -15.84 20.00
N GLU D 96 18.26 -14.91 20.85
CA GLU D 96 16.91 -14.90 21.44
C GLU D 96 16.09 -13.87 20.68
N SER D 97 15.38 -14.34 19.65
CA SER D 97 14.67 -13.46 18.72
C SER D 97 13.17 -13.74 18.69
N THR D 98 12.60 -14.20 19.81
CA THR D 98 11.15 -14.41 19.86
C THR D 98 10.39 -13.12 20.15
N GLY D 99 11.03 -12.15 20.81
CA GLY D 99 10.35 -11.02 21.35
C GLY D 99 9.66 -11.27 22.67
N VAL D 100 9.74 -12.49 23.21
CA VAL D 100 9.00 -12.88 24.39
C VAL D 100 9.89 -13.09 25.61
N PHE D 101 11.16 -13.40 25.43
CA PHE D 101 12.07 -13.66 26.54
C PHE D 101 13.17 -12.61 26.58
N THR D 102 12.77 -11.36 26.82
CA THR D 102 13.70 -10.24 26.70
C THR D 102 14.30 -9.82 28.04
N LYS D 103 13.91 -10.44 29.15
CA LYS D 103 14.49 -10.15 30.45
C LYS D 103 15.44 -11.26 30.88
N LEU D 104 16.28 -10.95 31.86
CA LEU D 104 17.26 -11.92 32.35
C LEU D 104 16.58 -13.21 32.78
N GLU D 105 15.46 -13.10 33.47
CA GLU D 105 14.76 -14.28 33.99
C GLU D 105 14.31 -15.20 32.86
N GLY D 106 13.84 -14.62 31.76
CA GLY D 106 13.41 -15.45 30.64
C GLY D 106 14.57 -16.05 29.87
N ALA D 107 15.54 -15.23 29.49
CA ALA D 107 16.69 -15.70 28.73
C ALA D 107 17.55 -16.68 29.52
N GLN D 108 17.51 -16.62 30.86
CA GLN D 108 18.27 -17.56 31.68
C GLN D 108 17.85 -19.00 31.43
N LYS D 109 16.59 -19.21 31.03
CA LYS D 109 16.13 -20.57 30.75
C LYS D 109 16.98 -21.24 29.68
N HIS D 110 17.50 -20.46 28.72
CA HIS D 110 18.39 -21.03 27.71
C HIS D 110 19.66 -21.59 28.34
N ILE D 111 20.16 -20.93 29.37
CA ILE D 111 21.37 -21.40 30.04
C ILE D 111 21.07 -22.59 30.94
N ASP D 112 19.92 -22.57 31.64
CA ASP D 112 19.48 -23.77 32.37
C ASP D 112 19.32 -24.96 31.43
N ALA D 113 19.03 -24.72 30.16
CA ALA D 113 18.88 -25.78 29.18
C ALA D 113 20.19 -26.15 28.51
N GLY D 114 21.31 -25.58 28.95
CA GLY D 114 22.60 -26.05 28.49
C GLY D 114 23.37 -25.12 27.60
N ALA D 115 22.79 -23.98 27.19
CA ALA D 115 23.60 -23.02 26.47
C ALA D 115 24.50 -22.27 27.45
N LYS D 116 25.49 -21.56 26.92
CA LYS D 116 26.40 -20.77 27.74
C LYS D 116 26.00 -19.30 27.79
N LYS D 117 25.70 -18.70 26.64
CA LYS D 117 25.44 -17.26 26.56
C LYS D 117 24.28 -16.98 25.62
N VAL D 118 23.54 -15.90 25.90
CA VAL D 118 22.35 -15.52 25.16
C VAL D 118 22.49 -14.07 24.71
N ILE D 119 22.17 -13.79 23.45
CA ILE D 119 22.05 -12.44 22.92
C ILE D 119 20.58 -12.22 22.58
N ILE D 120 19.93 -11.30 23.30
CA ILE D 120 18.55 -10.93 23.07
C ILE D 120 18.49 -9.91 21.94
N THR D 121 17.70 -10.19 20.91
CA THR D 121 17.67 -9.31 19.73
C THR D 121 16.63 -8.20 19.90
N ALA D 122 16.67 -7.55 21.06
CA ALA D 122 15.70 -6.54 21.44
C ALA D 122 16.24 -5.80 22.66
N PRO D 123 15.72 -4.60 22.95
CA PRO D 123 16.04 -3.97 24.23
C PRO D 123 15.57 -4.86 25.39
N SER D 124 16.34 -4.82 26.47
CA SER D 124 16.00 -5.56 27.68
C SER D 124 15.84 -4.55 28.82
N ALA D 125 14.85 -4.79 29.68
CA ALA D 125 14.76 -4.02 30.90
C ALA D 125 15.86 -4.36 31.88
N ASP D 126 16.58 -5.46 31.61
CA ASP D 126 17.37 -6.20 32.59
C ASP D 126 18.81 -6.36 32.16
N ALA D 127 19.04 -6.88 30.97
CA ALA D 127 20.33 -7.30 30.48
C ALA D 127 21.12 -6.10 29.97
N PRO D 128 22.44 -6.10 30.13
CA PRO D 128 23.24 -5.01 29.59
C PRO D 128 23.12 -4.96 28.07
N MET D 129 23.04 -3.74 27.54
CA MET D 129 22.79 -3.51 26.13
C MET D 129 24.06 -3.06 25.44
N PHE D 130 24.26 -3.54 24.22
CA PHE D 130 25.42 -3.18 23.41
C PHE D 130 24.98 -2.75 22.02
N VAL D 131 25.74 -1.80 21.47
CA VAL D 131 25.63 -1.36 20.09
C VAL D 131 27.01 -1.44 19.47
N VAL D 132 27.16 -2.30 18.46
CA VAL D 132 28.45 -2.47 17.80
C VAL D 132 28.88 -1.16 17.15
N GLY D 133 30.15 -0.82 17.33
CA GLY D 133 30.67 0.45 16.90
C GLY D 133 30.64 1.52 17.96
N VAL D 134 29.90 1.29 19.04
CA VAL D 134 29.65 2.29 20.06
C VAL D 134 30.17 1.83 21.42
N ASN D 135 29.78 0.63 21.86
CA ASN D 135 30.23 0.20 23.19
C ASN D 135 30.50 -1.30 23.29
N GLU D 136 30.75 -2.02 22.19
CA GLU D 136 30.96 -3.46 22.36
C GLU D 136 32.27 -3.78 23.10
N ASP D 137 33.22 -2.83 23.17
CA ASP D 137 34.42 -3.08 23.96
C ASP D 137 34.16 -3.08 25.45
N LYS D 138 32.97 -2.64 25.89
CA LYS D 138 32.57 -2.81 27.27
C LYS D 138 32.01 -4.19 27.56
N TYR D 139 31.86 -5.05 26.56
CA TYR D 139 31.45 -6.42 26.85
C TYR D 139 32.59 -7.16 27.54
N THR D 140 32.25 -7.90 28.60
CA THR D 140 33.20 -8.77 29.27
C THR D 140 32.60 -10.15 29.47
N PRO D 141 33.44 -11.20 29.39
CA PRO D 141 32.89 -12.56 29.25
C PRO D 141 32.19 -13.09 30.50
N ASP D 142 32.25 -12.39 31.63
CA ASP D 142 31.40 -12.74 32.75
C ASP D 142 29.92 -12.42 32.50
N LEU D 143 29.64 -11.57 31.53
CA LEU D 143 28.25 -11.30 31.15
C LEU D 143 27.73 -12.44 30.28
N LYS D 144 26.75 -13.18 30.79
CA LYS D 144 26.21 -14.34 30.08
C LYS D 144 24.96 -14.01 29.26
N ILE D 145 24.20 -13.00 29.64
CA ILE D 145 22.98 -12.62 28.93
C ILE D 145 23.07 -11.15 28.58
N ILE D 146 23.08 -10.83 27.29
CA ILE D 146 23.18 -9.44 26.87
C ILE D 146 22.11 -9.14 25.81
N SER D 147 21.97 -7.85 25.53
CA SER D 147 21.00 -7.31 24.59
C SER D 147 21.73 -6.54 23.50
N ASN D 148 21.26 -6.69 22.26
CA ASN D 148 21.78 -5.92 21.15
C ASN D 148 20.95 -4.66 20.90
N ALA D 149 20.17 -4.24 21.89
CA ALA D 149 19.33 -3.05 21.81
C ALA D 149 18.31 -3.16 20.68
N SER D 150 17.78 -2.03 20.23
CA SER D 150 16.76 -2.01 19.19
C SER D 150 17.36 -1.58 17.85
N CSD D 151 16.65 -1.84 16.76
CA CSD D 151 17.10 -1.40 15.46
CB CSD D 151 16.20 -1.93 14.32
SG CSD D 151 14.44 -1.85 14.55
C CSD D 151 17.18 0.13 15.36
O CSD D 151 18.34 0.70 14.92
OD1 CSD D 151 14.06 -0.44 14.54
OD2 CSD D 151 14.16 -2.25 16.17
N THR D 152 16.39 0.85 16.17
CA THR D 152 16.39 2.30 16.08
C THR D 152 17.56 2.84 16.90
N THR D 153 17.83 2.18 18.04
CA THR D 153 18.99 2.59 18.82
C THR D 153 20.28 2.36 18.04
N ASN D 154 20.37 1.26 17.29
CA ASN D 154 21.55 0.99 16.49
C ASN D 154 21.72 1.98 15.36
N CYS D 155 20.64 2.63 14.92
CA CYS D 155 20.78 3.70 13.93
C CYS D 155 21.20 5.00 14.60
N LEU D 156 20.56 5.33 15.73
CA LEU D 156 20.79 6.64 16.33
C LEU D 156 22.14 6.71 17.04
N ALA D 157 22.55 5.64 17.72
CA ALA D 157 23.74 5.72 18.57
C ALA D 157 25.02 6.01 17.80
N PRO D 158 25.36 5.32 16.70
CA PRO D 158 26.59 5.70 15.98
C PRO D 158 26.57 7.13 15.48
N LEU D 159 25.42 7.58 14.97
CA LEU D 159 25.28 8.98 14.56
C LEU D 159 25.48 9.92 15.74
N ALA D 160 24.79 9.68 16.85
CA ALA D 160 24.95 10.56 18.00
C ALA D 160 26.39 10.56 18.51
N LYS D 161 27.08 9.42 18.43
CA LYS D 161 28.46 9.34 18.92
C LYS D 161 29.38 10.28 18.15
N VAL D 162 29.28 10.26 16.82
CA VAL D 162 30.11 11.15 16.01
C VAL D 162 29.80 12.60 16.32
N VAL D 163 28.51 12.94 16.33
CA VAL D 163 28.11 14.33 16.55
C VAL D 163 28.54 14.79 17.94
N ASN D 164 28.30 13.94 18.95
CA ASN D 164 28.71 14.29 20.31
C ASN D 164 30.22 14.39 20.44
N ASP D 165 30.96 13.47 19.80
CA ASP D 165 32.42 13.48 19.89
C ASP D 165 32.98 14.77 19.30
N THR D 166 32.41 15.24 18.19
CA THR D 166 32.99 16.36 17.47
C THR D 166 32.44 17.71 17.93
N PHE D 167 31.14 17.81 18.17
CA PHE D 167 30.53 19.08 18.50
C PHE D 167 29.86 19.13 19.87
N GLY D 168 29.69 18.00 20.54
CA GLY D 168 28.93 17.95 21.77
C GLY D 168 27.44 18.06 21.55
N ILE D 169 26.68 17.12 22.11
CA ILE D 169 25.22 17.18 22.04
C ILE D 169 24.71 17.74 23.35
N GLU D 170 24.05 18.90 23.26
CA GLU D 170 23.39 19.47 24.44
C GLU D 170 22.10 18.73 24.76
N GLU D 171 21.26 18.54 23.74
CA GLU D 171 20.02 17.76 23.88
C GLU D 171 19.48 17.51 22.49
N GLY D 172 18.70 16.44 22.36
CA GLY D 172 18.14 16.09 21.08
C GLY D 172 16.82 15.36 21.17
N LEU D 173 15.93 15.66 20.24
CA LEU D 173 14.65 14.99 20.15
C LEU D 173 14.57 14.28 18.81
N MET D 174 14.15 13.00 18.83
CA MET D 174 14.19 12.15 17.66
C MET D 174 12.79 11.68 17.29
N THR D 175 12.52 11.61 15.99
CA THR D 175 11.42 10.81 15.47
C THR D 175 12.01 9.76 14.56
N THR D 176 11.56 8.52 14.72
CA THR D 176 11.81 7.51 13.71
C THR D 176 10.53 7.32 12.90
N VAL D 177 10.63 7.48 11.60
CA VAL D 177 9.57 7.13 10.67
C VAL D 177 9.87 5.70 10.22
N HIS D 178 9.02 4.75 10.65
CA HIS D 178 9.43 3.35 10.80
C HIS D 178 8.52 2.44 10.00
N SER D 179 9.11 1.44 9.34
CA SER D 179 8.30 0.47 8.62
C SER D 179 7.46 -0.38 9.57
N ILE D 180 6.37 -0.94 9.04
CA ILE D 180 5.53 -1.80 9.86
C ILE D 180 6.27 -3.07 10.22
N THR D 181 5.88 -3.69 11.34
CA THR D 181 6.48 -4.92 11.82
C THR D 181 5.39 -5.93 12.15
N ALA D 182 5.83 -7.12 12.58
CA ALA D 182 4.92 -8.24 12.83
C ALA D 182 3.93 -7.99 13.97
N THR D 183 4.22 -7.08 14.91
CA THR D 183 3.26 -6.82 15.97
C THR D 183 2.02 -6.06 15.48
N GLN D 184 2.07 -5.45 14.29
CA GLN D 184 0.93 -4.69 13.80
C GLN D 184 -0.12 -5.62 13.18
N LYS D 185 -1.28 -5.03 12.81
CA LYS D 185 -2.42 -5.78 12.30
C LYS D 185 -2.77 -5.40 10.87
N THR D 186 -3.27 -6.38 10.10
CA THR D 186 -3.64 -6.10 8.71
C THR D 186 -4.89 -5.26 8.60
N VAL D 187 -5.84 -5.43 9.53
CA VAL D 187 -7.04 -4.59 9.62
C VAL D 187 -7.26 -4.30 11.10
N ASP D 188 -8.12 -3.30 11.37
CA ASP D 188 -8.35 -2.85 12.75
C ASP D 188 -8.67 -4.04 13.64
N GLY D 189 -7.80 -4.34 14.59
CA GLY D 189 -7.99 -5.49 15.45
C GLY D 189 -7.48 -5.25 16.85
N PRO D 190 -7.69 -6.23 17.73
CA PRO D 190 -7.36 -6.03 19.15
C PRO D 190 -5.86 -5.96 19.40
N SER D 191 -5.48 -4.98 20.21
CA SER D 191 -4.11 -4.71 20.59
C SER D 191 -4.17 -3.99 21.94
N HIS D 192 -4.60 -4.71 22.97
CA HIS D 192 -5.04 -4.05 24.19
C HIS D 192 -3.93 -3.27 24.90
N LYS D 193 -2.67 -3.60 24.66
CA LYS D 193 -1.57 -2.88 25.30
C LYS D 193 -1.04 -1.73 24.47
N ASP D 194 -1.55 -1.56 23.24
CA ASP D 194 -1.07 -0.56 22.29
C ASP D 194 -2.20 -0.30 21.31
N TRP D 195 -3.18 0.53 21.69
CA TRP D 195 -4.39 0.64 20.90
C TRP D 195 -4.10 1.13 19.49
N ARG D 196 -3.22 2.13 19.35
CA ARG D 196 -2.91 2.63 18.00
C ARG D 196 -2.33 1.52 17.15
N GLY D 197 -1.50 0.66 17.75
CA GLY D 197 -0.87 -0.42 17.01
C GLY D 197 -1.82 -1.50 16.52
N GLY D 198 -3.07 -1.51 16.96
CA GLY D 198 -4.05 -2.43 16.42
C GLY D 198 -4.68 -1.99 15.11
N ARG D 199 -4.47 -0.74 14.71
CA ARG D 199 -5.17 -0.20 13.56
C ARG D 199 -4.48 -0.60 12.25
N THR D 200 -5.27 -0.67 11.18
CA THR D 200 -4.81 -1.11 9.86
C THR D 200 -3.41 -0.62 9.52
N ALA D 201 -2.47 -1.57 9.42
CA ALA D 201 -1.07 -1.19 9.31
C ALA D 201 -0.75 -0.51 7.98
N SER D 202 -1.29 -1.04 6.87
CA SER D 202 -0.94 -0.53 5.55
C SER D 202 -1.73 0.69 5.13
N GLY D 203 -2.66 1.16 5.96
CA GLY D 203 -3.47 2.30 5.60
C GLY D 203 -3.30 3.52 6.51
N ASN D 204 -2.36 3.47 7.45
CA ASN D 204 -2.27 4.50 8.47
C ASN D 204 -0.83 4.92 8.76
N ILE D 205 -0.69 6.20 9.09
CA ILE D 205 0.43 6.67 9.89
C ILE D 205 0.06 6.44 11.35
N ILE D 206 0.93 5.74 12.09
CA ILE D 206 0.57 5.30 13.43
C ILE D 206 1.61 5.72 14.46
N PRO D 207 1.32 6.69 15.31
CA PRO D 207 2.28 7.08 16.35
C PRO D 207 2.51 5.92 17.32
N SER D 208 3.71 5.87 17.86
CA SER D 208 4.11 4.79 18.75
C SER D 208 5.15 5.33 19.72
N SER D 209 5.15 4.80 20.93
CA SER D 209 6.23 5.09 21.88
C SER D 209 7.45 4.27 21.52
N THR D 210 8.61 4.77 21.94
CA THR D 210 9.83 3.97 21.84
C THR D 210 10.85 4.49 22.84
N GLY D 211 11.53 3.57 23.50
CA GLY D 211 12.63 3.98 24.36
C GLY D 211 13.94 4.12 23.63
N ALA D 212 13.93 4.06 22.29
CA ALA D 212 15.17 3.90 21.55
C ALA D 212 16.12 5.07 21.75
N ALA D 213 15.60 6.29 21.80
CA ALA D 213 16.49 7.44 21.93
C ALA D 213 17.06 7.54 23.34
N LYS D 214 16.20 7.39 24.35
CA LYS D 214 16.65 7.37 25.74
C LYS D 214 17.65 6.25 25.97
N ALA D 215 17.54 5.14 25.23
CA ALA D 215 18.46 4.01 25.36
C ALA D 215 19.86 4.33 24.85
N VAL D 216 20.00 5.30 23.96
CA VAL D 216 21.34 5.76 23.56
C VAL D 216 22.12 6.19 24.79
N GLY D 217 21.45 6.77 25.78
CA GLY D 217 22.10 7.17 27.01
C GLY D 217 22.61 6.02 27.85
N LYS D 218 22.22 4.79 27.54
CA LYS D 218 22.78 3.63 28.23
C LYS D 218 24.04 3.11 27.54
N VAL D 219 24.13 3.22 26.22
CA VAL D 219 25.34 2.79 25.52
C VAL D 219 26.35 3.92 25.33
N ILE D 220 25.92 5.17 25.48
CA ILE D 220 26.81 6.33 25.51
C ILE D 220 26.48 7.07 26.80
N PRO D 221 27.04 6.67 27.94
CA PRO D 221 26.58 7.23 29.22
C PRO D 221 26.66 8.74 29.29
N GLU D 222 27.61 9.36 28.59
CA GLU D 222 27.69 10.82 28.56
C GLU D 222 26.44 11.46 27.97
N LEU D 223 25.61 10.68 27.26
CA LEU D 223 24.38 11.22 26.69
C LEU D 223 23.15 10.85 27.52
N ASN D 224 23.34 10.26 28.70
CA ASN D 224 22.20 9.91 29.55
C ASN D 224 21.35 11.15 29.83
N GLY D 225 20.05 11.00 29.61
CA GLY D 225 19.07 12.07 29.80
C GLY D 225 19.08 13.17 28.75
N LYS D 226 19.89 13.05 27.69
CA LYS D 226 20.02 14.11 26.70
C LYS D 226 19.27 13.85 25.39
N LEU D 227 18.67 12.67 25.23
CA LEU D 227 17.93 12.33 24.01
C LEU D 227 16.64 11.63 24.40
N THR D 228 15.56 11.95 23.69
CA THR D 228 14.35 11.14 23.77
C THR D 228 13.61 11.31 22.44
N GLY D 229 12.49 10.60 22.29
CA GLY D 229 11.81 10.65 21.01
C GLY D 229 10.60 9.74 20.95
N MET D 230 10.09 9.59 19.74
CA MET D 230 8.88 8.81 19.49
C MET D 230 8.94 8.28 18.06
N SER D 231 7.92 7.52 17.67
CA SER D 231 7.91 6.80 16.41
C SER D 231 6.62 7.07 15.66
N LEU D 232 6.72 7.04 14.34
CA LEU D 232 5.56 7.06 13.45
C LEU D 232 5.68 5.87 12.49
N ARG D 233 4.84 4.87 12.70
CA ARG D 233 4.82 3.70 11.83
C ARG D 233 4.07 4.04 10.54
N VAL D 234 4.66 3.72 9.40
CA VAL D 234 4.08 4.10 8.10
C VAL D 234 4.07 2.88 7.19
N PRO D 235 3.24 2.91 6.11
CA PRO D 235 3.00 1.67 5.34
C PRO D 235 4.11 1.21 4.43
N THR D 236 5.37 1.25 4.85
CA THR D 236 6.41 0.51 4.15
C THR D 236 6.70 -0.77 4.92
N THR D 237 7.13 -1.81 4.21
CA THR D 237 7.33 -3.12 4.80
C THR D 237 8.71 -3.32 5.42
N ASP D 238 9.69 -2.48 5.08
CA ASP D 238 11.03 -2.56 5.65
C ASP D 238 11.78 -1.27 5.29
N VAL D 239 12.76 -0.94 6.13
CA VAL D 239 13.61 0.27 6.08
C VAL D 239 12.91 1.41 6.81
N SER D 240 13.66 2.10 7.67
CA SER D 240 13.15 3.13 8.55
C SER D 240 14.16 4.28 8.54
N VAL D 241 13.78 5.40 9.14
CA VAL D 241 14.67 6.56 9.08
C VAL D 241 14.58 7.35 10.38
N VAL D 242 15.74 7.70 10.91
CA VAL D 242 15.83 8.52 12.12
C VAL D 242 15.89 9.97 11.69
N ASP D 243 15.04 10.79 12.33
CA ASP D 243 14.95 12.23 12.14
C ASP D 243 15.35 12.84 13.49
N LEU D 244 16.61 13.31 13.59
CA LEU D 244 17.19 13.77 14.85
C LEU D 244 17.31 15.30 14.84
N THR D 245 16.59 15.95 15.75
CA THR D 245 16.66 17.40 15.93
C THR D 245 17.50 17.66 17.17
N VAL D 246 18.70 18.23 16.99
CA VAL D 246 19.69 18.24 18.06
C VAL D 246 20.26 19.64 18.22
N ARG D 247 20.50 20.01 19.47
CA ARG D 247 21.21 21.24 19.82
C ARG D 247 22.67 20.90 20.10
N LEU D 248 23.57 21.64 19.48
CA LEU D 248 24.99 21.39 19.61
C LEU D 248 25.60 22.27 20.71
N LYS D 249 26.66 21.77 21.32
CA LYS D 249 27.39 22.59 22.29
C LYS D 249 28.31 23.58 21.58
N LYS D 250 28.90 23.15 20.48
CA LYS D 250 29.88 23.91 19.73
C LYS D 250 29.28 24.27 18.37
N ALA D 251 29.42 25.54 17.98
CA ALA D 251 28.88 26.01 16.70
C ALA D 251 29.51 25.25 15.54
N ALA D 252 28.68 24.95 14.53
CA ALA D 252 29.11 24.19 13.38
C ALA D 252 28.42 24.71 12.12
N SER D 253 29.06 24.49 10.99
CA SER D 253 28.36 24.53 9.72
C SER D 253 27.83 23.13 9.43
N TYR D 254 26.81 23.05 8.57
CA TYR D 254 26.33 21.73 8.17
C TYR D 254 27.44 20.94 7.49
N GLU D 255 28.28 21.64 6.72
CA GLU D 255 29.38 20.98 6.02
C GLU D 255 30.35 20.32 7.00
N GLU D 256 30.68 20.99 8.12
CA GLU D 256 31.56 20.38 9.11
C GLU D 256 30.91 19.15 9.73
N ILE D 257 29.59 19.19 9.94
CA ILE D 257 28.88 18.02 10.46
C ILE D 257 28.96 16.88 9.46
N ALA D 258 28.63 17.16 8.21
CA ALA D 258 28.69 16.12 7.18
C ALA D 258 30.10 15.55 7.06
N GLN D 259 31.12 16.41 7.15
CA GLN D 259 32.49 15.95 7.00
C GLN D 259 32.92 15.06 8.15
N ALA D 260 32.51 15.40 9.37
CA ALA D 260 32.85 14.58 10.52
C ALA D 260 32.22 13.19 10.40
N ILE D 261 30.99 13.13 9.90
CA ILE D 261 30.32 11.84 9.74
C ILE D 261 30.95 11.04 8.61
N LYS D 262 31.26 11.71 7.49
CA LYS D 262 31.93 11.01 6.40
C LYS D 262 33.26 10.43 6.85
N LYS D 263 34.03 11.18 7.67
CA LYS D 263 35.31 10.68 8.16
C LYS D 263 35.13 9.45 9.05
N ALA D 264 34.15 9.50 9.96
CA ALA D 264 33.91 8.36 10.83
C ALA D 264 33.47 7.14 10.03
N SER D 265 32.65 7.36 9.00
CA SER D 265 32.18 6.27 8.15
C SER D 265 33.34 5.64 7.38
N GLU D 266 34.41 6.39 7.16
CA GLU D 266 35.58 5.87 6.44
C GLU D 266 36.61 5.26 7.37
N GLY D 267 36.48 5.43 8.68
CA GLY D 267 37.47 4.93 9.60
C GLY D 267 36.90 4.11 10.74
N PRO D 268 36.79 4.71 11.92
CA PRO D 268 36.44 3.93 13.11
C PRO D 268 35.04 3.34 13.10
N LEU D 269 34.13 3.86 12.27
CA LEU D 269 32.78 3.33 12.19
C LEU D 269 32.48 2.72 10.82
N LYS D 270 33.51 2.34 10.06
CA LYS D 270 33.32 1.77 8.74
C LYS D 270 32.51 0.47 8.83
N GLY D 271 31.54 0.33 7.92
CA GLY D 271 30.63 -0.80 7.93
C GLY D 271 29.47 -0.67 8.90
N VAL D 272 29.54 0.25 9.86
CA VAL D 272 28.46 0.50 10.80
C VAL D 272 27.70 1.77 10.44
N LEU D 273 28.41 2.88 10.30
CA LEU D 273 27.82 4.14 9.90
C LEU D 273 28.18 4.38 8.44
N GLY D 274 27.17 4.45 7.57
CA GLY D 274 27.36 4.76 6.17
C GLY D 274 27.13 6.23 5.87
N TYR D 275 27.44 6.62 4.64
CA TYR D 275 27.38 8.01 4.26
C TYR D 275 26.97 8.13 2.80
N THR D 276 26.02 9.01 2.51
CA THR D 276 25.62 9.22 1.13
C THR D 276 25.27 10.69 0.91
N GLU D 277 25.51 11.14 -0.33
CA GLU D 277 25.02 12.43 -0.80
C GLU D 277 24.04 12.28 -1.97
N ASP D 278 23.58 11.05 -2.24
CA ASP D 278 22.69 10.79 -3.36
C ASP D 278 21.23 11.01 -2.99
N ALA D 279 20.37 11.07 -4.00
CA ALA D 279 18.94 11.36 -3.81
C ALA D 279 18.19 10.06 -3.46
N VAL D 280 18.49 9.55 -2.27
CA VAL D 280 18.06 8.21 -1.89
C VAL D 280 16.66 8.25 -1.29
N VAL D 281 15.98 7.10 -1.38
CA VAL D 281 14.69 6.86 -0.75
C VAL D 281 14.79 5.50 -0.04
N SER D 282 13.76 5.15 0.74
CA SER D 282 13.89 4.00 1.65
C SER D 282 14.25 2.70 0.93
N THR D 283 13.67 2.43 -0.25
CA THR D 283 13.98 1.15 -0.89
C THR D 283 15.46 1.03 -1.27
N ASP D 284 16.17 2.16 -1.38
CA ASP D 284 17.60 2.10 -1.70
C ASP D 284 18.43 1.47 -0.60
N PHE D 285 17.86 1.23 0.58
CA PHE D 285 18.58 0.59 1.68
C PHE D 285 18.07 -0.81 2.00
N LEU D 286 17.20 -1.38 1.17
CA LEU D 286 16.82 -2.78 1.32
C LEU D 286 18.04 -3.66 1.19
N GLY D 287 18.32 -4.44 2.24
CA GLY D 287 19.49 -5.31 2.24
C GLY D 287 20.80 -4.63 2.59
N SER D 288 20.76 -3.38 3.05
CA SER D 288 21.99 -2.72 3.48
C SER D 288 22.45 -3.26 4.82
N SER D 289 23.75 -3.48 4.93
CA SER D 289 24.32 -4.01 6.17
C SER D 289 24.69 -2.94 7.18
N TYR D 290 24.51 -1.66 6.85
CA TYR D 290 24.83 -0.59 7.78
C TYR D 290 23.83 -0.51 8.93
N SER D 291 24.31 -0.07 10.10
CA SER D 291 23.41 0.28 11.18
C SER D 291 22.71 1.61 10.94
N SER D 292 23.33 2.47 10.14
CA SER D 292 22.95 3.88 10.11
C SER D 292 23.58 4.48 8.86
N ILE D 293 22.77 5.04 7.97
CA ILE D 293 23.27 5.69 6.76
C ILE D 293 22.84 7.14 6.80
N PHE D 294 23.81 8.02 7.09
CA PHE D 294 23.58 9.47 7.09
C PHE D 294 23.22 9.96 5.69
N ASP D 295 22.11 10.67 5.59
CA ASP D 295 21.59 11.25 4.35
C ASP D 295 22.01 12.72 4.33
N GLU D 296 23.15 13.00 3.70
CA GLU D 296 23.72 14.34 3.75
C GLU D 296 22.80 15.38 3.13
N LYS D 297 22.15 15.04 2.01
CA LYS D 297 21.32 16.02 1.32
C LYS D 297 19.98 16.28 2.01
N ALA D 298 19.52 15.38 2.88
CA ALA D 298 18.18 15.51 3.46
C ALA D 298 18.14 16.41 4.68
N GLY D 299 19.23 16.53 5.44
CA GLY D 299 19.19 17.29 6.68
C GLY D 299 19.18 18.80 6.44
N ILE D 300 18.88 19.54 7.51
CA ILE D 300 18.72 21.00 7.42
C ILE D 300 19.23 21.65 8.71
N LEU D 301 19.85 22.81 8.56
CA LEU D 301 20.41 23.56 9.67
C LEU D 301 19.60 24.83 9.89
N LEU D 302 19.15 25.06 11.13
CA LEU D 302 18.50 26.33 11.44
C LEU D 302 19.51 27.36 11.95
N SER D 303 20.36 26.94 12.87
CA SER D 303 21.38 27.81 13.45
C SER D 303 22.67 26.99 13.57
N PRO D 304 23.83 27.62 13.81
CA PRO D 304 25.07 26.84 13.96
C PRO D 304 25.03 25.84 15.10
N THR D 305 24.06 25.92 16.02
CA THR D 305 23.96 24.95 17.09
C THR D 305 22.60 24.23 17.11
N PHE D 306 21.82 24.30 16.04
CA PHE D 306 20.47 23.71 16.03
C PHE D 306 20.22 23.15 14.65
N VAL D 307 20.10 21.83 14.53
CA VAL D 307 20.17 21.18 13.22
C VAL D 307 19.34 19.91 13.24
N LYS D 308 18.85 19.50 12.07
CA LYS D 308 18.10 18.27 11.92
C LYS D 308 18.90 17.31 11.03
N LEU D 309 19.14 16.10 11.54
CA LEU D 309 19.96 15.12 10.83
C LEU D 309 19.13 13.89 10.51
N ILE D 310 19.36 13.34 9.32
CA ILE D 310 18.55 12.25 8.76
C ILE D 310 19.45 11.04 8.55
N SER D 311 19.03 9.88 9.07
CA SER D 311 19.82 8.67 8.87
C SER D 311 18.94 7.43 8.65
N TRP D 312 19.24 6.68 7.61
CA TRP D 312 18.46 5.51 7.19
C TRP D 312 18.96 4.23 7.86
N TYR D 313 18.10 3.21 7.85
CA TYR D 313 18.50 1.87 8.29
C TYR D 313 17.49 0.84 7.83
N ASP D 314 18.00 -0.27 7.29
CA ASP D 314 17.17 -1.46 7.08
C ASP D 314 16.98 -2.09 8.45
N ASN D 315 15.81 -1.85 9.06
CA ASN D 315 15.60 -2.27 10.44
C ASN D 315 15.67 -3.79 10.58
N GLU D 316 15.34 -4.54 9.52
CA GLU D 316 15.48 -5.99 9.60
C GLU D 316 16.93 -6.42 9.37
N TYR D 317 17.54 -5.98 8.27
CA TYR D 317 18.77 -6.61 7.79
C TYR D 317 20.03 -5.99 8.39
N GLY D 318 20.05 -4.66 8.55
CA GLY D 318 21.17 -4.04 9.25
C GLY D 318 21.29 -4.54 10.66
N TYR D 319 20.16 -4.59 11.38
CA TYR D 319 20.16 -5.07 12.76
C TYR D 319 20.52 -6.54 12.86
N SER D 320 19.97 -7.38 11.96
CA SER D 320 20.36 -8.78 11.95
C SER D 320 21.86 -8.95 11.73
N THR D 321 22.44 -8.15 10.84
CA THR D 321 23.89 -8.24 10.65
C THR D 321 24.61 -7.85 11.94
N ARG D 322 24.12 -6.84 12.64
CA ARG D 322 24.77 -6.43 13.90
C ARG D 322 24.66 -7.52 14.96
N VAL D 323 23.54 -8.25 14.98
CA VAL D 323 23.40 -9.36 15.93
C VAL D 323 24.52 -10.38 15.73
N VAL D 324 24.82 -10.71 14.48
CA VAL D 324 25.90 -11.65 14.18
C VAL D 324 27.27 -11.04 14.51
N ASP D 325 27.43 -9.74 14.25
CA ASP D 325 28.69 -9.06 14.59
C ASP D 325 28.91 -9.10 16.10
N LEU D 326 27.88 -8.78 16.88
CA LEU D 326 28.01 -8.87 18.34
C LEU D 326 28.33 -10.29 18.77
N LEU D 327 27.65 -11.28 18.18
CA LEU D 327 27.91 -12.68 18.50
C LEU D 327 29.38 -13.03 18.33
N GLU D 328 29.96 -12.63 17.19
CA GLU D 328 31.35 -12.97 16.92
C GLU D 328 32.28 -12.25 17.89
N HIS D 329 31.94 -11.02 18.26
CA HIS D 329 32.75 -10.31 19.25
C HIS D 329 32.69 -11.01 20.59
N VAL D 330 31.49 -11.45 21.01
CA VAL D 330 31.33 -12.11 22.29
C VAL D 330 32.08 -13.44 22.30
N ALA D 331 31.93 -14.22 21.21
CA ALA D 331 32.60 -15.52 21.13
C ALA D 331 34.11 -15.36 21.16
N LYS D 332 34.63 -14.30 20.53
CA LYS D 332 36.06 -14.05 20.57
C LYS D 332 36.54 -13.80 21.99
N ALA D 333 35.66 -13.21 22.81
CA ALA D 333 36.03 -12.85 24.18
C ALA D 333 35.73 -13.98 25.11
N SER D 334 35.14 -15.04 24.60
CA SER D 334 34.71 -16.15 25.41
C SER D 334 35.50 -17.36 25.00
N ALA D 335 35.48 -18.38 25.82
CA ALA D 335 36.16 -19.63 25.45
C ALA D 335 37.67 -19.60 25.14
PA NAD E . -4.32 18.16 -9.07
O1A NAD E . -5.22 17.15 -8.45
O2A NAD E . -3.27 17.77 -10.03
O5B NAD E . -5.27 19.19 -9.82
C5B NAD E . -4.79 20.18 -10.69
C4B NAD E . -5.85 20.38 -11.74
O4B NAD E . -5.44 21.48 -12.54
C3B NAD E . -6.01 19.17 -12.66
O3B NAD E . -7.38 18.77 -12.72
C2B NAD E . -5.54 19.70 -14.01
O2B NAD E . -6.23 19.14 -15.11
C1B NAD E . -5.86 21.18 -13.86
N9A NAD E . -5.13 22.03 -14.78
C8A NAD E . -3.88 21.81 -15.23
N7A NAD E . -3.53 22.82 -16.07
C5A NAD E . -4.56 23.67 -16.13
C6A NAD E . -4.81 24.93 -16.83
N6A NAD E . -3.85 25.44 -17.63
N1A NAD E . -5.99 25.52 -16.63
C2A NAD E . -6.93 25.00 -15.83
N3A NAD E . -6.77 23.84 -15.17
C4A NAD E . -5.61 23.16 -15.27
O3 NAD E . -3.58 18.93 -7.88
PN NAD E . -4.13 19.30 -6.43
O1N NAD E . -3.55 18.40 -5.36
O2N NAD E . -5.58 19.57 -6.52
O5D NAD E . -3.43 20.68 -6.14
C5D NAD E . -3.78 21.89 -6.80
C4D NAD E . -3.04 23.06 -6.14
O4D NAD E . -3.40 23.05 -4.77
C3D NAD E . -1.53 22.94 -6.16
O3D NAD E . -1.01 24.26 -6.11
C2D NAD E . -1.17 22.28 -4.86
O2D NAD E . 0.11 22.62 -4.37
C1D NAD E . -2.26 22.84 -3.97
N1N NAD E . -2.61 22.06 -2.79
C2N NAD E . -2.73 20.72 -2.83
C3N NAD E . -3.08 20.04 -1.66
C7N NAD E . -3.24 18.56 -1.58
O7N NAD E . -3.11 18.03 -0.50
N7N NAD E . -3.52 17.84 -2.65
C4N NAD E . -3.27 20.76 -0.49
C5N NAD E . -3.12 22.12 -0.48
C6N NAD E . -2.79 22.75 -1.67
C1 EDO F . 1.75 38.04 3.17
O1 EDO F . 2.70 37.00 2.93
C2 EDO F . 1.20 38.11 4.59
O2 EDO F . 0.11 39.04 4.59
C1 EDO G . -13.22 28.97 10.52
O1 EDO G . -13.87 30.18 10.97
C2 EDO G . -13.53 27.83 11.47
O2 EDO G . -14.89 27.43 11.32
C1 EDO H . -24.95 1.55 -6.89
O1 EDO H . -25.40 1.49 -8.25
C2 EDO H . -23.56 0.94 -6.91
O2 EDO H . -22.93 1.47 -8.08
PA NAD I . -11.97 -10.28 13.39
O1A NAD I . -10.70 -10.94 13.75
O2A NAD I . -11.99 -8.84 13.02
O5B NAD I . -13.02 -10.46 14.56
C5B NAD I . -13.16 -11.64 15.33
C4B NAD I . -13.41 -11.16 16.76
O4B NAD I . -13.66 -12.32 17.57
C3B NAD I . -12.20 -10.47 17.39
O3B NAD I . -12.57 -9.19 17.89
C2B NAD I . -11.77 -11.41 18.52
O2B NAD I . -11.24 -10.79 19.69
C1B NAD I . -13.08 -12.08 18.83
N9A NAD I . -12.92 -13.36 19.52
C8A NAD I . -11.90 -14.21 19.42
N7A NAD I . -12.12 -15.28 20.20
C5A NAD I . -13.30 -15.09 20.83
C6A NAD I . -14.12 -15.81 21.79
N6A NAD I . -13.69 -16.99 22.26
N1A NAD I . -15.27 -15.25 22.15
C2A NAD I . -15.70 -14.08 21.71
N3A NAD I . -15.00 -13.37 20.84
C4A NAD I . -13.82 -13.82 20.37
O3 NAD I . -12.62 -11.10 12.18
PN NAD I . -13.77 -10.67 11.17
O1N NAD I . -13.20 -10.29 9.85
O2N NAD I . -14.77 -9.82 11.84
O5D NAD I . -14.49 -12.05 10.89
C5D NAD I . -15.25 -12.76 11.87
C4D NAD I . -16.07 -13.87 11.19
O4D NAD I . -16.81 -13.34 10.10
C3D NAD I . -15.16 -14.93 10.58
O3D NAD I . -15.90 -16.16 10.63
C2D NAD I . -14.98 -14.48 9.14
O2D NAD I . -14.66 -15.53 8.23
C1D NAD I . -16.37 -13.91 8.88
N1N NAD I . -16.50 -12.93 7.81
C2N NAD I . -15.61 -11.96 7.62
C3N NAD I . -15.79 -11.07 6.58
C7N NAD I . -14.83 -9.96 6.30
O7N NAD I . -14.88 -9.42 5.22
N7N NAD I . -13.93 -9.57 7.21
C4N NAD I . -16.89 -11.18 5.75
C5N NAD I . -17.81 -12.20 5.96
C6N NAD I . -17.57 -13.06 7.01
C1 EDO J . -32.54 -5.71 0.91
O1 EDO J . -33.26 -4.58 1.42
C2 EDO J . -32.85 -6.90 1.82
O2 EDO J . -34.21 -7.30 1.62
C1 EDO K . -16.67 -24.88 16.39
O1 EDO K . -18.06 -24.75 16.71
C2 EDO K . -16.47 -24.65 14.90
O2 EDO K . -15.32 -23.83 14.69
PA NAD L . 7.82 4.42 -18.56
O1A NAD L . 8.47 3.88 -17.33
O2A NAD L . 6.92 5.60 -18.50
O5B NAD L . 8.97 4.69 -19.62
C5B NAD L . 8.70 5.49 -20.76
C4B NAD L . 9.91 6.37 -21.01
O4B NAD L . 9.76 6.97 -22.28
C3B NAD L . 10.03 7.51 -20.00
O3B NAD L . 11.34 7.50 -19.44
C2B NAD L . 9.79 8.76 -20.82
O2B NAD L . 10.52 9.89 -20.38
C1B NAD L . 10.26 8.29 -22.18
N9A NAD L . 9.76 9.12 -23.28
C8A NAD L . 8.58 9.76 -23.32
N7A NAD L . 8.45 10.41 -24.49
C5A NAD L . 9.55 10.19 -25.19
C6A NAD L . 10.05 10.60 -26.51
N6A NAD L . 9.28 11.40 -27.27
N1A NAD L . 11.26 10.16 -26.90
C2A NAD L . 12.00 9.36 -26.12
N3A NAD L . 11.62 8.96 -24.90
C4A NAD L . 10.42 9.33 -24.40
O3 NAD L . 7.00 3.26 -19.30
PN NAD L . 7.34 1.70 -19.33
O1N NAD L . 6.51 1.00 -18.33
O2N NAD L . 8.81 1.46 -19.37
O5D NAD L . 6.74 1.25 -20.73
C5D NAD L . 7.35 1.52 -21.99
C4D NAD L . 6.66 0.66 -23.06
O4D NAD L . 6.82 -0.71 -22.76
C3D NAD L . 5.17 0.89 -23.12
O3D NAD L . 4.79 0.72 -24.48
C2D NAD L . 4.57 -0.21 -22.29
O2D NAD L . 3.24 -0.56 -22.65
C1D NAD L . 5.54 -1.32 -22.58
N1N NAD L . 5.62 -2.36 -21.57
C2N NAD L . 5.61 -2.08 -20.26
C3N NAD L . 5.69 -3.11 -19.35
C7N NAD L . 5.68 -2.90 -17.87
O7N NAD L . 5.89 -1.78 -17.45
N7N NAD L . 5.43 -3.91 -17.07
C4N NAD L . 5.76 -4.43 -19.79
C5N NAD L . 5.77 -4.69 -21.15
C6N NAD L . 5.69 -3.62 -22.02
C1 EDO M . 14.86 16.41 2.12
O1 EDO M . 15.32 17.65 2.66
C2 EDO M . 15.10 16.33 0.61
O2 EDO M . 16.46 16.64 0.28
PA NAD N . 8.49 -12.19 14.33
O1A NAD N . 8.77 -12.08 12.88
O2A NAD N . 7.12 -12.21 14.89
O5B NAD N . 9.23 -13.47 14.87
C5B NAD N . 9.03 -13.96 16.17
C4B NAD N . 9.13 -15.46 16.07
O4B NAD N . 9.10 -15.98 17.38
C3B NAD N . 7.95 -16.07 15.30
O3B NAD N . 8.41 -16.90 14.24
C2B NAD N . 7.22 -16.88 16.36
O2B NAD N . 6.66 -18.07 15.84
C1B NAD N . 8.34 -17.17 17.35
N9A NAD N . 7.92 -17.49 18.70
C8A NAD N . 6.86 -17.00 19.37
N7A NAD N . 6.81 -17.54 20.61
C5A NAD N . 7.83 -18.39 20.72
C6A NAD N . 8.36 -19.29 21.75
N6A NAD N . 7.73 -19.37 22.94
N1A NAD N . 9.48 -19.98 21.46
C2A NAD N . 10.11 -19.90 20.29
N3A NAD N . 9.67 -19.12 19.29
C4A NAD N . 8.58 -18.34 19.46
O3 NAD N . 9.20 -10.94 15.06
PN NAD N . 10.54 -10.20 14.61
O1N NAD N . 10.21 -8.96 13.87
O2N NAD N . 11.50 -11.17 14.05
O5D NAD N . 11.07 -9.70 16.01
C5D NAD N . 11.58 -10.56 17.01
C4D NAD N . 12.32 -9.72 18.06
O4D NAD N . 13.31 -8.92 17.44
C3D NAD N . 11.42 -8.74 18.79
O3D NAD N . 11.96 -8.62 20.10
C2D NAD N . 11.62 -7.43 18.06
O2D NAD N . 11.31 -6.24 18.77
C1D NAD N . 13.08 -7.54 17.69
N1N NAD N . 13.51 -6.76 16.54
C2N NAD N . 12.76 -6.69 15.44
C3N NAD N . 13.20 -5.92 14.37
C7N NAD N . 12.45 -5.79 13.09
O7N NAD N . 11.61 -6.64 12.76
N7N NAD N . 12.67 -4.73 12.35
C4N NAD N . 14.40 -5.25 14.47
C5N NAD N . 15.15 -5.33 15.62
C6N NAD N . 14.66 -6.10 16.64
C1 EDO O . 25.06 -0.69 29.10
O1 EDO O . 25.77 -1.89 28.77
C2 EDO O . 23.56 -0.85 28.85
O2 EDO O . 22.95 -1.56 29.93
C1 EDO P . 30.42 18.16 2.90
O1 EDO P . 31.24 16.98 2.85
C2 EDO P . 30.20 18.73 1.50
O2 EDO P . 29.56 17.78 0.64
C1 EDO Q . 1.98 1.59 16.89
O1 EDO Q . 1.89 2.14 18.22
C2 EDO Q . 3.20 0.70 16.68
O2 EDO Q . 2.97 -0.61 17.20
#